data_6SHI
#
_entry.id   6SHI
#
_cell.length_a   60.640
_cell.length_b   116.964
_cell.length_c   291.268
_cell.angle_alpha   90.000
_cell.angle_beta   90.000
_cell.angle_gamma   90.000
#
_symmetry.space_group_name_H-M   'P 21 21 21'
#
loop_
_entity.id
_entity.type
_entity.pdbx_description
1 polymer Kallikrein-7
2 non-polymer 'TRIETHYLENE GLYCOL'
3 non-polymer '6-methyl-2-oxidanylidene-chromene-3-carboxylic acid'
4 non-polymer 'SULFATE ION'
5 non-polymer '4-(2-HYDROXYETHYL)-1-PIPERAZINE ETHANESULFONIC ACID'
6 water water
#
_entity_poly.entity_id   1
_entity_poly.type   'polypeptide(L)'
_entity_poly.pdbx_seq_one_letter_code
;IIDGAPCARGSHPWQVALLSGNQLHCGGVLVNERWVLTAAHCKMNEYTVHLGSDTLGDRRAQRIKASKSFRHPGYSTQTH
VNDLMLVKLNSQARLSSMVKKVRLPSRCEPPGTTCTVSGWGTTTSPDVTFPSDLMCVDVKLISPQDCTKVYKDLLENSML
CAGIPDSKKNACNGDSGGPLVCRGTLQGLVSWGTFPCGQPNDPGVYTQVCKFTKWINDTMKKHR
;
_entity_poly.pdbx_strand_id   A,B,C,D,E,F,G,H
#
# COMPACT_ATOMS: atom_id res chain seq x y z
N ILE A 1 17.07 -11.47 -5.04
CA ILE A 1 18.49 -11.49 -4.64
C ILE A 1 19.34 -11.51 -5.90
N ILE A 2 20.30 -10.60 -5.98
CA ILE A 2 21.23 -10.48 -7.12
C ILE A 2 22.55 -11.18 -6.82
N ASP A 3 23.02 -11.99 -7.78
CA ASP A 3 24.33 -12.69 -7.73
C ASP A 3 24.49 -13.61 -6.48
N GLY A 4 23.40 -14.23 -6.09
CA GLY A 4 23.39 -15.16 -4.99
C GLY A 4 23.24 -16.58 -5.52
N ALA A 5 22.79 -17.45 -4.64
CA ALA A 5 22.61 -18.86 -5.01
C ALA A 5 21.50 -19.39 -4.13
N PRO A 6 20.88 -20.55 -4.49
CA PRO A 6 19.82 -21.10 -3.62
C PRO A 6 20.30 -21.36 -2.21
N CYS A 7 19.48 -20.93 -1.23
CA CYS A 7 19.78 -21.22 0.18
C CYS A 7 19.85 -22.73 0.43
N ALA A 8 20.70 -23.16 1.38
CA ALA A 8 20.72 -24.59 1.76
C ALA A 8 19.34 -24.91 2.33
N ARG A 9 18.73 -26.00 1.86
CA ARG A 9 17.38 -26.40 2.25
C ARG A 9 17.25 -26.55 3.76
N GLY A 10 16.21 -25.96 4.33
CA GLY A 10 15.94 -26.04 5.77
C GLY A 10 16.72 -25.10 6.63
N SER A 11 17.63 -24.27 6.04
CA SER A 11 18.45 -23.33 6.83
C SER A 11 17.76 -21.97 7.12
N HIS A 12 16.55 -21.69 6.56
CA HIS A 12 15.82 -20.42 6.82
C HIS A 12 14.37 -20.65 7.30
N PRO A 13 14.16 -21.39 8.42
CA PRO A 13 12.78 -21.68 8.87
C PRO A 13 12.01 -20.47 9.35
N TRP A 14 12.71 -19.39 9.61
CA TRP A 14 12.12 -18.13 10.07
C TRP A 14 11.75 -17.23 8.91
N GLN A 15 12.18 -17.59 7.68
CA GLN A 15 11.81 -16.80 6.49
C GLN A 15 10.34 -17.05 6.08
N VAL A 16 9.62 -15.97 5.80
CA VAL A 16 8.24 -16.04 5.27
C VAL A 16 8.15 -15.21 4.00
N ALA A 17 7.06 -15.37 3.26
CA ALA A 17 6.77 -14.51 2.13
C ALA A 17 5.36 -13.98 2.33
N LEU A 18 5.12 -12.74 1.93
CA LEU A 18 3.80 -12.12 1.94
C LEU A 18 3.35 -12.15 0.48
N LEU A 19 2.18 -12.73 0.24
CA LEU A 19 1.62 -12.90 -1.09
C LEU A 19 0.38 -12.05 -1.26
N SER A 20 0.14 -11.64 -2.50
CA SER A 20 -1.05 -10.93 -2.89
C SER A 20 -1.48 -11.51 -4.25
N GLY A 21 -2.67 -12.06 -4.33
CA GLY A 21 -3.16 -12.68 -5.56
C GLY A 21 -2.28 -13.81 -6.07
N ASN A 22 -1.67 -14.56 -5.11
CA ASN A 22 -0.75 -15.69 -5.35
C ASN A 22 0.54 -15.27 -6.05
N GLN A 23 0.91 -14.01 -5.88
CA GLN A 23 2.15 -13.46 -6.40
C GLN A 23 2.92 -12.97 -5.19
N LEU A 24 4.24 -12.97 -5.30
CA LEU A 24 5.10 -12.50 -4.23
C LEU A 24 4.95 -10.97 -4.13
N HIS A 25 4.79 -10.50 -2.91
CA HIS A 25 4.67 -9.07 -2.60
C HIS A 25 5.92 -8.64 -1.83
N CYS A 26 6.25 -9.36 -0.76
CA CYS A 26 7.40 -8.98 0.09
C CYS A 26 7.91 -10.22 0.79
N GLY A 27 9.08 -10.09 1.39
CA GLY A 27 9.64 -11.08 2.31
C GLY A 27 9.22 -10.67 3.71
N GLY A 28 9.61 -11.46 4.69
CA GLY A 28 9.33 -11.17 6.09
C GLY A 28 10.00 -12.21 6.96
N VAL A 29 9.85 -12.05 8.29
CA VAL A 29 10.43 -12.95 9.30
CA VAL A 29 10.44 -12.97 9.28
C VAL A 29 9.43 -13.33 10.38
N LEU A 30 9.45 -14.58 10.79
CA LEU A 30 8.58 -15.04 11.86
C LEU A 30 9.23 -14.66 13.19
N VAL A 31 8.53 -13.85 13.98
CA VAL A 31 8.98 -13.40 15.30
C VAL A 31 8.51 -14.42 16.36
N ASN A 32 7.24 -14.79 16.30
CA ASN A 32 6.62 -15.81 17.15
C ASN A 32 5.42 -16.38 16.41
N GLU A 33 4.68 -17.29 17.05
CA GLU A 33 3.53 -17.97 16.45
C GLU A 33 2.46 -17.05 15.88
N ARG A 34 2.34 -15.84 16.43
CA ARG A 34 1.29 -14.91 16.01
C ARG A 34 1.77 -13.76 15.15
N TRP A 35 3.09 -13.52 15.07
CA TRP A 35 3.61 -12.30 14.46
C TRP A 35 4.68 -12.46 13.41
N VAL A 36 4.55 -11.66 12.36
CA VAL A 36 5.52 -11.55 11.29
C VAL A 36 6.06 -10.12 11.26
N LEU A 37 7.37 -9.97 11.14
CA LEU A 37 8.03 -8.68 11.07
C LEU A 37 8.47 -8.48 9.60
N THR A 38 8.19 -7.30 9.07
CA THR A 38 8.46 -6.97 7.69
C THR A 38 8.66 -5.45 7.56
N ALA A 39 8.76 -4.94 6.32
CA ALA A 39 8.94 -3.51 6.07
C ALA A 39 7.57 -2.87 6.08
N ALA A 40 7.51 -1.60 6.56
CA ALA A 40 6.27 -0.81 6.51
C ALA A 40 5.86 -0.55 5.03
N HIS A 41 6.85 -0.53 4.10
N HIS A 41 6.84 -0.52 4.10
CA HIS A 41 6.59 -0.34 2.67
CA HIS A 41 6.58 -0.36 2.67
C HIS A 41 5.69 -1.46 2.11
C HIS A 41 5.59 -1.43 2.18
N CYS A 42 5.65 -2.62 2.80
CA CYS A 42 4.84 -3.79 2.44
C CYS A 42 3.38 -3.76 2.91
N LYS A 43 2.93 -2.66 3.53
CA LYS A 43 1.57 -2.50 4.03
C LYS A 43 0.50 -2.92 3.00
N MET A 44 -0.49 -3.71 3.44
CA MET A 44 -1.66 -4.11 2.67
C MET A 44 -2.80 -4.25 3.67
N ASN A 45 -4.06 -4.25 3.19
CA ASN A 45 -5.20 -4.49 4.07
C ASN A 45 -5.29 -5.97 4.48
N GLU A 46 -4.86 -6.87 3.59
CA GLU A 46 -4.89 -8.33 3.84
C GLU A 46 -3.62 -8.94 3.28
N TYR A 47 -3.13 -10.00 3.95
CA TYR A 47 -1.93 -10.71 3.52
C TYR A 47 -2.22 -12.19 3.51
N THR A 48 -1.48 -12.91 2.70
CA THR A 48 -1.43 -14.35 2.69
C THR A 48 0.03 -14.58 2.98
N VAL A 49 0.30 -15.24 4.08
CA VAL A 49 1.65 -15.53 4.52
C VAL A 49 2.04 -17.00 4.20
N HIS A 50 3.15 -17.16 3.48
CA HIS A 50 3.77 -18.46 3.14
C HIS A 50 4.85 -18.72 4.18
N LEU A 51 4.79 -19.89 4.82
CA LEU A 51 5.77 -20.31 5.83
C LEU A 51 6.08 -21.79 5.60
N GLY A 52 7.28 -22.23 6.00
CA GLY A 52 7.62 -23.64 6.00
C GLY A 52 8.11 -24.32 4.75
N SER A 53 8.58 -23.54 3.77
CA SER A 53 9.18 -24.12 2.58
C SER A 53 10.07 -23.14 1.89
N ASP A 54 11.21 -23.64 1.40
CA ASP A 54 12.16 -22.85 0.61
C ASP A 54 11.61 -22.61 -0.79
N THR A 55 10.57 -23.35 -1.19
CA THR A 55 9.92 -23.23 -2.49
C THR A 55 8.57 -22.51 -2.41
N LEU A 56 8.42 -21.39 -3.13
CA LEU A 56 7.11 -20.72 -3.26
C LEU A 56 6.33 -21.61 -4.21
N GLY A 57 5.11 -21.93 -3.85
CA GLY A 57 4.30 -22.84 -4.65
C GLY A 57 4.27 -24.26 -4.12
N ASP A 58 5.05 -24.52 -3.05
CA ASP A 58 5.13 -25.83 -2.41
C ASP A 58 3.84 -26.10 -1.65
N ARG A 59 3.16 -27.24 -1.95
CA ARG A 59 1.93 -27.69 -1.26
C ARG A 59 2.22 -27.97 0.22
N ARG A 60 3.48 -28.26 0.57
CA ARG A 60 3.91 -28.53 1.95
C ARG A 60 3.91 -27.28 2.81
N ALA A 61 3.85 -26.09 2.19
CA ALA A 61 3.95 -24.86 2.98
C ALA A 61 2.66 -24.53 3.68
N GLN A 62 2.76 -23.77 4.77
CA GLN A 62 1.58 -23.21 5.45
C GLN A 62 1.23 -21.94 4.71
N ARG A 63 -0.05 -21.62 4.68
CA ARG A 63 -0.58 -20.43 4.00
C ARG A 63 -1.58 -19.84 5.00
N ILE A 64 -1.19 -18.77 5.69
CA ILE A 64 -2.01 -18.19 6.76
C ILE A 64 -2.42 -16.77 6.41
N LYS A 65 -3.71 -16.46 6.55
CA LYS A 65 -4.17 -15.09 6.28
C LYS A 65 -3.87 -14.18 7.47
N ALA A 66 -3.68 -12.90 7.19
CA ALA A 66 -3.37 -11.89 8.20
C ALA A 66 -4.18 -10.66 7.83
N SER A 67 -5.09 -10.25 8.71
CA SER A 67 -5.99 -9.11 8.48
C SER A 67 -5.60 -7.85 9.23
N LYS A 68 -4.63 -7.94 10.15
CA LYS A 68 -4.18 -6.80 10.93
C LYS A 68 -2.67 -6.60 10.79
N SER A 69 -2.24 -5.34 10.73
CA SER A 69 -0.84 -4.96 10.66
C SER A 69 -0.65 -3.55 11.20
N PHE A 70 0.55 -3.29 11.70
CA PHE A 70 0.89 -2.08 12.43
C PHE A 70 2.24 -1.59 12.01
N ARG A 71 2.25 -0.50 11.23
CA ARG A 71 3.52 0.13 10.80
C ARG A 71 4.06 0.92 11.97
N HIS A 72 5.40 1.08 12.06
CA HIS A 72 6.00 1.96 13.07
C HIS A 72 5.44 3.38 12.76
N PRO A 73 4.90 4.10 13.78
CA PRO A 73 4.32 5.46 13.52
C PRO A 73 5.28 6.50 12.92
N GLY A 74 6.58 6.29 13.06
CA GLY A 74 7.59 7.18 12.49
C GLY A 74 7.92 6.91 11.03
N TYR A 75 7.23 5.93 10.39
CA TYR A 75 7.49 5.54 8.99
C TYR A 75 7.20 6.66 8.00
N SER A 76 8.15 6.91 7.11
CA SER A 76 7.95 7.90 6.08
C SER A 76 8.09 7.25 4.72
N THR A 77 7.06 7.39 3.90
CA THR A 77 7.07 6.97 2.50
C THR A 77 8.05 7.89 1.71
N GLN A 78 8.34 9.11 2.21
CA GLN A 78 9.27 10.03 1.53
C GLN A 78 10.73 9.61 1.63
N THR A 79 11.21 9.29 2.87
CA THR A 79 12.61 8.99 3.17
C THR A 79 12.88 7.53 3.56
N HIS A 80 11.81 6.75 3.80
CA HIS A 80 11.84 5.34 4.22
C HIS A 80 12.44 5.14 5.62
N VAL A 81 12.51 6.21 6.42
CA VAL A 81 12.95 6.08 7.79
C VAL A 81 11.89 5.25 8.54
N ASN A 82 12.31 4.46 9.54
CA ASN A 82 11.44 3.61 10.39
C ASN A 82 10.63 2.62 9.55
N ASP A 83 11.30 2.03 8.57
CA ASP A 83 10.64 1.10 7.66
C ASP A 83 10.45 -0.28 8.30
N LEU A 84 9.43 -0.42 9.15
CA LEU A 84 9.13 -1.70 9.78
C LEU A 84 7.70 -1.79 10.18
N MET A 85 7.16 -3.02 10.17
CA MET A 85 5.76 -3.30 10.40
C MET A 85 5.58 -4.69 10.97
N LEU A 86 4.65 -4.82 11.91
CA LEU A 86 4.30 -6.11 12.50
C LEU A 86 2.96 -6.53 11.89
N VAL A 87 2.92 -7.77 11.41
CA VAL A 87 1.77 -8.41 10.78
C VAL A 87 1.24 -9.50 11.74
N LYS A 88 -0.02 -9.37 12.13
CA LYS A 88 -0.65 -10.33 13.05
C LYS A 88 -1.35 -11.42 12.26
N LEU A 89 -0.85 -12.66 12.39
CA LEU A 89 -1.44 -13.81 11.70
C LEU A 89 -2.84 -14.12 12.28
N ASN A 90 -3.82 -14.47 11.42
CA ASN A 90 -5.20 -14.79 11.83
C ASN A 90 -5.29 -16.03 12.72
N SER A 91 -4.38 -16.99 12.48
CA SER A 91 -4.22 -18.19 13.31
C SER A 91 -2.72 -18.39 13.56
N GLN A 92 -2.38 -19.14 14.61
CA GLN A 92 -0.97 -19.38 14.95
C GLN A 92 -0.19 -20.17 13.92
N ALA A 93 1.05 -19.77 13.66
CA ALA A 93 1.99 -20.52 12.82
C ALA A 93 2.26 -21.85 13.56
N ARG A 94 2.18 -22.97 12.86
CA ARG A 94 2.42 -24.28 13.44
C ARG A 94 3.88 -24.60 13.30
N LEU A 95 4.61 -24.52 14.43
CA LEU A 95 6.07 -24.67 14.46
C LEU A 95 6.52 -26.10 14.20
N SER A 96 7.71 -26.23 13.58
CA SER A 96 8.34 -27.51 13.21
C SER A 96 9.81 -27.27 12.87
N SER A 97 10.47 -28.26 12.25
CA SER A 97 11.85 -28.07 11.78
C SER A 97 11.90 -27.01 10.65
N MET A 98 10.78 -26.83 9.89
CA MET A 98 10.73 -25.88 8.77
C MET A 98 10.09 -24.52 9.11
N VAL A 99 9.54 -24.37 10.34
CA VAL A 99 8.91 -23.12 10.79
C VAL A 99 9.41 -22.84 12.22
N LYS A 100 10.25 -21.80 12.37
CA LYS A 100 10.86 -21.44 13.66
C LYS A 100 10.92 -19.94 13.78
N LYS A 101 10.89 -19.45 15.01
CA LYS A 101 11.03 -18.02 15.33
C LYS A 101 12.47 -17.60 15.04
N VAL A 102 12.64 -16.37 14.58
CA VAL A 102 13.96 -15.80 14.35
C VAL A 102 14.55 -15.39 15.71
N ARG A 103 15.88 -15.27 15.78
CA ARG A 103 16.51 -14.75 16.99
C ARG A 103 16.65 -13.25 16.83
N LEU A 104 15.90 -12.49 17.64
CA LEU A 104 15.98 -11.04 17.63
C LEU A 104 17.30 -10.60 18.26
N PRO A 105 17.87 -9.44 17.83
CA PRO A 105 19.18 -9.05 18.35
C PRO A 105 19.12 -8.39 19.74
N SER A 106 20.23 -8.49 20.48
CA SER A 106 20.39 -7.77 21.74
C SER A 106 21.33 -6.58 21.44
N ARG A 107 22.32 -6.80 20.60
CA ARG A 107 23.32 -5.83 20.23
C ARG A 107 23.33 -5.57 18.73
N CYS A 108 23.96 -4.48 18.36
CA CYS A 108 24.14 -4.10 16.99
C CYS A 108 25.49 -4.60 16.48
N GLU A 109 25.49 -5.38 15.43
CA GLU A 109 26.72 -5.86 14.88
C GLU A 109 27.49 -4.72 14.18
N PRO A 110 28.82 -4.72 14.32
CA PRO A 110 29.64 -3.62 13.76
C PRO A 110 29.91 -3.65 12.24
N PRO A 111 30.41 -2.54 11.66
CA PRO A 111 30.80 -2.56 10.24
C PRO A 111 31.90 -3.59 9.99
N GLY A 112 31.81 -4.29 8.87
CA GLY A 112 32.77 -5.33 8.50
C GLY A 112 32.26 -6.72 8.77
N THR A 113 31.18 -6.85 9.55
CA THR A 113 30.58 -8.15 9.88
C THR A 113 29.95 -8.81 8.64
N THR A 114 30.18 -10.11 8.43
CA THR A 114 29.59 -10.90 7.32
C THR A 114 28.19 -11.32 7.74
N CYS A 115 27.22 -11.13 6.84
CA CYS A 115 25.80 -11.39 7.04
C CYS A 115 25.26 -12.11 5.80
N THR A 116 24.03 -12.62 5.92
CA THR A 116 23.35 -13.27 4.80
C THR A 116 22.00 -12.63 4.63
N VAL A 117 21.71 -12.22 3.39
CA VAL A 117 20.38 -11.70 3.07
C VAL A 117 19.70 -12.77 2.18
N SER A 118 18.41 -12.99 2.41
CA SER A 118 17.70 -14.04 1.67
C SER A 118 16.33 -13.56 1.16
N GLY A 119 15.83 -14.19 0.10
CA GLY A 119 14.53 -13.82 -0.45
C GLY A 119 14.20 -14.44 -1.79
N TRP A 120 12.93 -14.29 -2.19
CA TRP A 120 12.37 -14.75 -3.47
C TRP A 120 12.26 -13.62 -4.50
N GLY A 121 12.89 -12.49 -4.21
CA GLY A 121 12.89 -11.35 -5.12
C GLY A 121 13.60 -11.63 -6.42
N THR A 122 13.46 -10.71 -7.38
CA THR A 122 14.08 -10.91 -8.68
C THR A 122 15.60 -11.11 -8.57
N THR A 123 16.14 -12.01 -9.39
CA THR A 123 17.59 -12.29 -9.42
C THR A 123 18.28 -11.51 -10.54
N THR A 124 17.52 -10.71 -11.27
CA THR A 124 18.01 -9.87 -12.37
C THR A 124 17.33 -8.51 -12.23
N SER A 125 17.93 -7.48 -12.81
CA SER A 125 17.40 -6.09 -12.80
C SER A 125 18.03 -5.28 -13.92
N PRO A 126 17.28 -4.48 -14.72
CA PRO A 126 15.83 -4.15 -14.62
C PRO A 126 14.86 -5.28 -15.05
N ASP A 127 15.29 -6.14 -15.94
CA ASP A 127 14.53 -7.31 -16.42
C ASP A 127 14.25 -8.22 -15.21
N VAL A 128 13.00 -8.72 -15.04
CA VAL A 128 12.70 -9.51 -13.84
C VAL A 128 12.76 -11.02 -14.10
N THR A 129 13.31 -11.72 -13.12
CA THR A 129 13.45 -13.19 -13.08
C THR A 129 13.12 -13.54 -11.66
N PHE A 130 11.85 -13.91 -11.39
CA PHE A 130 11.41 -14.28 -10.05
C PHE A 130 11.67 -15.78 -9.77
N PRO A 131 12.56 -16.16 -8.83
CA PRO A 131 12.80 -17.61 -8.59
C PRO A 131 11.71 -18.33 -7.76
N SER A 132 11.66 -19.66 -7.92
CA SER A 132 10.78 -20.53 -7.09
C SER A 132 11.46 -20.83 -5.76
N ASP A 133 12.78 -21.04 -5.80
CA ASP A 133 13.55 -21.37 -4.62
C ASP A 133 14.13 -20.15 -3.95
N LEU A 134 14.16 -20.20 -2.63
CA LEU A 134 14.71 -19.12 -1.79
C LEU A 134 16.20 -18.94 -2.08
N MET A 135 16.61 -17.71 -2.39
CA MET A 135 17.98 -17.31 -2.75
C MET A 135 18.69 -16.61 -1.59
N CYS A 136 20.03 -16.82 -1.48
CA CYS A 136 20.91 -16.33 -0.43
C CYS A 136 22.07 -15.60 -1.02
N VAL A 137 22.56 -14.59 -0.33
CA VAL A 137 23.82 -13.98 -0.74
C VAL A 137 24.51 -13.42 0.50
N ASP A 138 25.85 -13.52 0.56
CA ASP A 138 26.59 -12.98 1.69
C ASP A 138 27.03 -11.56 1.38
N VAL A 139 26.85 -10.68 2.35
CA VAL A 139 27.24 -9.24 2.23
C VAL A 139 27.91 -8.83 3.54
N LYS A 140 28.62 -7.69 3.54
CA LYS A 140 29.29 -7.20 4.74
C LYS A 140 28.66 -5.91 5.16
N LEU A 141 28.59 -5.68 6.48
CA LEU A 141 28.04 -4.45 7.02
C LEU A 141 28.98 -3.28 6.67
N ILE A 142 28.41 -2.19 6.18
CA ILE A 142 29.16 -1.00 5.76
C ILE A 142 28.94 0.13 6.75
N SER A 143 30.01 0.84 7.13
CA SER A 143 29.90 1.93 8.10
C SER A 143 28.97 3.05 7.61
N PRO A 144 28.24 3.74 8.53
CA PRO A 144 27.41 4.87 8.10
C PRO A 144 28.21 5.96 7.39
N GLN A 145 29.50 6.14 7.73
CA GLN A 145 30.39 7.12 7.08
C GLN A 145 30.61 6.76 5.62
N ASP A 146 30.89 5.47 5.33
CA ASP A 146 31.09 5.01 3.96
C ASP A 146 29.79 5.04 3.18
N CYS A 147 28.66 4.67 3.86
CA CYS A 147 27.36 4.64 3.19
C CYS A 147 26.88 6.04 2.82
N THR A 148 27.19 7.06 3.67
CA THR A 148 26.84 8.48 3.45
C THR A 148 27.47 9.03 2.16
N LYS A 149 28.63 8.49 1.76
CA LYS A 149 29.30 8.91 0.52
C LYS A 149 28.42 8.61 -0.71
N VAL A 150 27.52 7.61 -0.60
CA VAL A 150 26.63 7.23 -1.69
C VAL A 150 25.27 7.91 -1.53
N TYR A 151 24.66 7.84 -0.33
CA TYR A 151 23.27 8.31 -0.14
C TYR A 151 23.10 9.64 0.58
N LYS A 152 24.19 10.24 1.08
CA LYS A 152 24.14 11.59 1.70
C LYS A 152 23.15 11.66 2.89
N ASP A 153 22.44 12.79 3.06
CA ASP A 153 21.55 12.95 4.21
C ASP A 153 20.23 12.15 4.11
N LEU A 154 20.06 11.30 3.10
CA LEU A 154 18.89 10.43 3.01
C LEU A 154 19.03 9.34 4.12
N LEU A 155 20.28 9.00 4.46
CA LEU A 155 20.60 7.98 5.46
C LEU A 155 20.37 8.46 6.91
N GLU A 156 19.73 7.63 7.72
CA GLU A 156 19.48 7.90 9.12
C GLU A 156 20.21 6.87 9.98
N ASN A 157 20.35 7.14 11.26
CA ASN A 157 21.08 6.23 12.13
C ASN A 157 20.42 4.89 12.45
N SER A 158 19.14 4.75 12.14
CA SER A 158 18.41 3.50 12.33
C SER A 158 18.34 2.67 11.01
N MET A 159 19.14 3.07 10.03
CA MET A 159 19.27 2.34 8.79
C MET A 159 20.65 1.71 8.82
N LEU A 160 20.76 0.53 8.22
CA LEU A 160 21.98 -0.22 8.18
C LEU A 160 22.30 -0.55 6.74
N CYS A 161 23.54 -0.36 6.32
CA CYS A 161 23.97 -0.62 4.96
C CYS A 161 24.83 -1.86 4.85
N ALA A 162 24.67 -2.58 3.75
CA ALA A 162 25.45 -3.80 3.53
C ALA A 162 25.70 -4.03 2.06
N GLY A 163 26.86 -4.61 1.75
CA GLY A 163 27.25 -4.91 0.38
C GLY A 163 28.65 -5.47 0.33
N ILE A 164 29.15 -5.69 -0.89
CA ILE A 164 30.49 -6.23 -1.13
C ILE A 164 31.16 -5.26 -2.10
N PRO A 165 32.44 -4.86 -1.88
CA PRO A 165 33.09 -3.91 -2.81
C PRO A 165 33.11 -4.43 -4.24
N ASP A 166 32.83 -3.53 -5.22
CA ASP A 166 32.86 -3.86 -6.68
C ASP A 166 32.02 -5.09 -7.04
N SER A 167 30.92 -5.30 -6.32
CA SER A 167 30.11 -6.50 -6.51
C SER A 167 28.64 -6.18 -6.69
N LYS A 168 27.96 -7.01 -7.50
CA LYS A 168 26.52 -6.87 -7.74
C LYS A 168 25.68 -7.49 -6.61
N LYS A 169 26.32 -8.25 -5.69
CA LYS A 169 25.66 -8.97 -4.60
C LYS A 169 24.78 -8.04 -3.76
N ASN A 170 23.47 -8.30 -3.79
CA ASN A 170 22.53 -7.41 -3.11
C ASN A 170 21.11 -7.96 -3.12
N ALA A 171 20.18 -7.20 -2.46
CA ALA A 171 18.75 -7.54 -2.47
C ALA A 171 18.08 -6.74 -3.61
N CYS A 172 16.86 -7.12 -4.01
CA CYS A 172 16.13 -6.45 -5.07
C CYS A 172 14.61 -6.51 -4.79
N ASN A 173 13.78 -5.98 -5.70
CA ASN A 173 12.33 -5.96 -5.56
C ASN A 173 11.82 -7.39 -5.30
N GLY A 174 10.97 -7.53 -4.32
CA GLY A 174 10.42 -8.82 -3.90
C GLY A 174 11.09 -9.30 -2.63
N ASP A 175 12.36 -8.89 -2.40
CA ASP A 175 13.08 -9.23 -1.16
C ASP A 175 12.72 -8.30 0.00
N SER A 176 12.14 -7.15 -0.29
CA SER A 176 11.75 -6.12 0.69
C SER A 176 11.08 -6.73 1.92
N GLY A 177 11.54 -6.35 3.09
CA GLY A 177 11.00 -6.82 4.37
C GLY A 177 11.62 -8.10 4.88
N GLY A 178 12.48 -8.70 4.06
CA GLY A 178 13.14 -9.96 4.37
C GLY A 178 14.36 -9.78 5.25
N PRO A 179 14.90 -10.92 5.72
CA PRO A 179 15.99 -10.86 6.69
C PRO A 179 17.42 -10.73 6.21
N LEU A 180 18.16 -9.97 6.99
CA LEU A 180 19.61 -9.82 6.95
C LEU A 180 20.03 -10.33 8.34
N VAL A 181 20.69 -11.51 8.34
CA VAL A 181 21.16 -12.15 9.59
CA VAL A 181 21.15 -12.20 9.56
C VAL A 181 22.67 -12.11 9.67
N CYS A 182 23.19 -11.77 10.87
CA CYS A 182 24.64 -11.68 11.13
C CYS A 182 24.88 -12.39 12.43
N ARG A 183 25.86 -13.31 12.46
CA ARG A 183 26.26 -14.00 13.69
C ARG A 183 25.09 -14.53 14.53
N GLY A 184 24.15 -15.19 13.86
CA GLY A 184 23.00 -15.80 14.51
C GLY A 184 21.82 -14.93 14.87
N THR A 185 21.89 -13.60 14.65
CA THR A 185 20.76 -12.73 14.97
C THR A 185 20.30 -11.94 13.75
N LEU A 186 19.04 -11.53 13.80
CA LEU A 186 18.44 -10.71 12.80
C LEU A 186 18.93 -9.30 13.02
N GLN A 187 19.67 -8.76 12.05
CA GLN A 187 20.18 -7.41 12.15
C GLN A 187 19.48 -6.41 11.26
N GLY A 188 18.92 -6.90 10.18
CA GLY A 188 18.24 -6.01 9.28
C GLY A 188 17.02 -6.54 8.55
N LEU A 189 16.19 -5.60 8.08
CA LEU A 189 15.05 -5.93 7.20
C LEU A 189 15.35 -5.22 5.89
N VAL A 190 15.27 -5.94 4.74
CA VAL A 190 15.49 -5.30 3.43
C VAL A 190 14.58 -4.06 3.26
N SER A 191 15.16 -2.93 2.93
CA SER A 191 14.34 -1.73 2.84
C SER A 191 14.41 -1.04 1.46
N TRP A 192 15.59 -0.52 1.08
CA TRP A 192 15.71 0.19 -0.20
C TRP A 192 17.13 0.16 -0.71
N GLY A 193 17.32 0.62 -1.93
CA GLY A 193 18.63 0.65 -2.55
C GLY A 193 18.52 1.35 -3.88
N THR A 194 19.51 1.19 -4.76
CA THR A 194 19.38 1.87 -6.04
C THR A 194 18.57 0.99 -7.01
N PHE A 195 18.11 1.62 -8.11
CA PHE A 195 17.38 0.94 -9.16
C PHE A 195 17.96 1.39 -10.49
N PRO A 196 18.40 0.46 -11.38
CA PRO A 196 18.32 -1.00 -11.26
C PRO A 196 19.09 -1.56 -10.05
N CYS A 197 18.66 -2.72 -9.55
CA CYS A 197 19.35 -3.37 -8.42
C CYS A 197 20.73 -3.87 -8.85
N GLY A 198 21.54 -4.29 -7.87
CA GLY A 198 22.82 -4.94 -8.12
C GLY A 198 23.87 -4.03 -8.72
N GLN A 199 23.79 -2.73 -8.44
CA GLN A 199 24.78 -1.79 -8.96
C GLN A 199 26.01 -1.83 -8.05
N PRO A 200 27.22 -2.08 -8.61
CA PRO A 200 28.42 -2.17 -7.76
C PRO A 200 28.68 -0.90 -6.98
N ASN A 201 29.05 -1.10 -5.70
CA ASN A 201 29.38 -0.03 -4.75
C ASN A 201 28.21 0.85 -4.35
N ASP A 202 26.96 0.39 -4.61
CA ASP A 202 25.74 1.08 -4.14
C ASP A 202 25.21 0.12 -3.09
N PRO A 203 25.44 0.39 -1.78
CA PRO A 203 24.99 -0.57 -0.75
C PRO A 203 23.49 -0.81 -0.70
N GLY A 204 23.08 -1.97 -0.21
CA GLY A 204 21.67 -2.22 0.08
C GLY A 204 21.43 -1.54 1.43
N VAL A 205 20.24 -0.96 1.61
CA VAL A 205 19.87 -0.31 2.83
C VAL A 205 18.77 -1.08 3.54
N TYR A 206 18.99 -1.30 4.82
CA TYR A 206 18.16 -2.08 5.69
C TYR A 206 17.69 -1.36 6.97
N THR A 207 16.55 -1.77 7.47
CA THR A 207 16.06 -1.26 8.74
C THR A 207 16.90 -1.95 9.82
N GLN A 208 17.55 -1.19 10.66
CA GLN A 208 18.42 -1.70 11.69
C GLN A 208 17.64 -2.18 12.90
N VAL A 209 17.34 -3.48 12.89
CA VAL A 209 16.52 -4.15 13.89
C VAL A 209 16.94 -3.93 15.35
N CYS A 210 18.22 -3.88 15.64
CA CYS A 210 18.68 -3.61 17.01
C CYS A 210 18.21 -2.26 17.63
N LYS A 211 17.80 -1.27 16.83
CA LYS A 211 17.29 0.00 17.25
C LYS A 211 15.78 -0.01 17.52
N PHE A 212 15.12 -1.11 17.23
CA PHE A 212 13.67 -1.17 17.34
C PHE A 212 13.09 -2.19 18.26
N THR A 213 13.92 -2.86 19.07
CA THR A 213 13.52 -3.87 20.08
CA THR A 213 13.45 -3.91 19.99
C THR A 213 12.29 -3.62 21.09
N LYS A 214 12.36 -2.37 21.56
CA LYS A 214 11.31 -1.89 22.47
C LYS A 214 9.94 -1.81 21.78
N TRP A 215 9.89 -1.14 20.61
CA TRP A 215 8.68 -0.98 19.82
C TRP A 215 8.15 -2.34 19.37
N ILE A 216 9.04 -3.25 18.93
CA ILE A 216 8.59 -4.55 18.48
C ILE A 216 7.91 -5.32 19.63
N ASN A 217 8.58 -5.38 20.79
CA ASN A 217 8.03 -6.10 21.92
C ASN A 217 6.75 -5.47 22.46
N ASP A 218 6.70 -4.11 22.56
CA ASP A 218 5.53 -3.37 23.07
C ASP A 218 4.31 -3.50 22.17
N THR A 219 4.52 -3.46 20.83
CA THR A 219 3.44 -3.59 19.85
C THR A 219 2.80 -4.99 19.92
N MET A 220 3.62 -6.06 19.96
CA MET A 220 3.10 -7.43 20.07
C MET A 220 2.30 -7.60 21.38
N LYS A 221 2.82 -7.05 22.49
CA LYS A 221 2.16 -7.09 23.79
C LYS A 221 0.81 -6.37 23.75
N LYS A 222 0.76 -5.13 23.20
CA LYS A 222 -0.45 -4.32 23.15
C LYS A 222 -1.53 -4.90 22.25
N HIS A 223 -1.13 -5.49 21.10
CA HIS A 223 -2.09 -6.05 20.14
C HIS A 223 -2.21 -7.58 20.17
N ARG A 224 -1.77 -8.20 21.28
CA ARG A 224 -1.85 -9.65 21.52
C ARG A 224 -3.32 -10.13 21.41
N ILE B 1 10.49 16.84 -9.18
CA ILE B 1 10.92 17.14 -10.56
C ILE B 1 12.40 17.53 -10.49
N ILE B 2 13.23 16.84 -11.26
CA ILE B 2 14.67 17.14 -11.33
C ILE B 2 14.91 18.11 -12.50
N ASP B 3 15.68 19.19 -12.23
CA ASP B 3 16.14 20.18 -13.20
C ASP B 3 15.00 20.91 -13.91
N GLY B 4 13.92 21.16 -13.17
CA GLY B 4 12.77 21.89 -13.68
C GLY B 4 12.76 23.28 -13.09
N ALA B 5 11.60 23.91 -13.09
CA ALA B 5 11.46 25.25 -12.56
C ALA B 5 10.00 25.42 -12.16
N PRO B 6 9.66 26.41 -11.30
CA PRO B 6 8.24 26.59 -10.93
C PRO B 6 7.36 26.75 -12.17
N CYS B 7 6.21 26.02 -12.20
CA CYS B 7 5.23 26.15 -13.29
C CYS B 7 4.67 27.54 -13.24
N ALA B 8 4.23 28.08 -14.40
CA ALA B 8 3.56 29.39 -14.41
C ALA B 8 2.31 29.32 -13.49
N ARG B 9 2.06 30.39 -12.73
CA ARG B 9 0.93 30.48 -11.79
C ARG B 9 -0.41 30.29 -12.50
N GLY B 10 -1.23 29.34 -12.02
CA GLY B 10 -2.54 29.05 -12.61
C GLY B 10 -2.56 28.25 -13.91
N SER B 11 -1.40 27.78 -14.39
CA SER B 11 -1.35 27.04 -15.66
C SER B 11 -1.60 25.51 -15.48
N HIS B 12 -1.71 25.03 -14.22
CA HIS B 12 -1.99 23.59 -13.96
C HIS B 12 -3.23 23.38 -13.05
N PRO B 13 -4.42 23.90 -13.47
CA PRO B 13 -5.60 23.79 -12.59
C PRO B 13 -6.17 22.36 -12.45
N TRP B 14 -5.68 21.43 -13.28
CA TRP B 14 -6.03 20.01 -13.25
C TRP B 14 -5.08 19.20 -12.35
N GLN B 15 -3.98 19.80 -11.90
CA GLN B 15 -3.05 19.13 -10.99
C GLN B 15 -3.62 19.10 -9.56
N VAL B 16 -3.57 17.94 -8.93
CA VAL B 16 -3.92 17.76 -7.51
C VAL B 16 -2.71 17.11 -6.83
N ALA B 17 -2.73 17.10 -5.51
CA ALA B 17 -1.75 16.41 -4.71
C ALA B 17 -2.55 15.52 -3.78
N LEU B 18 -2.03 14.32 -3.51
CA LEU B 18 -2.58 13.42 -2.49
C LEU B 18 -1.67 13.59 -1.30
N LEU B 19 -2.25 13.92 -0.16
CA LEU B 19 -1.45 14.15 1.05
C LEU B 19 -1.73 13.06 2.08
N SER B 20 -0.75 12.85 2.96
CA SER B 20 -0.85 11.88 4.04
C SER B 20 -0.18 12.55 5.22
N GLY B 21 -0.95 12.83 6.26
CA GLY B 21 -0.47 13.53 7.46
C GLY B 21 0.17 14.86 7.13
N ASN B 22 -0.44 15.60 6.17
CA ASN B 22 0.01 16.91 5.69
C ASN B 22 1.38 16.88 4.99
N GLN B 23 1.78 15.70 4.50
CA GLN B 23 3.01 15.54 3.72
C GLN B 23 2.58 15.05 2.33
N LEU B 24 3.40 15.32 1.32
CA LEU B 24 3.11 14.85 -0.01
C LEU B 24 3.28 13.34 -0.10
N HIS B 25 2.24 12.68 -0.63
CA HIS B 25 2.23 11.25 -0.89
C HIS B 25 2.42 11.00 -2.42
N CYS B 26 1.61 11.66 -3.25
CA CYS B 26 1.64 11.50 -4.71
C CYS B 26 1.02 12.70 -5.39
N GLY B 27 1.20 12.76 -6.69
CA GLY B 27 0.48 13.73 -7.50
C GLY B 27 -0.74 13.03 -8.08
N GLY B 28 -1.51 13.75 -8.87
CA GLY B 28 -2.68 13.20 -9.54
C GLY B 28 -3.31 14.26 -10.43
N VAL B 29 -4.38 13.87 -11.11
CA VAL B 29 -5.13 14.77 -12.01
CA VAL B 29 -5.09 14.75 -12.03
C VAL B 29 -6.61 14.73 -11.77
N LEU B 30 -7.26 15.88 -11.86
CA LEU B 30 -8.71 15.96 -11.72
C LEU B 30 -9.34 15.60 -13.06
N VAL B 31 -10.12 14.52 -13.08
CA VAL B 31 -10.82 14.03 -14.27
C VAL B 31 -12.15 14.78 -14.39
N ASN B 32 -12.88 14.87 -13.30
CA ASN B 32 -14.14 15.62 -13.22
C ASN B 32 -14.34 15.98 -11.77
N GLU B 33 -15.44 16.65 -11.43
CA GLU B 33 -15.77 17.07 -10.06
C GLU B 33 -15.71 15.96 -9.02
N ARG B 34 -15.96 14.71 -9.42
CA ARG B 34 -15.99 13.59 -8.50
C ARG B 34 -14.73 12.72 -8.46
N TRP B 35 -13.88 12.80 -9.48
CA TRP B 35 -12.79 11.85 -9.66
C TRP B 35 -11.40 12.40 -9.93
N VAL B 36 -10.43 11.75 -9.31
CA VAL B 36 -9.00 12.00 -9.48
C VAL B 36 -8.36 10.73 -10.09
N LEU B 37 -7.49 10.94 -11.06
CA LEU B 37 -6.75 9.87 -11.71
C LEU B 37 -5.32 9.99 -11.20
N THR B 38 -4.75 8.88 -10.76
CA THR B 38 -3.38 8.79 -10.22
C THR B 38 -2.77 7.39 -10.47
N ALA B 39 -1.57 7.12 -9.91
CA ALA B 39 -0.92 5.82 -10.06
C ALA B 39 -1.50 4.84 -9.04
N ALA B 40 -1.63 3.54 -9.44
CA ALA B 40 -2.07 2.49 -8.51
C ALA B 40 -1.10 2.34 -7.33
N HIS B 41 0.18 2.68 -7.54
N HIS B 41 0.19 2.68 -7.54
CA HIS B 41 1.20 2.62 -6.50
CA HIS B 41 1.22 2.64 -6.49
C HIS B 41 0.91 3.61 -5.34
C HIS B 41 0.83 3.57 -5.31
N CYS B 42 0.03 4.60 -5.58
CA CYS B 42 -0.39 5.61 -4.59
C CYS B 42 -1.56 5.20 -3.71
N LYS B 43 -2.04 3.95 -3.85
CA LYS B 43 -3.15 3.39 -3.08
C LYS B 43 -3.02 3.63 -1.56
N MET B 44 -4.10 4.14 -0.95
CA MET B 44 -4.25 4.33 0.50
C MET B 44 -5.71 4.02 0.83
N ASN B 45 -6.04 3.81 2.11
CA ASN B 45 -7.42 3.56 2.51
C ASN B 45 -8.20 4.85 2.55
N GLU B 46 -7.51 5.95 2.84
CA GLU B 46 -8.08 7.29 2.96
C GLU B 46 -7.14 8.30 2.31
N TYR B 47 -7.68 9.30 1.61
CA TYR B 47 -6.84 10.35 0.99
C TYR B 47 -7.25 11.74 1.47
N THR B 48 -6.32 12.67 1.44
CA THR B 48 -6.57 14.09 1.59
C THR B 48 -6.12 14.69 0.26
N VAL B 49 -7.05 15.24 -0.51
CA VAL B 49 -6.74 15.79 -1.83
C VAL B 49 -6.64 17.31 -1.79
N HIS B 50 -5.50 17.83 -2.21
CA HIS B 50 -5.22 19.27 -2.31
C HIS B 50 -5.53 19.68 -3.75
N LEU B 51 -6.35 20.72 -3.94
CA LEU B 51 -6.68 21.19 -5.30
C LEU B 51 -6.66 22.71 -5.29
N GLY B 52 -6.46 23.28 -6.47
CA GLY B 52 -6.57 24.71 -6.67
C GLY B 52 -5.51 25.63 -6.12
N SER B 53 -4.28 25.14 -6.00
CA SER B 53 -3.16 25.99 -5.60
C SER B 53 -1.85 25.38 -6.06
N ASP B 54 -0.98 26.23 -6.62
CA ASP B 54 0.37 25.82 -7.01
C ASP B 54 1.28 25.69 -5.78
N THR B 55 0.84 26.23 -4.60
CA THR B 55 1.58 26.11 -3.34
C THR B 55 0.97 25.04 -2.43
N LEU B 56 1.75 24.02 -2.15
CA LEU B 56 1.33 23.01 -1.17
C LEU B 56 1.30 23.75 0.18
N GLY B 57 0.12 23.83 0.80
CA GLY B 57 -0.08 24.54 2.07
C GLY B 57 -0.54 25.98 1.94
N ASP B 58 -1.03 26.38 0.76
CA ASP B 58 -1.61 27.69 0.53
C ASP B 58 -3.02 27.56 1.11
N ARG B 59 -3.37 28.35 2.13
CA ARG B 59 -4.68 28.34 2.79
C ARG B 59 -5.85 28.40 1.77
N ARG B 60 -5.61 29.00 0.60
CA ARG B 60 -6.60 29.13 -0.48
C ARG B 60 -6.92 27.78 -1.17
N ALA B 61 -6.08 26.75 -0.97
CA ALA B 61 -6.35 25.45 -1.62
C ALA B 61 -7.62 24.80 -1.11
N GLN B 62 -8.38 24.15 -1.99
CA GLN B 62 -9.52 23.34 -1.58
C GLN B 62 -8.90 22.03 -1.07
N ARG B 63 -9.51 21.42 -0.06
CA ARG B 63 -9.10 20.13 0.46
C ARG B 63 -10.31 19.25 0.56
N ILE B 64 -10.23 18.08 -0.08
CA ILE B 64 -11.34 17.13 -0.12
C ILE B 64 -10.84 15.78 0.28
N LYS B 65 -11.56 15.12 1.18
CA LYS B 65 -11.25 13.77 1.60
C LYS B 65 -11.80 12.80 0.55
N ALA B 66 -11.14 11.68 0.39
CA ALA B 66 -11.58 10.62 -0.50
C ALA B 66 -11.42 9.33 0.28
N SER B 67 -12.51 8.57 0.37
CA SER B 67 -12.53 7.31 1.12
C SER B 67 -12.56 6.07 0.24
N LYS B 68 -12.72 6.23 -1.08
CA LYS B 68 -12.82 5.09 -2.02
C LYS B 68 -11.90 5.26 -3.21
N SER B 69 -11.21 4.18 -3.60
CA SER B 69 -10.33 4.18 -4.77
C SER B 69 -10.34 2.84 -5.43
N PHE B 70 -10.05 2.84 -6.73
CA PHE B 70 -10.16 1.67 -7.59
C PHE B 70 -8.93 1.55 -8.46
N ARG B 71 -8.07 0.57 -8.13
CA ARG B 71 -6.87 0.31 -8.94
C ARG B 71 -7.30 -0.47 -10.17
N HIS B 72 -6.58 -0.30 -11.28
CA HIS B 72 -6.80 -1.11 -12.47
C HIS B 72 -6.57 -2.58 -12.04
N PRO B 73 -7.50 -3.51 -12.39
CA PRO B 73 -7.37 -4.92 -11.94
C PRO B 73 -6.08 -5.63 -12.37
N GLY B 74 -5.44 -5.16 -13.43
CA GLY B 74 -4.20 -5.72 -13.94
C GLY B 74 -2.94 -5.17 -13.28
N TYR B 75 -3.09 -4.24 -12.31
CA TYR B 75 -1.92 -3.65 -11.63
C TYR B 75 -1.04 -4.68 -10.93
N SER B 76 0.26 -4.62 -11.22
CA SER B 76 1.23 -5.47 -10.54
C SER B 76 2.24 -4.62 -9.81
N THR B 77 2.49 -4.93 -8.54
CA THR B 77 3.50 -4.28 -7.73
C THR B 77 4.90 -4.81 -8.11
N GLN B 78 4.97 -5.98 -8.80
CA GLN B 78 6.24 -6.56 -9.26
C GLN B 78 6.77 -5.81 -10.47
N THR B 79 5.90 -5.59 -11.49
CA THR B 79 6.31 -4.99 -12.78
C THR B 79 5.83 -3.58 -13.00
N HIS B 80 4.88 -3.11 -12.18
CA HIS B 80 4.25 -1.77 -12.33
C HIS B 80 3.44 -1.67 -13.63
N VAL B 81 3.06 -2.82 -14.22
CA VAL B 81 2.19 -2.79 -15.41
C VAL B 81 0.79 -2.31 -14.90
N ASN B 82 0.07 -1.52 -15.72
CA ASN B 82 -1.29 -1.02 -15.41
C ASN B 82 -1.29 -0.16 -14.15
N ASP B 83 -0.27 0.70 -14.03
CA ASP B 83 -0.14 1.55 -12.87
C ASP B 83 -1.08 2.76 -12.94
N LEU B 84 -2.37 2.54 -12.66
CA LEU B 84 -3.35 3.63 -12.62
C LEU B 84 -4.50 3.30 -11.69
N MET B 85 -5.11 4.33 -11.15
CA MET B 85 -6.13 4.19 -10.14
C MET B 85 -7.04 5.42 -10.17
N LEU B 86 -8.34 5.19 -9.93
CA LEU B 86 -9.29 6.29 -9.82
C LEU B 86 -9.65 6.47 -8.35
N VAL B 87 -9.61 7.72 -7.88
CA VAL B 87 -9.91 8.10 -6.50
C VAL B 87 -11.21 8.87 -6.49
N LYS B 88 -12.19 8.37 -5.75
CA LYS B 88 -13.50 9.01 -5.71
C LYS B 88 -13.57 9.98 -4.55
N LEU B 89 -13.74 11.26 -4.88
CA LEU B 89 -13.84 12.35 -3.90
C LEU B 89 -15.15 12.23 -3.11
N ASN B 90 -15.10 12.41 -1.78
CA ASN B 90 -16.28 12.33 -0.89
C ASN B 90 -17.29 13.42 -1.18
N SER B 91 -16.82 14.56 -1.67
CA SER B 91 -17.67 15.67 -2.09
C SER B 91 -17.09 16.19 -3.40
N GLN B 92 -17.93 16.80 -4.24
CA GLN B 92 -17.48 17.34 -5.51
C GLN B 92 -16.48 18.47 -5.35
N ALA B 93 -15.50 18.53 -6.27
CA ALA B 93 -14.52 19.61 -6.31
C ALA B 93 -15.29 20.85 -6.88
N ARG B 94 -15.03 22.05 -6.32
CA ARG B 94 -15.68 23.24 -6.87
C ARG B 94 -14.79 23.75 -8.01
N LEU B 95 -15.35 23.76 -9.23
CA LEU B 95 -14.58 24.25 -10.38
C LEU B 95 -14.41 25.76 -10.28
N SER B 96 -13.25 26.25 -10.71
CA SER B 96 -12.92 27.67 -10.65
C SER B 96 -11.79 27.94 -11.63
N SER B 97 -11.22 29.16 -11.58
CA SER B 97 -10.06 29.52 -12.41
C SER B 97 -8.86 28.65 -12.03
N MET B 98 -8.83 28.17 -10.79
CA MET B 98 -7.71 27.37 -10.31
C MET B 98 -7.98 25.84 -10.22
N VAL B 99 -9.22 25.39 -10.53
CA VAL B 99 -9.65 24.00 -10.47
C VAL B 99 -10.44 23.67 -11.75
N LYS B 100 -9.87 22.83 -12.62
CA LYS B 100 -10.45 22.48 -13.90
C LYS B 100 -10.14 21.04 -14.21
N LYS B 101 -10.99 20.42 -15.04
CA LYS B 101 -10.79 19.03 -15.45
C LYS B 101 -9.66 18.98 -16.50
N VAL B 102 -8.88 17.91 -16.47
CA VAL B 102 -7.83 17.65 -17.45
C VAL B 102 -8.51 17.21 -18.77
N ARG B 103 -7.82 17.35 -19.89
CA ARG B 103 -8.37 16.85 -21.14
C ARG B 103 -7.71 15.49 -21.35
N LEU B 104 -8.54 14.43 -21.30
CA LEU B 104 -8.17 13.04 -21.57
C LEU B 104 -7.88 12.91 -23.08
N PRO B 105 -6.94 12.02 -23.46
CA PRO B 105 -6.55 11.94 -24.87
C PRO B 105 -7.50 11.09 -25.67
N SER B 106 -7.59 11.34 -26.99
CA SER B 106 -8.36 10.45 -27.83
C SER B 106 -7.35 9.59 -28.60
N ARG B 107 -6.18 10.15 -28.87
CA ARG B 107 -5.11 9.51 -29.59
C ARG B 107 -3.77 9.47 -28.82
N CYS B 108 -2.87 8.60 -29.22
CA CYS B 108 -1.57 8.48 -28.61
C CYS B 108 -0.54 9.34 -29.31
N GLU B 109 0.21 10.15 -28.59
CA GLU B 109 1.20 10.98 -29.23
C GLU B 109 2.44 10.17 -29.52
N PRO B 110 3.11 10.46 -30.63
CA PRO B 110 4.25 9.63 -31.04
C PRO B 110 5.58 10.01 -30.41
N PRO B 111 6.61 9.12 -30.52
CA PRO B 111 7.96 9.51 -30.04
C PRO B 111 8.41 10.83 -30.67
N GLY B 112 9.14 11.63 -29.90
CA GLY B 112 9.65 12.91 -30.37
C GLY B 112 8.76 14.08 -29.97
N THR B 113 7.52 13.79 -29.54
CA THR B 113 6.60 14.85 -29.10
C THR B 113 7.15 15.51 -27.81
N THR B 114 7.02 16.86 -27.71
CA THR B 114 7.40 17.62 -26.52
C THR B 114 6.24 17.56 -25.53
N CYS B 115 6.54 17.34 -24.25
CA CYS B 115 5.55 17.20 -23.19
C CYS B 115 6.03 17.98 -22.01
N THR B 116 5.15 18.11 -21.02
CA THR B 116 5.51 18.75 -19.76
C THR B 116 5.05 17.81 -18.66
N VAL B 117 5.95 17.54 -17.69
CA VAL B 117 5.62 16.75 -16.48
C VAL B 117 5.71 17.74 -15.29
N SER B 118 4.74 17.66 -14.37
CA SER B 118 4.67 18.55 -13.23
C SER B 118 4.47 17.79 -11.91
N GLY B 119 4.87 18.42 -10.82
CA GLY B 119 4.71 17.83 -9.50
C GLY B 119 5.47 18.54 -8.41
N TRP B 120 5.12 18.17 -7.16
CA TRP B 120 5.74 18.68 -5.94
C TRP B 120 6.80 17.69 -5.37
N GLY B 121 7.20 16.73 -6.19
CA GLY B 121 8.19 15.74 -5.77
C GLY B 121 9.55 16.35 -5.54
N THR B 122 10.45 15.56 -4.98
CA THR B 122 11.81 16.03 -4.70
C THR B 122 12.51 16.62 -5.95
N THR B 123 13.29 17.69 -5.73
CA THR B 123 14.04 18.37 -6.80
C THR B 123 15.49 17.90 -6.81
N THR B 124 15.85 17.02 -5.88
CA THR B 124 17.20 16.46 -5.74
C THR B 124 17.09 14.99 -5.47
N SER B 125 18.16 14.24 -5.74
CA SER B 125 18.17 12.79 -5.49
C SER B 125 19.62 12.38 -5.39
N PRO B 126 19.99 11.50 -4.43
CA PRO B 126 19.14 10.73 -3.50
C PRO B 126 18.65 11.54 -2.27
N ASP B 127 19.43 12.53 -1.84
CA ASP B 127 19.07 13.44 -0.75
C ASP B 127 17.81 14.19 -1.21
N VAL B 128 16.78 14.33 -0.35
CA VAL B 128 15.51 14.93 -0.81
C VAL B 128 15.40 16.43 -0.51
N THR B 129 14.72 17.17 -1.40
CA THR B 129 14.41 18.59 -1.29
C THR B 129 12.98 18.72 -1.82
N PHE B 130 11.99 18.82 -0.92
CA PHE B 130 10.60 18.90 -1.33
C PHE B 130 10.19 20.36 -1.47
N PRO B 131 9.83 20.82 -2.70
CA PRO B 131 9.47 22.25 -2.90
C PRO B 131 8.06 22.60 -2.43
N SER B 132 7.83 23.87 -2.14
CA SER B 132 6.49 24.38 -1.78
C SER B 132 5.66 24.59 -3.04
N ASP B 133 6.30 25.04 -4.12
CA ASP B 133 5.61 25.35 -5.37
C ASP B 133 5.70 24.25 -6.38
N LEU B 134 4.64 24.13 -7.17
CA LEU B 134 4.55 23.13 -8.23
C LEU B 134 5.65 23.38 -9.25
N MET B 135 6.43 22.33 -9.57
CA MET B 135 7.56 22.39 -10.50
C MET B 135 7.19 21.72 -11.83
N CYS B 136 7.79 22.20 -12.94
CA CYS B 136 7.57 21.77 -14.34
C CYS B 136 8.90 21.50 -14.98
N VAL B 137 8.90 20.58 -15.93
CA VAL B 137 10.02 20.32 -16.81
C VAL B 137 9.50 19.79 -18.15
N ASP B 138 10.12 20.23 -19.22
CA ASP B 138 9.75 19.76 -20.55
C ASP B 138 10.61 18.53 -20.87
N VAL B 139 9.97 17.48 -21.37
CA VAL B 139 10.62 16.21 -21.75
C VAL B 139 10.07 15.78 -23.11
N LYS B 140 10.74 14.84 -23.77
CA LYS B 140 10.21 14.37 -25.08
C LYS B 140 9.89 12.89 -25.00
N LEU B 141 8.84 12.45 -25.75
CA LEU B 141 8.50 11.02 -25.80
C LEU B 141 9.61 10.25 -26.49
N ILE B 142 10.00 9.15 -25.87
CA ILE B 142 11.08 8.27 -26.33
C ILE B 142 10.44 6.98 -26.83
N SER B 143 10.86 6.47 -28.00
CA SER B 143 10.27 5.27 -28.58
C SER B 143 10.44 4.03 -27.69
N PRO B 144 9.45 3.09 -27.69
CA PRO B 144 9.63 1.81 -26.97
C PRO B 144 10.95 1.10 -27.32
N GLN B 145 11.39 1.09 -28.60
CA GLN B 145 12.68 0.48 -29.00
C GLN B 145 13.89 1.14 -28.31
N ASP B 146 13.91 2.50 -28.22
CA ASP B 146 15.01 3.19 -27.54
C ASP B 146 14.95 2.95 -26.03
N CYS B 147 13.74 2.96 -25.46
CA CYS B 147 13.55 2.76 -24.01
C CYS B 147 13.92 1.33 -23.55
N THR B 148 13.72 0.32 -24.44
CA THR B 148 14.04 -1.10 -24.18
C THR B 148 15.56 -1.27 -23.99
N LYS B 149 16.38 -0.42 -24.65
CA LYS B 149 17.84 -0.47 -24.48
C LYS B 149 18.21 -0.22 -23.01
N VAL B 150 17.35 0.47 -22.28
CA VAL B 150 17.62 0.79 -20.88
C VAL B 150 16.94 -0.19 -19.93
N TYR B 151 15.63 -0.41 -20.11
CA TYR B 151 14.84 -1.20 -19.17
C TYR B 151 14.50 -2.61 -19.59
N LYS B 152 14.92 -3.04 -20.79
CA LYS B 152 14.74 -4.42 -21.27
C LYS B 152 13.29 -4.90 -21.20
N ASP B 153 13.03 -6.14 -20.73
CA ASP B 153 11.66 -6.66 -20.74
C ASP B 153 10.79 -6.18 -19.55
N LEU B 154 11.30 -5.27 -18.69
CA LEU B 154 10.46 -4.67 -17.64
C LEU B 154 9.37 -3.77 -18.31
N LEU B 155 9.67 -3.25 -19.52
CA LEU B 155 8.82 -2.35 -20.29
C LEU B 155 7.70 -3.04 -21.01
N GLU B 156 6.50 -2.51 -20.87
CA GLU B 156 5.30 -3.02 -21.49
C GLU B 156 4.73 -2.02 -22.48
N ASN B 157 3.86 -2.51 -23.36
CA ASN B 157 3.26 -1.69 -24.39
C ASN B 157 2.34 -0.54 -23.94
N SER B 158 1.86 -0.61 -22.71
CA SER B 158 1.02 0.42 -22.14
C SER B 158 1.83 1.37 -21.24
N MET B 159 3.14 1.29 -21.33
CA MET B 159 4.02 2.19 -20.65
C MET B 159 4.60 3.17 -21.69
N LEU B 160 4.80 4.41 -21.28
CA LEU B 160 5.32 5.43 -22.13
C LEU B 160 6.58 6.01 -21.50
N CYS B 161 7.65 6.16 -22.26
CA CYS B 161 8.87 6.73 -21.75
C CYS B 161 9.11 8.16 -22.22
N ALA B 162 9.73 8.97 -21.39
CA ALA B 162 10.02 10.36 -21.77
C ALA B 162 11.28 10.88 -21.07
N GLY B 163 11.99 11.77 -21.74
CA GLY B 163 13.23 12.36 -21.23
C GLY B 163 13.91 13.20 -22.29
N ILE B 164 15.12 13.69 -21.97
CA ILE B 164 15.93 14.50 -22.87
C ILE B 164 17.30 13.81 -22.93
N PRO B 165 17.95 13.64 -24.11
CA PRO B 165 19.26 12.95 -24.12
C PRO B 165 20.30 13.69 -23.32
N ASP B 166 21.14 12.97 -22.55
CA ASP B 166 22.23 13.56 -21.74
C ASP B 166 21.75 14.67 -20.80
N SER B 167 20.57 14.48 -20.21
CA SER B 167 19.95 15.45 -19.33
C SER B 167 19.37 14.82 -18.07
N LYS B 168 19.46 15.56 -16.96
CA LYS B 168 18.92 15.14 -15.66
C LYS B 168 17.39 15.38 -15.59
N LYS B 169 16.82 16.17 -16.51
CA LYS B 169 15.39 16.50 -16.56
C LYS B 169 14.53 15.27 -16.43
N ASN B 170 13.79 15.19 -15.32
CA ASN B 170 12.97 14.00 -15.07
C ASN B 170 12.01 14.17 -13.92
N ALA B 171 11.15 13.16 -13.70
CA ALA B 171 10.25 13.13 -12.53
C ALA B 171 10.99 12.34 -11.41
N CYS B 172 10.56 12.50 -10.16
CA CYS B 172 11.20 11.83 -9.02
C CYS B 172 10.17 11.50 -7.95
N ASN B 173 10.60 10.93 -6.81
CA ASN B 173 9.72 10.54 -5.72
C ASN B 173 8.83 11.69 -5.28
N GLY B 174 7.55 11.41 -5.18
CA GLY B 174 6.54 12.41 -4.85
C GLY B 174 5.83 12.92 -6.08
N ASP B 175 6.43 12.76 -7.29
CA ASP B 175 5.77 13.17 -8.53
C ASP B 175 4.85 12.05 -9.01
N SER B 176 5.02 10.83 -8.47
CA SER B 176 4.25 9.61 -8.81
C SER B 176 2.74 9.88 -8.92
N GLY B 177 2.15 9.48 -10.03
CA GLY B 177 0.73 9.64 -10.30
C GLY B 177 0.37 10.97 -10.94
N GLY B 178 1.36 11.86 -11.05
CA GLY B 178 1.25 13.19 -11.65
C GLY B 178 1.17 13.21 -13.16
N PRO B 179 0.80 14.37 -13.72
CA PRO B 179 0.56 14.43 -15.17
C PRO B 179 1.75 14.67 -16.06
N LEU B 180 1.73 14.02 -17.23
CA LEU B 180 2.61 14.24 -18.38
C LEU B 180 1.63 14.66 -19.50
N VAL B 181 1.67 15.93 -19.90
CA VAL B 181 0.77 16.53 -20.88
C VAL B 181 1.55 16.84 -22.16
N CYS B 182 1.01 16.43 -23.33
CA CYS B 182 1.63 16.62 -24.66
C CYS B 182 0.55 17.12 -25.58
N ARG B 183 0.81 18.23 -26.31
CA ARG B 183 -0.11 18.81 -27.30
C ARG B 183 -1.51 18.96 -26.72
N GLY B 184 -1.57 19.45 -25.47
CA GLY B 184 -2.84 19.72 -24.80
C GLY B 184 -3.61 18.55 -24.22
N THR B 185 -3.09 17.31 -24.26
CA THR B 185 -3.83 16.18 -23.66
C THR B 185 -2.97 15.47 -22.65
N LEU B 186 -3.60 14.75 -21.74
CA LEU B 186 -2.90 13.97 -20.74
C LEU B 186 -2.40 12.67 -21.40
N GLN B 187 -1.11 12.54 -21.58
CA GLN B 187 -0.55 11.35 -22.19
C GLN B 187 0.05 10.33 -21.20
N GLY B 188 0.47 10.82 -20.04
CA GLY B 188 1.01 9.94 -19.07
C GLY B 188 0.79 10.26 -17.61
N LEU B 189 0.95 9.24 -16.78
CA LEU B 189 0.94 9.42 -15.32
C LEU B 189 2.32 8.98 -14.90
N VAL B 190 2.99 9.79 -14.06
CA VAL B 190 4.34 9.46 -13.55
C VAL B 190 4.25 8.06 -12.86
N SER B 191 5.12 7.12 -13.26
CA SER B 191 5.04 5.77 -12.71
C SER B 191 6.33 5.29 -12.03
N TRP B 192 7.46 5.22 -12.74
CA TRP B 192 8.73 4.72 -12.18
C TRP B 192 9.89 5.15 -13.05
N GLY B 193 11.09 4.92 -12.55
CA GLY B 193 12.32 5.28 -13.22
C GLY B 193 13.50 4.80 -12.41
N THR B 194 14.68 5.30 -12.71
CA THR B 194 15.85 4.86 -11.96
C THR B 194 15.98 5.63 -10.66
N PHE B 195 16.74 5.07 -9.74
CA PHE B 195 17.02 5.68 -8.44
C PHE B 195 18.51 5.56 -8.17
N PRO B 196 19.21 6.64 -7.87
CA PRO B 196 18.73 8.04 -7.79
C PRO B 196 18.11 8.56 -9.09
N CYS B 197 17.18 9.51 -8.95
CA CYS B 197 16.50 10.17 -10.06
C CYS B 197 17.44 11.03 -10.88
N GLY B 198 16.95 11.42 -12.07
CA GLY B 198 17.67 12.32 -12.96
C GLY B 198 19.01 11.83 -13.45
N GLN B 199 19.10 10.55 -13.75
CA GLN B 199 20.31 10.02 -14.34
C GLN B 199 20.26 10.27 -15.85
N PRO B 200 21.35 10.83 -16.42
CA PRO B 200 21.33 11.14 -17.85
C PRO B 200 21.21 9.86 -18.65
N ASN B 201 20.34 9.85 -19.64
CA ASN B 201 20.10 8.72 -20.54
C ASN B 201 19.22 7.61 -19.94
N ASP B 202 18.56 7.87 -18.79
CA ASP B 202 17.63 6.93 -18.16
C ASP B 202 16.26 7.58 -18.19
N PRO B 203 15.39 7.16 -19.11
CA PRO B 203 14.07 7.82 -19.20
C PRO B 203 13.17 7.59 -18.01
N GLY B 204 12.19 8.47 -17.85
CA GLY B 204 11.16 8.30 -16.86
C GLY B 204 10.11 7.45 -17.53
N VAL B 205 9.46 6.60 -16.77
CA VAL B 205 8.43 5.75 -17.27
C VAL B 205 7.06 6.16 -16.72
N TYR B 206 6.13 6.20 -17.62
CA TYR B 206 4.80 6.64 -17.41
C TYR B 206 3.69 5.67 -17.83
N THR B 207 2.56 5.72 -17.16
CA THR B 207 1.41 4.93 -17.57
C THR B 207 0.83 5.63 -18.84
N GLN B 208 0.69 4.91 -19.95
CA GLN B 208 0.19 5.47 -21.20
C GLN B 208 -1.31 5.60 -21.18
N VAL B 209 -1.76 6.78 -20.79
CA VAL B 209 -3.16 7.08 -20.64
C VAL B 209 -4.09 6.79 -21.82
N CYS B 210 -3.60 6.93 -23.05
CA CYS B 210 -4.42 6.63 -24.23
C CYS B 210 -4.82 5.13 -24.40
N LYS B 211 -4.20 4.23 -23.67
CA LYS B 211 -4.45 2.82 -23.67
C LYS B 211 -5.53 2.41 -22.65
N PHE B 212 -5.96 3.35 -21.81
CA PHE B 212 -6.89 3.03 -20.74
C PHE B 212 -8.17 3.84 -20.68
N THR B 213 -8.49 4.54 -21.73
CA THR B 213 -9.67 5.36 -21.67
C THR B 213 -11.00 4.59 -21.46
N LYS B 214 -11.14 3.41 -22.04
CA LYS B 214 -12.36 2.62 -21.82
C LYS B 214 -12.52 2.30 -20.33
N TRP B 215 -11.45 1.82 -19.70
CA TRP B 215 -11.45 1.47 -18.28
C TRP B 215 -11.73 2.72 -17.40
N ILE B 216 -11.09 3.85 -17.71
CA ILE B 216 -11.29 5.10 -16.97
C ILE B 216 -12.77 5.47 -17.01
N ASN B 217 -13.33 5.58 -18.22
CA ASN B 217 -14.74 5.95 -18.36
CA ASN B 217 -14.74 5.92 -18.43
C ASN B 217 -15.71 4.92 -17.78
N ASP B 218 -15.48 3.61 -17.96
CA ASP B 218 -16.36 2.58 -17.41
C ASP B 218 -16.36 2.54 -15.89
N THR B 219 -15.16 2.72 -15.29
CA THR B 219 -14.99 2.68 -13.83
C THR B 219 -15.74 3.83 -13.16
N MET B 220 -15.66 5.06 -13.71
CA MET B 220 -16.35 6.22 -13.11
C MET B 220 -17.86 6.02 -13.22
N LYS B 221 -18.33 5.45 -14.34
CA LYS B 221 -19.75 5.15 -14.56
C LYS B 221 -20.25 4.12 -13.56
N LYS B 222 -19.52 3.00 -13.38
CA LYS B 222 -19.90 1.91 -12.48
C LYS B 222 -19.91 2.32 -11.01
N HIS B 223 -18.98 3.22 -10.59
CA HIS B 223 -18.88 3.56 -9.17
C HIS B 223 -19.37 4.95 -8.81
N ARG B 224 -20.10 5.61 -9.73
CA ARG B 224 -20.68 6.94 -9.48
C ARG B 224 -21.70 6.91 -8.31
N ILE C 1 -10.20 -31.49 -28.42
CA ILE C 1 -9.19 -32.23 -27.65
C ILE C 1 -8.50 -33.20 -28.59
N ILE C 2 -7.18 -33.11 -28.69
CA ILE C 2 -6.38 -33.99 -29.53
C ILE C 2 -5.89 -35.16 -28.65
N ASP C 3 -6.01 -36.40 -29.15
CA ASP C 3 -5.54 -37.66 -28.55
C ASP C 3 -6.15 -37.91 -27.15
N GLY C 4 -7.40 -37.56 -27.01
CA GLY C 4 -8.15 -37.79 -25.78
C GLY C 4 -9.13 -38.94 -25.94
N ALA C 5 -10.07 -39.04 -25.01
CA ALA C 5 -11.07 -40.09 -25.02
C ALA C 5 -12.36 -39.54 -24.40
N PRO C 6 -13.55 -40.11 -24.68
CA PRO C 6 -14.77 -39.59 -24.02
C PRO C 6 -14.65 -39.56 -22.50
N CYS C 7 -15.02 -38.42 -21.86
CA CYS C 7 -14.99 -38.33 -20.37
C CYS C 7 -16.02 -39.32 -19.84
N ALA C 8 -15.80 -39.86 -18.63
CA ALA C 8 -16.77 -40.73 -17.96
C ALA C 8 -18.06 -39.91 -17.75
N ARG C 9 -19.20 -40.52 -18.05
CA ARG C 9 -20.52 -39.87 -17.93
C ARG C 9 -20.72 -39.30 -16.52
N GLY C 10 -21.12 -38.04 -16.43
CA GLY C 10 -21.36 -37.36 -15.16
C GLY C 10 -20.14 -36.89 -14.37
N SER C 11 -18.92 -37.03 -14.91
CA SER C 11 -17.71 -36.62 -14.17
C SER C 11 -17.33 -35.12 -14.37
N HIS C 12 -18.04 -34.42 -15.25
CA HIS C 12 -17.76 -33.00 -15.51
C HIS C 12 -19.03 -32.15 -15.37
N PRO C 13 -19.71 -32.18 -14.20
CA PRO C 13 -20.96 -31.42 -14.08
C PRO C 13 -20.77 -29.91 -14.05
N TRP C 14 -19.52 -29.42 -13.92
CA TRP C 14 -19.18 -27.98 -13.93
C TRP C 14 -18.79 -27.50 -15.35
N GLN C 15 -18.68 -28.42 -16.30
CA GLN C 15 -18.39 -28.07 -17.69
C GLN C 15 -19.68 -27.54 -18.36
N VAL C 16 -19.55 -26.42 -19.08
CA VAL C 16 -20.64 -25.89 -19.92
C VAL C 16 -20.10 -25.73 -21.37
N ALA C 17 -20.99 -25.53 -22.34
CA ALA C 17 -20.58 -25.18 -23.70
C ALA C 17 -21.29 -23.88 -24.02
N LEU C 18 -20.63 -22.98 -24.72
CA LEU C 18 -21.22 -21.76 -25.19
C LEU C 18 -21.50 -22.00 -26.67
N LEU C 19 -22.76 -21.87 -27.07
CA LEU C 19 -23.22 -22.07 -28.42
C LEU C 19 -23.72 -20.78 -29.07
N SER C 20 -23.56 -20.74 -30.37
CA SER C 20 -24.03 -19.67 -31.23
C SER C 20 -24.65 -20.36 -32.42
N GLY C 21 -25.91 -20.09 -32.66
CA GLY C 21 -26.65 -20.73 -33.72
C GLY C 21 -26.64 -22.26 -33.66
N ASN C 22 -26.70 -22.80 -32.46
CA ASN C 22 -26.69 -24.22 -32.18
C ASN C 22 -25.38 -24.93 -32.54
N GLN C 23 -24.34 -24.15 -32.72
CA GLN C 23 -23.01 -24.62 -33.04
C GLN C 23 -22.07 -24.34 -31.87
N LEU C 24 -21.11 -25.20 -31.66
CA LEU C 24 -20.17 -24.96 -30.59
C LEU C 24 -19.30 -23.73 -30.85
N HIS C 25 -19.27 -22.83 -29.88
CA HIS C 25 -18.43 -21.66 -29.92
C HIS C 25 -17.21 -21.84 -29.00
N CYS C 26 -17.43 -22.10 -27.73
CA CYS C 26 -16.36 -22.23 -26.74
C CYS C 26 -16.81 -23.18 -25.61
N GLY C 27 -15.86 -23.57 -24.78
CA GLY C 27 -16.11 -24.25 -23.52
C GLY C 27 -16.24 -23.20 -22.41
N GLY C 28 -16.57 -23.63 -21.22
CA GLY C 28 -16.67 -22.74 -20.07
C GLY C 28 -16.88 -23.57 -18.84
N VAL C 29 -16.96 -22.91 -17.67
CA VAL C 29 -17.17 -23.59 -16.39
C VAL C 29 -18.23 -22.89 -15.62
N LEU C 30 -19.04 -23.65 -14.88
CA LEU C 30 -20.08 -23.07 -14.05
C LEU C 30 -19.44 -22.66 -12.71
N VAL C 31 -19.49 -21.35 -12.36
CA VAL C 31 -18.92 -20.85 -11.08
C VAL C 31 -19.98 -20.93 -9.97
N ASN C 32 -21.19 -20.48 -10.28
CA ASN C 32 -22.34 -20.54 -9.39
C ASN C 32 -23.59 -20.51 -10.25
N GLU C 33 -24.78 -20.53 -9.63
CA GLU C 33 -26.09 -20.53 -10.31
C GLU C 33 -26.26 -19.44 -11.35
N ARG C 34 -25.60 -18.29 -11.17
CA ARG C 34 -25.74 -17.13 -12.07
C ARG C 34 -24.59 -16.91 -13.06
N TRP C 35 -23.42 -17.55 -12.84
CA TRP C 35 -22.23 -17.20 -13.59
C TRP C 35 -21.41 -18.31 -14.19
N VAL C 36 -20.94 -18.07 -15.42
CA VAL C 36 -20.05 -18.95 -16.14
C VAL C 36 -18.73 -18.20 -16.35
N LEU C 37 -17.61 -18.91 -16.22
CA LEU C 37 -16.26 -18.44 -16.45
C LEU C 37 -15.75 -19.08 -17.72
N THR C 38 -15.19 -18.26 -18.62
CA THR C 38 -14.66 -18.72 -19.90
C THR C 38 -13.51 -17.79 -20.32
N ALA C 39 -13.00 -17.93 -21.57
CA ALA C 39 -11.94 -17.05 -22.07
C ALA C 39 -12.56 -15.76 -22.61
N ALA C 40 -11.81 -14.66 -22.58
CA ALA C 40 -12.24 -13.36 -23.12
C ALA C 40 -12.32 -13.39 -24.62
N HIS C 41 -11.68 -14.39 -25.21
N HIS C 41 -11.68 -14.39 -25.21
CA HIS C 41 -11.66 -14.60 -26.66
CA HIS C 41 -11.66 -14.59 -26.67
C HIS C 41 -13.03 -15.06 -27.18
C HIS C 41 -13.03 -15.07 -27.19
N CYS C 42 -13.80 -15.67 -26.31
CA CYS C 42 -15.10 -16.16 -26.60
C CYS C 42 -16.23 -15.11 -26.55
N LYS C 43 -15.89 -13.85 -26.35
CA LYS C 43 -16.86 -12.76 -26.28
C LYS C 43 -17.89 -12.75 -27.42
N MET C 44 -19.17 -12.69 -27.03
CA MET C 44 -20.30 -12.53 -27.97
C MET C 44 -21.33 -11.58 -27.31
N ASN C 45 -22.29 -11.07 -28.09
CA ASN C 45 -23.37 -10.20 -27.59
C ASN C 45 -24.39 -11.03 -26.85
N GLU C 46 -24.61 -12.26 -27.32
CA GLU C 46 -25.57 -13.19 -26.73
C GLU C 46 -24.96 -14.56 -26.72
N TYR C 47 -25.32 -15.38 -25.73
CA TYR C 47 -24.84 -16.77 -25.69
C TYR C 47 -26.02 -17.67 -25.42
N THR C 48 -25.91 -18.93 -25.84
CA THR C 48 -26.77 -20.02 -25.44
C THR C 48 -25.83 -20.94 -24.65
N VAL C 49 -26.12 -21.14 -23.37
CA VAL C 49 -25.27 -21.94 -22.49
C VAL C 49 -25.86 -23.36 -22.36
N HIS C 50 -25.09 -24.38 -22.76
CA HIS C 50 -25.49 -25.78 -22.61
C HIS C 50 -24.90 -26.22 -21.28
N LEU C 51 -25.72 -26.83 -20.39
CA LEU C 51 -25.26 -27.36 -19.09
C LEU C 51 -25.88 -28.73 -18.86
N GLY C 52 -25.24 -29.56 -18.03
CA GLY C 52 -25.85 -30.81 -17.60
C GLY C 52 -25.92 -32.01 -18.51
N SER C 53 -25.00 -32.13 -19.47
CA SER C 53 -24.91 -33.31 -20.33
C SER C 53 -23.56 -33.37 -20.99
N ASP C 54 -23.01 -34.58 -21.07
CA ASP C 54 -21.72 -34.79 -21.74
C ASP C 54 -21.92 -34.82 -23.25
N THR C 55 -23.17 -34.83 -23.70
CA THR C 55 -23.49 -34.88 -25.12
C THR C 55 -24.16 -33.60 -25.56
N LEU C 56 -23.60 -32.93 -26.57
CA LEU C 56 -24.28 -31.76 -27.12
C LEU C 56 -25.53 -32.28 -27.85
N GLY C 57 -26.69 -31.69 -27.56
CA GLY C 57 -27.96 -32.11 -28.15
C GLY C 57 -28.77 -33.08 -27.31
N ASP C 58 -28.31 -33.42 -26.10
CA ASP C 58 -29.05 -34.32 -25.20
C ASP C 58 -30.26 -33.54 -24.74
N ARG C 59 -31.48 -34.11 -24.90
CA ARG C 59 -32.74 -33.44 -24.50
C ARG C 59 -32.77 -33.06 -23.02
N ARG C 60 -32.03 -33.81 -22.20
CA ARG C 60 -31.96 -33.64 -20.75
C ARG C 60 -31.10 -32.44 -20.33
N ALA C 61 -30.30 -31.88 -21.26
CA ALA C 61 -29.45 -30.73 -20.94
C ALA C 61 -30.29 -29.47 -20.72
N GLN C 62 -29.77 -28.58 -19.89
CA GLN C 62 -30.34 -27.29 -19.68
C GLN C 62 -29.75 -26.37 -20.74
N ARG C 63 -30.52 -25.43 -21.21
CA ARG C 63 -30.07 -24.45 -22.16
C ARG C 63 -30.54 -23.14 -21.58
N ILE C 64 -29.62 -22.24 -21.31
CA ILE C 64 -29.91 -20.98 -20.69
C ILE C 64 -29.26 -19.84 -21.48
N LYS C 65 -30.02 -18.82 -21.80
CA LYS C 65 -29.53 -17.65 -22.52
C LYS C 65 -28.75 -16.76 -21.56
N ALA C 66 -27.75 -16.06 -22.09
CA ALA C 66 -26.95 -15.12 -21.33
C ALA C 66 -26.80 -13.88 -22.21
N SER C 67 -27.22 -12.71 -21.72
CA SER C 67 -27.17 -11.47 -22.50
C SER C 67 -26.09 -10.49 -22.04
N LYS C 68 -25.40 -10.81 -20.94
CA LYS C 68 -24.36 -9.92 -20.41
C LYS C 68 -23.09 -10.73 -20.15
N SER C 69 -21.94 -10.10 -20.40
CA SER C 69 -20.60 -10.66 -20.19
C SER C 69 -19.59 -9.55 -19.93
N PHE C 70 -18.54 -9.91 -19.20
CA PHE C 70 -17.52 -8.99 -18.71
C PHE C 70 -16.12 -9.54 -18.88
N ARG C 71 -15.40 -9.00 -19.84
CA ARG C 71 -14.02 -9.47 -20.05
C ARG C 71 -13.13 -8.80 -19.03
N HIS C 72 -12.03 -9.45 -18.64
CA HIS C 72 -11.04 -8.84 -17.75
C HIS C 72 -10.59 -7.58 -18.48
N PRO C 73 -10.53 -6.40 -17.83
CA PRO C 73 -10.15 -5.18 -18.59
C PRO C 73 -8.72 -5.18 -19.11
N GLY C 74 -7.89 -6.07 -18.60
CA GLY C 74 -6.52 -6.20 -19.08
C GLY C 74 -6.38 -7.06 -20.33
N TYR C 75 -7.51 -7.60 -20.86
CA TYR C 75 -7.44 -8.49 -22.03
C TYR C 75 -6.92 -7.83 -23.31
N SER C 76 -6.04 -8.55 -24.03
CA SER C 76 -5.51 -8.09 -25.31
C SER C 76 -5.64 -9.19 -26.33
N THR C 77 -6.18 -8.86 -27.51
CA THR C 77 -6.31 -9.77 -28.63
C THR C 77 -4.93 -9.96 -29.34
N GLN C 78 -3.95 -9.09 -29.06
CA GLN C 78 -2.61 -9.18 -29.65
C GLN C 78 -1.79 -10.30 -29.03
N THR C 79 -1.79 -10.37 -27.68
CA THR C 79 -0.97 -11.29 -26.90
C THR C 79 -1.75 -12.32 -26.12
N HIS C 80 -3.07 -12.13 -25.99
CA HIS C 80 -3.96 -13.02 -25.23
C HIS C 80 -3.69 -12.98 -23.74
N VAL C 81 -2.99 -11.94 -23.24
CA VAL C 81 -2.80 -11.79 -21.78
C VAL C 81 -4.20 -11.52 -21.16
N ASN C 82 -4.45 -11.99 -19.91
CA ASN C 82 -5.73 -11.80 -19.19
C ASN C 82 -6.92 -12.31 -19.97
N ASP C 83 -6.76 -13.53 -20.51
CA ASP C 83 -7.81 -14.12 -21.33
C ASP C 83 -8.89 -14.77 -20.46
N LEU C 84 -9.78 -13.97 -19.89
CA LEU C 84 -10.85 -14.50 -19.06
C LEU C 84 -12.02 -13.55 -19.06
N MET C 85 -13.21 -14.12 -18.89
CA MET C 85 -14.48 -13.39 -18.97
C MET C 85 -15.51 -14.12 -18.16
N LEU C 86 -16.42 -13.33 -17.56
CA LEU C 86 -17.55 -13.83 -16.80
C LEU C 86 -18.79 -13.59 -17.61
N VAL C 87 -19.62 -14.64 -17.76
CA VAL C 87 -20.87 -14.61 -18.52
C VAL C 87 -22.01 -14.71 -17.51
N LYS C 88 -22.91 -13.72 -17.50
CA LYS C 88 -24.02 -13.68 -16.56
C LYS C 88 -25.28 -14.36 -17.20
N LEU C 89 -25.73 -15.47 -16.59
CA LEU C 89 -26.91 -16.19 -17.10
C LEU C 89 -28.16 -15.35 -16.86
N ASN C 90 -29.10 -15.37 -17.83
CA ASN C 90 -30.35 -14.61 -17.76
C ASN C 90 -31.26 -15.13 -16.66
N SER C 91 -31.22 -16.45 -16.44
CA SER C 91 -31.95 -17.12 -15.36
C SER C 91 -30.95 -18.08 -14.67
N GLN C 92 -31.24 -18.47 -13.43
CA GLN C 92 -30.36 -19.33 -12.65
C GLN C 92 -30.27 -20.74 -13.18
N ALA C 93 -29.04 -21.31 -13.19
CA ALA C 93 -28.83 -22.71 -13.55
C ALA C 93 -29.42 -23.55 -12.40
N ARG C 94 -30.11 -24.64 -12.74
CA ARG C 94 -30.69 -25.50 -11.73
C ARG C 94 -29.64 -26.57 -11.37
N LEU C 95 -29.12 -26.51 -10.13
CA LEU C 95 -28.13 -27.50 -9.68
C LEU C 95 -28.76 -28.88 -9.57
N SER C 96 -28.00 -29.91 -9.99
CA SER C 96 -28.48 -31.29 -10.05
C SER C 96 -27.32 -32.26 -10.01
N SER C 97 -27.57 -33.56 -10.29
CA SER C 97 -26.50 -34.56 -10.34
C SER C 97 -25.60 -34.27 -11.54
N MET C 98 -26.13 -33.58 -12.56
CA MET C 98 -25.37 -33.25 -13.77
C MET C 98 -24.90 -31.78 -13.87
N VAL C 99 -25.35 -30.91 -12.94
CA VAL C 99 -25.01 -29.47 -12.92
C VAL C 99 -24.48 -29.05 -11.54
N LYS C 100 -23.18 -28.79 -11.43
CA LYS C 100 -22.55 -28.41 -10.15
C LYS C 100 -21.55 -27.28 -10.37
N LYS C 101 -21.23 -26.58 -9.29
CA LYS C 101 -20.25 -25.51 -9.30
C LYS C 101 -18.83 -26.08 -9.35
N VAL C 102 -17.97 -25.47 -10.13
CA VAL C 102 -16.54 -25.85 -10.18
C VAL C 102 -15.87 -25.40 -8.84
N ARG C 103 -14.79 -26.07 -8.41
CA ARG C 103 -14.06 -25.61 -7.23
C ARG C 103 -12.97 -24.65 -7.71
N LEU C 104 -13.09 -23.35 -7.34
CA LEU C 104 -12.07 -22.36 -7.72
C LEU C 104 -10.82 -22.60 -6.85
N PRO C 105 -9.61 -22.26 -7.34
CA PRO C 105 -8.41 -22.56 -6.56
C PRO C 105 -8.15 -21.52 -5.49
N SER C 106 -7.42 -21.93 -4.44
CA SER C 106 -6.90 -21.03 -3.41
C SER C 106 -5.38 -20.87 -3.64
N ARG C 107 -4.74 -21.89 -4.16
CA ARG C 107 -3.32 -21.93 -4.47
C ARG C 107 -3.03 -22.26 -5.93
N CYS C 108 -1.81 -22.05 -6.37
CA CYS C 108 -1.36 -22.39 -7.71
C CYS C 108 -0.67 -23.73 -7.68
N GLU C 109 -1.04 -24.65 -8.55
CA GLU C 109 -0.38 -25.94 -8.56
C GLU C 109 0.94 -25.84 -9.30
N PRO C 110 1.96 -26.56 -8.84
CA PRO C 110 3.31 -26.39 -9.41
C PRO C 110 3.57 -27.15 -10.71
N PRO C 111 4.73 -26.89 -11.38
CA PRO C 111 5.07 -27.68 -12.58
C PRO C 111 5.20 -29.17 -12.24
N GLY C 112 4.68 -30.00 -13.13
CA GLY C 112 4.73 -31.44 -12.96
C GLY C 112 3.43 -32.06 -12.48
N THR C 113 2.48 -31.21 -11.98
CA THR C 113 1.16 -31.68 -11.51
C THR C 113 0.39 -32.26 -12.69
N THR C 114 -0.34 -33.39 -12.47
CA THR C 114 -1.23 -34.02 -13.47
C THR C 114 -2.56 -33.28 -13.42
N CYS C 115 -3.11 -32.97 -14.59
CA CYS C 115 -4.33 -32.23 -14.78
C CYS C 115 -5.14 -32.93 -15.84
N THR C 116 -6.39 -32.51 -15.99
CA THR C 116 -7.27 -33.00 -17.05
C THR C 116 -7.88 -31.78 -17.73
N VAL C 117 -7.82 -31.77 -19.05
CA VAL C 117 -8.46 -30.72 -19.86
C VAL C 117 -9.60 -31.43 -20.65
N SER C 118 -10.73 -30.75 -20.76
CA SER C 118 -11.91 -31.34 -21.39
C SER C 118 -12.60 -30.36 -22.31
N GLY C 119 -13.31 -30.89 -23.29
CA GLY C 119 -14.04 -30.05 -24.22
C GLY C 119 -14.61 -30.80 -25.39
N TRP C 120 -15.38 -30.06 -26.19
CA TRP C 120 -16.06 -30.57 -27.38
C TRP C 120 -15.40 -30.06 -28.65
N GLY C 121 -14.21 -29.47 -28.53
CA GLY C 121 -13.47 -28.95 -29.66
C GLY C 121 -13.02 -30.03 -30.62
N THR C 122 -12.42 -29.62 -31.76
CA THR C 122 -11.96 -30.59 -32.77
C THR C 122 -10.98 -31.63 -32.18
N THR C 123 -11.07 -32.87 -32.67
CA THR C 123 -10.19 -33.97 -32.22
C THR C 123 -9.07 -34.21 -33.23
N THR C 124 -9.07 -33.41 -34.30
CA THR C 124 -8.10 -33.46 -35.39
C THR C 124 -7.68 -32.03 -35.76
N SER C 125 -6.50 -31.91 -36.38
CA SER C 125 -6.00 -30.60 -36.83
C SER C 125 -4.94 -30.84 -37.90
N PRO C 126 -4.89 -30.07 -39.02
CA PRO C 126 -5.70 -28.90 -39.40
C PRO C 126 -7.18 -29.21 -39.75
N ASP C 127 -7.45 -30.37 -40.30
CA ASP C 127 -8.79 -30.77 -40.64
C ASP C 127 -9.61 -30.92 -39.38
N VAL C 128 -10.84 -30.52 -39.42
CA VAL C 128 -11.66 -30.56 -38.24
C VAL C 128 -12.67 -31.69 -38.13
N THR C 129 -12.80 -32.21 -36.91
CA THR C 129 -13.69 -33.28 -36.57
C THR C 129 -14.26 -32.98 -35.20
N PHE C 130 -15.53 -32.60 -35.15
CA PHE C 130 -16.19 -32.24 -33.90
C PHE C 130 -16.99 -33.39 -33.28
N PRO C 131 -16.66 -33.80 -32.05
CA PRO C 131 -17.37 -34.89 -31.40
C PRO C 131 -18.66 -34.42 -30.75
N SER C 132 -19.58 -35.34 -30.58
CA SER C 132 -20.84 -35.05 -29.89
C SER C 132 -20.62 -35.17 -28.37
N ASP C 133 -19.74 -36.11 -27.97
CA ASP C 133 -19.46 -36.36 -26.55
C ASP C 133 -18.26 -35.59 -26.02
N LEU C 134 -18.33 -35.17 -24.76
CA LEU C 134 -17.26 -34.46 -24.08
C LEU C 134 -15.98 -35.33 -24.03
N MET C 135 -14.87 -34.79 -24.58
CA MET C 135 -13.56 -35.45 -24.61
C MET C 135 -12.68 -34.93 -23.47
N CYS C 136 -11.81 -35.82 -22.95
CA CYS C 136 -10.89 -35.61 -21.83
C CYS C 136 -9.51 -36.01 -22.26
N VAL C 137 -8.51 -35.37 -21.68
CA VAL C 137 -7.12 -35.77 -21.83
C VAL C 137 -6.33 -35.36 -20.58
N ASP C 138 -5.43 -36.21 -20.12
CA ASP C 138 -4.57 -35.85 -18.99
C ASP C 138 -3.31 -35.20 -19.52
N VAL C 139 -2.93 -34.07 -18.92
CA VAL C 139 -1.71 -33.36 -19.28
C VAL C 139 -1.02 -32.99 -17.95
N LYS C 140 0.24 -32.55 -18.03
CA LYS C 140 1.01 -32.14 -16.87
C LYS C 140 1.40 -30.68 -17.00
N LEU C 141 1.48 -29.96 -15.88
CA LEU C 141 1.92 -28.57 -15.88
C LEU C 141 3.39 -28.49 -16.22
N ILE C 142 3.72 -27.58 -17.13
CA ILE C 142 5.08 -27.37 -17.63
C ILE C 142 5.57 -26.02 -17.10
N SER C 143 6.81 -25.95 -16.56
CA SER C 143 7.33 -24.71 -15.98
C SER C 143 7.39 -23.52 -16.96
N PRO C 144 7.25 -22.26 -16.45
CA PRO C 144 7.40 -21.09 -17.34
C PRO C 144 8.74 -21.10 -18.06
N GLN C 145 9.80 -21.60 -17.40
CA GLN C 145 11.14 -21.74 -17.98
C GLN C 145 11.15 -22.67 -19.19
N ASP C 146 10.52 -23.86 -19.11
CA ASP C 146 10.48 -24.78 -20.24
C ASP C 146 9.54 -24.24 -21.31
N CYS C 147 8.43 -23.64 -20.90
CA CYS C 147 7.47 -23.10 -21.85
C CYS C 147 8.03 -21.92 -22.67
N THR C 148 8.89 -21.10 -22.05
CA THR C 148 9.56 -19.95 -22.66
C THR C 148 10.49 -20.38 -23.80
N LYS C 149 11.02 -21.61 -23.75
CA LYS C 149 11.83 -22.18 -24.81
C LYS C 149 11.05 -22.21 -26.13
N VAL C 150 9.72 -22.41 -26.04
CA VAL C 150 8.84 -22.53 -27.21
C VAL C 150 8.24 -21.17 -27.60
N TYR C 151 7.64 -20.45 -26.63
CA TYR C 151 6.88 -19.22 -26.92
C TYR C 151 7.60 -17.89 -26.64
N LYS C 152 8.80 -17.94 -26.05
CA LYS C 152 9.62 -16.74 -25.79
C LYS C 152 8.87 -15.68 -24.96
N ASP C 153 9.01 -14.39 -25.32
CA ASP C 153 8.42 -13.25 -24.62
C ASP C 153 6.89 -13.15 -24.76
N LEU C 154 6.26 -14.00 -25.57
CA LEU C 154 4.80 -13.97 -25.72
C LEU C 154 4.10 -14.40 -24.40
N LEU C 155 4.79 -15.25 -23.63
CA LEU C 155 4.33 -15.82 -22.37
C LEU C 155 4.34 -14.82 -21.21
N GLU C 156 3.24 -14.75 -20.49
CA GLU C 156 3.14 -13.90 -19.32
C GLU C 156 3.09 -14.75 -18.05
N ASN C 157 3.34 -14.13 -16.91
CA ASN C 157 3.30 -14.84 -15.65
C ASN C 157 1.93 -15.33 -15.17
N SER C 158 0.86 -14.82 -15.73
CA SER C 158 -0.48 -15.25 -15.43
C SER C 158 -0.97 -16.28 -16.48
N MET C 159 -0.05 -16.79 -17.28
CA MET C 159 -0.36 -17.87 -18.22
C MET C 159 0.25 -19.16 -17.68
N LEU C 160 -0.44 -20.26 -17.92
CA LEU C 160 -0.02 -21.55 -17.47
C LEU C 160 0.09 -22.50 -18.67
N CYS C 161 1.20 -23.21 -18.74
CA CYS C 161 1.41 -24.18 -19.79
C CYS C 161 1.22 -25.65 -19.33
N ALA C 162 0.72 -26.49 -20.22
CA ALA C 162 0.51 -27.90 -19.93
C ALA C 162 0.62 -28.75 -21.19
N GLY C 163 1.02 -30.00 -21.02
CA GLY C 163 1.16 -30.96 -22.11
C GLY C 163 1.87 -32.21 -21.64
N ILE C 164 2.15 -33.13 -22.54
CA ILE C 164 2.87 -34.37 -22.24
C ILE C 164 4.11 -34.37 -23.16
N PRO C 165 5.33 -34.66 -22.63
CA PRO C 165 6.53 -34.67 -23.51
C PRO C 165 6.31 -35.60 -24.70
N ASP C 166 6.73 -35.17 -25.90
CA ASP C 166 6.65 -35.89 -27.18
C ASP C 166 5.25 -36.38 -27.55
N SER C 167 4.21 -35.70 -27.08
CA SER C 167 2.85 -36.15 -27.26
C SER C 167 1.97 -35.13 -27.93
N LYS C 168 0.98 -35.63 -28.69
CA LYS C 168 0.01 -34.80 -29.40
C LYS C 168 -1.11 -34.34 -28.47
N LYS C 169 -1.21 -34.93 -27.26
CA LYS C 169 -2.26 -34.68 -26.27
C LYS C 169 -2.38 -33.21 -25.99
N ASN C 170 -3.55 -32.64 -26.33
CA ASN C 170 -3.69 -31.19 -26.17
C ASN C 170 -5.10 -30.72 -26.39
N ALA C 171 -5.34 -29.41 -26.16
CA ALA C 171 -6.62 -28.76 -26.45
C ALA C 171 -6.51 -28.14 -27.87
N CYS C 172 -7.65 -27.89 -28.50
CA CYS C 172 -7.70 -27.32 -29.84
C CYS C 172 -8.95 -26.42 -29.98
N ASN C 173 -9.18 -25.87 -31.19
CA ASN C 173 -10.29 -24.98 -31.49
C ASN C 173 -11.64 -25.54 -31.03
N GLY C 174 -12.38 -24.73 -30.28
CA GLY C 174 -13.67 -25.09 -29.71
C GLY C 174 -13.54 -25.48 -28.26
N ASP C 175 -12.31 -25.83 -27.82
CA ASP C 175 -12.07 -26.15 -26.40
C ASP C 175 -11.82 -24.86 -25.63
N SER C 176 -11.51 -23.78 -26.34
CA SER C 176 -11.17 -22.46 -25.78
C SER C 176 -12.16 -22.09 -24.68
N GLY C 177 -11.61 -21.63 -23.56
CA GLY C 177 -12.42 -21.19 -22.44
C GLY C 177 -12.79 -22.29 -21.48
N GLY C 178 -12.56 -23.55 -21.89
CA GLY C 178 -12.84 -24.77 -21.13
C GLY C 178 -11.88 -25.03 -19.99
N PRO C 179 -12.23 -25.98 -19.09
CA PRO C 179 -11.43 -26.17 -17.87
C PRO C 179 -10.19 -27.06 -17.93
N LEU C 180 -9.16 -26.67 -17.18
CA LEU C 180 -7.97 -27.46 -16.91
C LEU C 180 -8.03 -27.64 -15.36
N VAL C 181 -8.34 -28.87 -14.90
CA VAL C 181 -8.49 -29.18 -13.47
C VAL C 181 -7.30 -30.03 -12.99
N CYS C 182 -6.70 -29.64 -11.86
CA CYS C 182 -5.54 -30.29 -11.27
C CYS C 182 -5.85 -30.45 -9.81
N ARG C 183 -5.77 -31.70 -9.34
CA ARG C 183 -5.94 -32.02 -7.92
C ARG C 183 -7.17 -31.41 -7.29
N GLY C 184 -8.29 -31.51 -8.02
CA GLY C 184 -9.57 -31.04 -7.53
C GLY C 184 -9.92 -29.58 -7.71
N THR C 185 -9.02 -28.76 -8.30
CA THR C 185 -9.38 -27.34 -8.46
C THR C 185 -9.19 -26.89 -9.89
N LEU C 186 -9.90 -25.86 -10.27
CA LEU C 186 -9.75 -25.28 -11.59
C LEU C 186 -8.47 -24.47 -11.64
N GLN C 187 -7.51 -24.90 -12.43
CA GLN C 187 -6.24 -24.21 -12.54
C GLN C 187 -6.04 -23.40 -13.82
N GLY C 188 -6.71 -23.81 -14.87
CA GLY C 188 -6.63 -23.13 -16.12
C GLY C 188 -7.86 -23.03 -16.99
N LEU C 189 -7.85 -22.07 -17.88
CA LEU C 189 -8.90 -22.00 -18.90
C LEU C 189 -8.16 -22.10 -20.24
N VAL C 190 -8.63 -22.98 -21.16
CA VAL C 190 -7.99 -23.15 -22.48
C VAL C 190 -7.90 -21.78 -23.15
N SER C 191 -6.68 -21.40 -23.56
CA SER C 191 -6.51 -20.06 -24.17
C SER C 191 -5.93 -20.11 -25.57
N TRP C 192 -4.68 -20.59 -25.75
CA TRP C 192 -4.07 -20.62 -27.09
C TRP C 192 -2.97 -21.65 -27.15
N GLY C 193 -2.40 -21.82 -28.35
CA GLY C 193 -1.33 -22.78 -28.60
C GLY C 193 -0.87 -22.68 -30.02
N THR C 194 -0.16 -23.69 -30.50
CA THR C 194 0.28 -23.64 -31.90
C THR C 194 -0.84 -24.16 -32.83
N PHE C 195 -0.71 -23.83 -34.11
CA PHE C 195 -1.61 -24.26 -35.15
C PHE C 195 -0.77 -24.76 -36.29
N PRO C 196 -1.03 -25.97 -36.80
CA PRO C 196 -2.07 -26.93 -36.34
C PRO C 196 -1.87 -27.37 -34.90
N CYS C 197 -2.97 -27.77 -34.24
CA CYS C 197 -2.97 -28.29 -32.86
C CYS C 197 -2.27 -29.64 -32.80
N GLY C 198 -2.00 -30.04 -31.56
CA GLY C 198 -1.43 -31.33 -31.23
C GLY C 198 -0.04 -31.57 -31.75
N GLN C 199 0.81 -30.53 -31.76
CA GLN C 199 2.20 -30.71 -32.20
C GLN C 199 2.99 -31.16 -31.00
N PRO C 200 3.72 -32.28 -31.09
CA PRO C 200 4.47 -32.74 -29.89
C PRO C 200 5.48 -31.71 -29.45
N ASN C 201 5.55 -31.48 -28.13
CA ASN C 201 6.49 -30.54 -27.50
C ASN C 201 6.13 -29.05 -27.72
N ASP C 202 4.88 -28.78 -28.17
CA ASP C 202 4.32 -27.42 -28.22
C ASP C 202 3.26 -27.38 -27.15
N PRO C 203 3.57 -26.83 -25.95
CA PRO C 203 2.58 -26.86 -24.86
C PRO C 203 1.28 -26.11 -25.18
N GLY C 204 0.17 -26.49 -24.55
CA GLY C 204 -1.04 -25.70 -24.64
C GLY C 204 -0.92 -24.58 -23.62
N VAL C 205 -1.44 -23.40 -23.91
CA VAL C 205 -1.40 -22.24 -23.00
C VAL C 205 -2.78 -21.93 -22.49
N TYR C 206 -2.83 -21.75 -21.17
CA TYR C 206 -3.98 -21.51 -20.41
C TYR C 206 -3.93 -20.26 -19.52
N THR C 207 -5.08 -19.70 -19.23
CA THR C 207 -5.17 -18.56 -18.30
C THR C 207 -5.01 -19.18 -16.91
N GLN C 208 -4.08 -18.69 -16.13
CA GLN C 208 -3.83 -19.21 -14.81
C GLN C 208 -4.83 -18.68 -13.79
N VAL C 209 -5.91 -19.42 -13.60
CA VAL C 209 -7.00 -19.03 -12.75
C VAL C 209 -6.67 -18.57 -11.32
N CYS C 210 -5.65 -19.15 -10.69
CA CYS C 210 -5.20 -18.77 -9.36
C CYS C 210 -4.73 -17.30 -9.23
N LYS C 211 -4.36 -16.66 -10.32
CA LYS C 211 -3.94 -15.28 -10.35
C LYS C 211 -5.07 -14.25 -10.48
N PHE C 212 -6.32 -14.73 -10.62
CA PHE C 212 -7.51 -13.92 -10.87
C PHE C 212 -8.71 -14.02 -9.90
N THR C 213 -8.50 -14.73 -8.81
CA THR C 213 -9.48 -14.91 -7.77
C THR C 213 -10.20 -13.63 -7.36
N LYS C 214 -9.44 -12.60 -7.02
CA LYS C 214 -10.00 -11.30 -6.61
C LYS C 214 -10.93 -10.69 -7.68
N TRP C 215 -10.44 -10.58 -8.93
CA TRP C 215 -11.24 -10.04 -10.03
C TRP C 215 -12.49 -10.87 -10.25
N ILE C 216 -12.39 -12.19 -10.23
CA ILE C 216 -13.55 -13.08 -10.42
C ILE C 216 -14.60 -12.78 -9.34
N ASN C 217 -14.19 -12.81 -8.05
CA ASN C 217 -15.14 -12.59 -6.96
C ASN C 217 -15.73 -11.15 -6.95
N ASP C 218 -14.89 -10.10 -7.17
CA ASP C 218 -15.34 -8.71 -7.21
C ASP C 218 -16.35 -8.45 -8.34
N THR C 219 -16.08 -9.00 -9.54
CA THR C 219 -16.90 -8.81 -10.74
C THR C 219 -18.30 -9.40 -10.54
N MET C 220 -18.38 -10.62 -9.95
CA MET C 220 -19.67 -11.26 -9.69
C MET C 220 -20.50 -10.46 -8.70
N LYS C 221 -19.86 -9.94 -7.63
CA LYS C 221 -20.52 -9.14 -6.61
C LYS C 221 -21.00 -7.82 -7.21
N LYS C 222 -20.13 -7.13 -7.99
CA LYS C 222 -20.45 -5.83 -8.61
C LYS C 222 -21.59 -5.95 -9.64
N HIS C 223 -21.64 -7.07 -10.41
CA HIS C 223 -22.64 -7.23 -11.47
C HIS C 223 -23.77 -8.20 -11.13
N ARG C 224 -23.92 -8.57 -9.84
CA ARG C 224 -24.99 -9.45 -9.32
C ARG C 224 -26.35 -8.77 -9.45
N ILE D 1 8.96 32.18 29.38
CA ILE D 1 8.75 33.05 28.21
C ILE D 1 9.67 34.29 28.36
N ILE D 2 10.51 34.56 27.36
CA ILE D 2 11.43 35.69 27.36
C ILE D 2 10.83 36.82 26.57
N ASP D 3 10.87 38.04 27.16
CA ASP D 3 10.45 39.33 26.60
C ASP D 3 8.98 39.36 26.20
N GLY D 4 8.15 38.69 26.99
CA GLY D 4 6.70 38.65 26.79
C GLY D 4 5.97 39.51 27.81
N ALA D 5 4.72 39.14 28.12
CA ALA D 5 3.87 39.86 29.08
C ALA D 5 2.82 38.90 29.60
N PRO D 6 2.14 39.15 30.74
CA PRO D 6 1.08 38.21 31.18
C PRO D 6 0.02 38.05 30.08
N CYS D 7 -0.43 36.81 29.84
CA CYS D 7 -1.50 36.53 28.87
C CYS D 7 -2.74 37.27 29.36
N ALA D 8 -3.64 37.66 28.44
CA ALA D 8 -4.91 38.29 28.85
C ALA D 8 -5.61 37.24 29.69
N ARG D 9 -6.21 37.62 30.81
CA ARG D 9 -6.87 36.62 31.67
C ARG D 9 -7.97 35.85 30.93
N GLY D 10 -7.96 34.54 31.08
CA GLY D 10 -8.96 33.65 30.51
C GLY D 10 -8.78 33.31 29.05
N SER D 11 -7.68 33.80 28.40
CA SER D 11 -7.46 33.52 26.97
C SER D 11 -6.78 32.16 26.67
N HIS D 12 -6.36 31.40 27.70
CA HIS D 12 -5.68 30.11 27.47
C HIS D 12 -6.37 28.98 28.27
N PRO D 13 -7.70 28.77 28.09
CA PRO D 13 -8.37 27.72 28.88
C PRO D 13 -7.95 26.28 28.50
N TRP D 14 -7.21 26.13 27.37
CA TRP D 14 -6.71 24.86 26.85
C TRP D 14 -5.30 24.59 27.30
N GLN D 15 -4.68 25.55 27.99
CA GLN D 15 -3.32 25.38 28.48
C GLN D 15 -3.34 24.66 29.83
N VAL D 16 -2.38 23.71 30.01
CA VAL D 16 -2.17 23.02 31.29
C VAL D 16 -0.69 23.17 31.71
N ALA D 17 -0.41 22.85 32.97
CA ALA D 17 0.94 22.74 33.48
C ALA D 17 1.10 21.36 34.07
N LEU D 18 2.26 20.76 33.84
CA LEU D 18 2.60 19.47 34.44
C LEU D 18 3.53 19.78 35.59
N LEU D 19 3.13 19.34 36.78
CA LEU D 19 3.93 19.56 37.98
C LEU D 19 4.56 18.27 38.45
N SER D 20 5.65 18.41 39.18
CA SER D 20 6.40 17.33 39.83
C SER D 20 6.82 17.92 41.17
N GLY D 21 6.39 17.31 42.25
CA GLY D 21 6.71 17.82 43.58
C GLY D 21 6.16 19.23 43.82
N ASN D 22 5.01 19.54 43.24
CA ASN D 22 4.40 20.87 43.34
C ASN D 22 5.22 21.98 42.72
N GLN D 23 6.10 21.61 41.82
CA GLN D 23 6.94 22.49 41.07
C GLN D 23 6.65 22.37 39.56
N LEU D 24 6.79 23.46 38.85
CA LEU D 24 6.54 23.45 37.43
C LEU D 24 7.55 22.55 36.74
N HIS D 25 7.06 21.63 35.92
CA HIS D 25 7.91 20.73 35.16
C HIS D 25 7.89 21.10 33.65
N CYS D 26 6.70 21.21 33.10
CA CYS D 26 6.46 21.44 31.67
C CYS D 26 5.12 22.08 31.46
N GLY D 27 4.93 22.58 30.24
CA GLY D 27 3.65 23.06 29.75
C GLY D 27 2.98 21.91 29.04
N GLY D 28 1.76 22.13 28.58
CA GLY D 28 0.97 21.16 27.83
C GLY D 28 -0.35 21.75 27.40
N VAL D 29 -1.14 20.98 26.65
CA VAL D 29 -2.49 21.40 26.24
C VAL D 29 -3.47 20.29 26.55
N LEU D 30 -4.74 20.64 26.79
CA LEU D 30 -5.78 19.66 27.04
C LEU D 30 -6.37 19.27 25.68
N VAL D 31 -6.27 17.98 25.30
CA VAL D 31 -6.82 17.50 24.00
C VAL D 31 -8.30 17.20 24.20
N ASN D 32 -8.60 16.47 25.25
CA ASN D 32 -9.95 16.20 25.62
C ASN D 32 -10.01 15.96 27.12
N GLU D 33 -11.14 15.49 27.61
CA GLU D 33 -11.32 15.26 29.01
C GLU D 33 -10.41 14.21 29.69
N ARG D 34 -9.82 13.31 28.92
CA ARG D 34 -8.96 12.30 29.41
C ARG D 34 -7.48 12.45 29.06
N TRP D 35 -7.15 13.32 28.11
CA TRP D 35 -5.81 13.44 27.57
C TRP D 35 -5.17 14.81 27.47
N VAL D 36 -3.90 14.85 27.76
CA VAL D 36 -3.07 16.06 27.68
C VAL D 36 -1.97 15.77 26.64
N LEU D 37 -1.64 16.76 25.81
CA LEU D 37 -0.57 16.66 24.82
C LEU D 37 0.60 17.53 25.30
N THR D 38 1.82 16.98 25.27
CA THR D 38 3.01 17.70 25.72
C THR D 38 4.22 17.16 24.95
N ALA D 39 5.42 17.56 25.35
CA ALA D 39 6.66 17.09 24.71
C ALA D 39 7.09 15.76 25.30
N ALA D 40 7.72 14.89 24.51
CA ALA D 40 8.25 13.62 24.98
C ALA D 40 9.40 13.84 25.96
N HIS D 41 9.95 15.04 25.95
N HIS D 41 9.95 15.04 25.95
CA HIS D 41 11.05 15.41 26.86
CA HIS D 41 11.05 15.41 26.86
C HIS D 41 10.57 15.49 28.32
C HIS D 41 10.58 15.51 28.31
N CYS D 42 9.28 15.80 28.47
CA CYS D 42 8.65 15.92 29.72
C CYS D 42 8.25 14.57 30.42
N LYS D 43 8.62 13.44 29.82
CA LYS D 43 8.32 12.11 30.40
C LYS D 43 8.65 11.98 31.91
N MET D 44 7.68 11.46 32.69
CA MET D 44 7.78 11.13 34.11
C MET D 44 6.92 9.87 34.38
N ASN D 45 7.15 9.19 35.53
CA ASN D 45 6.34 8.03 35.92
C ASN D 45 4.97 8.50 36.36
N GLU D 46 4.89 9.68 36.97
CA GLU D 46 3.69 10.28 37.54
C GLU D 46 3.70 11.78 37.26
N TYR D 47 2.52 12.38 37.07
CA TYR D 47 2.34 13.82 36.83
C TYR D 47 1.23 14.33 37.69
N THR D 48 1.28 15.63 38.02
CA THR D 48 0.18 16.35 38.65
C THR D 48 -0.14 17.39 37.61
N VAL D 49 -1.37 17.38 37.07
CA VAL D 49 -1.77 18.27 36.00
C VAL D 49 -2.57 19.45 36.57
N HIS D 50 -2.11 20.68 36.29
CA HIS D 50 -2.81 21.90 36.69
C HIS D 50 -3.64 22.37 35.49
N LEU D 51 -4.94 22.69 35.72
CA LEU D 51 -5.85 23.13 34.66
C LEU D 51 -6.73 24.22 35.24
N GLY D 52 -7.25 25.09 34.37
CA GLY D 52 -8.27 26.03 34.81
C GLY D 52 -7.86 27.28 35.53
N SER D 53 -6.62 27.73 35.37
CA SER D 53 -6.22 29.00 35.95
C SER D 53 -4.95 29.50 35.29
N ASP D 54 -4.89 30.82 35.03
CA ASP D 54 -3.68 31.46 34.52
C ASP D 54 -2.62 31.58 35.64
N THR D 55 -3.03 31.37 36.89
CA THR D 55 -2.11 31.47 38.03
C THR D 55 -1.82 30.12 38.65
N LEU D 56 -0.55 29.70 38.62
CA LEU D 56 -0.15 28.47 39.30
C LEU D 56 -0.32 28.73 40.82
N GLY D 57 -0.88 27.77 41.54
CA GLY D 57 -1.11 27.93 42.97
C GLY D 57 -2.51 28.45 43.28
N ASP D 58 -3.26 28.86 42.24
CA ASP D 58 -4.63 29.36 42.44
C ASP D 58 -5.47 28.22 43.06
N ARG D 59 -6.08 28.47 44.21
CA ARG D 59 -6.88 27.46 44.92
C ARG D 59 -8.03 26.88 44.09
N ARG D 60 -8.55 27.66 43.14
CA ARG D 60 -9.67 27.25 42.29
C ARG D 60 -9.26 26.46 41.04
N ALA D 61 -7.94 26.28 40.81
CA ALA D 61 -7.46 25.48 39.67
C ALA D 61 -7.80 24.01 39.95
N GLN D 62 -7.98 23.24 38.89
CA GLN D 62 -8.19 21.80 38.97
C GLN D 62 -6.81 21.19 39.04
N ARG D 63 -6.68 20.11 39.78
CA ARG D 63 -5.43 19.41 39.94
C ARG D 63 -5.76 17.92 39.77
N ILE D 64 -5.20 17.30 38.74
CA ILE D 64 -5.50 15.92 38.46
C ILE D 64 -4.24 15.09 38.30
N LYS D 65 -4.18 13.94 38.94
CA LYS D 65 -3.04 13.06 38.82
C LYS D 65 -3.07 12.28 37.52
N ALA D 66 -1.92 11.96 36.97
CA ALA D 66 -1.85 11.17 35.74
C ALA D 66 -0.72 10.17 35.91
N SER D 67 -1.03 8.86 35.80
CA SER D 67 -0.04 7.80 36.01
C SER D 67 0.39 7.06 34.74
N LYS D 68 -0.13 7.45 33.57
CA LYS D 68 0.22 6.77 32.32
C LYS D 68 0.52 7.80 31.31
N SER D 69 1.55 7.55 30.49
CA SER D 69 1.92 8.46 29.40
C SER D 69 2.58 7.69 28.27
N PHE D 70 2.47 8.22 27.06
CA PHE D 70 2.92 7.53 25.86
C PHE D 70 3.67 8.47 24.94
N ARG D 71 5.00 8.30 24.84
CA ARG D 71 5.85 9.11 23.96
C ARG D 71 5.67 8.59 22.54
N HIS D 72 5.87 9.46 21.54
CA HIS D 72 5.82 9.00 20.16
C HIS D 72 7.02 8.02 20.01
N PRO D 73 6.83 6.78 19.47
CA PRO D 73 7.97 5.83 19.41
C PRO D 73 9.17 6.31 18.62
N GLY D 74 8.98 7.32 17.77
CA GLY D 74 10.07 7.87 16.97
C GLY D 74 10.90 8.90 17.72
N TYR D 75 10.56 9.19 19.01
CA TYR D 75 11.27 10.18 19.81
C TYR D 75 12.71 9.78 20.04
N SER D 76 13.61 10.75 19.83
CA SER D 76 15.05 10.56 20.07
C SER D 76 15.52 11.63 21.04
N THR D 77 16.11 11.21 22.16
CA THR D 77 16.69 12.12 23.14
C THR D 77 17.97 12.78 22.54
N GLN D 78 18.55 12.20 21.47
CA GLN D 78 19.75 12.77 20.83
C GLN D 78 19.46 14.02 20.01
N THR D 79 18.42 13.97 19.14
CA THR D 79 18.09 15.04 18.20
C THR D 79 16.78 15.77 18.48
N HIS D 80 15.96 15.22 19.39
CA HIS D 80 14.64 15.74 19.77
C HIS D 80 13.60 15.59 18.67
N VAL D 81 13.86 14.72 17.69
CA VAL D 81 12.89 14.46 16.63
C VAL D 81 11.67 13.77 17.28
N ASN D 82 10.47 14.07 16.79
CA ASN D 82 9.19 13.49 17.27
C ASN D 82 9.00 13.72 18.76
N ASP D 83 9.26 14.97 19.18
CA ASP D 83 9.16 15.34 20.58
C ASP D 83 7.70 15.61 20.96
N LEU D 84 6.95 14.53 21.16
CA LEU D 84 5.56 14.65 21.58
C LEU D 84 5.13 13.46 22.39
N MET D 85 4.17 13.68 23.28
CA MET D 85 3.73 12.65 24.21
C MET D 85 2.30 12.93 24.65
N LEU D 86 1.52 11.86 24.84
CA LEU D 86 0.17 11.93 25.36
C LEU D 86 0.16 11.47 26.82
N VAL D 87 -0.47 12.27 27.67
CA VAL D 87 -0.59 12.03 29.10
C VAL D 87 -2.01 11.70 29.43
N LYS D 88 -2.23 10.50 29.98
CA LYS D 88 -3.58 10.06 30.31
C LYS D 88 -3.94 10.42 31.75
N LEU D 89 -4.98 11.28 31.89
CA LEU D 89 -5.46 11.72 33.22
C LEU D 89 -6.14 10.54 33.93
N ASN D 90 -5.91 10.43 35.23
CA ASN D 90 -6.48 9.36 36.02
C ASN D 90 -7.97 9.51 36.17
N SER D 91 -8.46 10.72 36.07
CA SER D 91 -9.87 11.00 36.11
C SER D 91 -10.18 12.14 35.13
N GLN D 92 -11.41 12.22 34.68
CA GLN D 92 -11.80 13.22 33.70
C GLN D 92 -11.64 14.67 34.12
N ALA D 93 -11.15 15.49 33.22
CA ALA D 93 -11.10 16.90 33.47
C ALA D 93 -12.53 17.42 33.36
N ARG D 94 -12.90 18.36 34.22
CA ARG D 94 -14.21 18.99 34.21
C ARG D 94 -14.11 20.24 33.30
N LEU D 95 -14.79 20.23 32.18
CA LEU D 95 -14.75 21.33 31.27
C LEU D 95 -15.61 22.47 31.78
N SER D 96 -15.21 23.70 31.49
CA SER D 96 -15.89 24.93 31.93
C SER D 96 -15.34 26.08 31.08
N SER D 97 -15.74 27.33 31.38
CA SER D 97 -15.18 28.48 30.66
C SER D 97 -13.64 28.58 30.87
N MET D 98 -13.12 27.96 31.96
CA MET D 98 -11.69 28.00 32.30
C MET D 98 -10.93 26.76 31.82
N VAL D 99 -11.65 25.68 31.41
CA VAL D 99 -11.03 24.43 30.99
C VAL D 99 -11.67 24.00 29.66
N LYS D 100 -10.88 24.05 28.58
CA LYS D 100 -11.39 23.80 27.25
C LYS D 100 -10.44 22.94 26.44
N LYS D 101 -10.98 22.15 25.52
CA LYS D 101 -10.18 21.33 24.60
C LYS D 101 -9.50 22.24 23.59
N VAL D 102 -8.23 21.98 23.33
CA VAL D 102 -7.48 22.75 22.34
C VAL D 102 -8.00 22.44 20.89
N ARG D 103 -7.83 23.39 19.97
CA ARG D 103 -8.22 23.09 18.59
C ARG D 103 -6.99 22.56 17.88
N LEU D 104 -7.04 21.27 17.54
CA LEU D 104 -5.95 20.63 16.82
C LEU D 104 -5.98 21.06 15.36
N PRO D 105 -4.82 21.09 14.66
CA PRO D 105 -4.83 21.62 13.30
C PRO D 105 -5.24 20.61 12.26
N SER D 106 -5.77 21.12 11.15
CA SER D 106 -6.06 20.27 10.01
C SER D 106 -5.00 20.55 8.92
N ARG D 107 -4.47 21.76 8.89
CA ARG D 107 -3.45 22.18 7.96
C ARG D 107 -2.24 22.76 8.65
N CYS D 108 -1.15 22.86 7.93
CA CYS D 108 0.04 23.46 8.44
C CYS D 108 0.09 24.95 8.09
N GLU D 109 0.37 25.82 9.06
CA GLU D 109 0.47 27.24 8.76
C GLU D 109 1.82 27.56 8.15
N PRO D 110 1.86 28.47 7.17
CA PRO D 110 3.13 28.74 6.48
C PRO D 110 4.12 29.70 7.17
N PRO D 111 5.41 29.78 6.71
CA PRO D 111 6.32 30.79 7.28
C PRO D 111 5.73 32.20 7.12
N GLY D 112 6.01 33.07 8.08
CA GLY D 112 5.47 34.44 8.07
C GLY D 112 4.24 34.60 8.92
N THR D 113 3.56 33.49 9.29
CA THR D 113 2.35 33.56 10.11
C THR D 113 2.68 34.01 11.55
N THR D 114 1.91 34.97 12.07
CA THR D 114 2.05 35.45 13.45
C THR D 114 1.40 34.43 14.39
N CYS D 115 2.12 34.07 15.46
CA CYS D 115 1.65 33.07 16.42
C CYS D 115 1.89 33.59 17.82
N THR D 116 1.36 32.88 18.83
CA THR D 116 1.58 33.18 20.23
C THR D 116 2.04 31.91 20.93
N VAL D 117 3.11 32.02 21.72
CA VAL D 117 3.60 30.92 22.55
C VAL D 117 3.33 31.37 23.98
N SER D 118 2.88 30.45 24.85
CA SER D 118 2.59 30.78 26.23
C SER D 118 3.18 29.73 27.16
N GLY D 119 3.39 30.15 28.40
CA GLY D 119 3.90 29.25 29.44
C GLY D 119 4.30 29.95 30.73
N TRP D 120 4.61 29.11 31.73
CA TRP D 120 5.03 29.54 33.05
C TRP D 120 6.56 29.35 33.22
N GLY D 121 7.27 29.14 32.11
CA GLY D 121 8.72 28.98 32.12
C GLY D 121 9.45 30.23 32.56
N THR D 122 10.76 30.14 32.76
CA THR D 122 11.56 31.27 33.20
C THR D 122 11.45 32.48 32.24
N THR D 123 11.43 33.68 32.83
CA THR D 123 11.32 34.93 32.08
C THR D 123 12.69 35.59 31.86
N THR D 124 13.73 34.98 32.45
CA THR D 124 15.13 35.42 32.37
C THR D 124 15.98 34.21 32.06
N SER D 125 17.19 34.44 31.53
CA SER D 125 18.11 33.35 31.23
C SER D 125 19.51 33.93 31.17
N PRO D 126 20.57 33.31 31.75
CA PRO D 126 20.62 31.99 32.41
C PRO D 126 20.04 31.93 33.83
N ASP D 127 19.99 33.05 34.51
CA ASP D 127 19.44 33.07 35.85
C ASP D 127 17.94 32.87 35.73
N VAL D 128 17.36 32.13 36.63
CA VAL D 128 15.91 31.85 36.58
C VAL D 128 14.94 32.68 37.43
N THR D 129 13.82 33.01 36.80
CA THR D 129 12.72 33.76 37.36
C THR D 129 11.45 33.11 36.85
N PHE D 130 10.83 32.32 37.70
CA PHE D 130 9.62 31.61 37.37
C PHE D 130 8.37 32.36 37.84
N PRO D 131 7.51 32.77 36.89
CA PRO D 131 6.31 33.54 37.18
C PRO D 131 5.13 32.73 37.70
N SER D 132 4.29 33.36 38.48
CA SER D 132 3.06 32.73 38.96
C SER D 132 1.99 32.79 37.87
N ASP D 133 1.99 33.88 37.10
CA ASP D 133 1.01 34.12 36.05
C ASP D 133 1.50 33.67 34.70
N LEU D 134 0.61 33.09 33.92
CA LEU D 134 0.86 32.64 32.56
C LEU D 134 1.31 33.80 31.68
N MET D 135 2.47 33.62 31.01
CA MET D 135 3.11 34.61 30.14
C MET D 135 2.93 34.28 28.67
N CYS D 136 2.88 35.30 27.80
CA CYS D 136 2.63 35.17 26.36
C CYS D 136 3.64 35.98 25.60
N VAL D 137 3.97 35.54 24.40
CA VAL D 137 4.79 36.35 23.49
C VAL D 137 4.39 36.00 22.05
N ASP D 138 4.34 36.99 21.16
CA ASP D 138 4.03 36.76 19.75
C ASP D 138 5.31 36.56 18.99
N VAL D 139 5.34 35.51 18.17
CA VAL D 139 6.50 35.18 17.33
C VAL D 139 5.99 34.90 15.91
N LYS D 140 6.88 34.89 14.92
CA LYS D 140 6.44 34.54 13.58
C LYS D 140 7.07 33.20 13.16
N LEU D 141 6.36 32.43 12.33
CA LEU D 141 6.92 31.18 11.79
C LEU D 141 8.05 31.49 10.83
N ILE D 142 9.19 30.82 11.04
CA ILE D 142 10.44 30.96 10.28
C ILE D 142 10.57 29.73 9.39
N SER D 143 10.86 29.94 8.10
CA SER D 143 11.01 28.86 7.11
C SER D 143 12.10 27.86 7.50
N PRO D 144 11.97 26.56 7.13
CA PRO D 144 13.05 25.61 7.42
C PRO D 144 14.41 26.05 6.83
N GLN D 145 14.39 26.72 5.66
CA GLN D 145 15.58 27.24 4.97
C GLN D 145 16.31 28.28 5.84
N ASP D 146 15.56 29.27 6.39
CA ASP D 146 16.12 30.30 7.27
C ASP D 146 16.58 29.69 8.60
N CYS D 147 15.81 28.72 9.11
CA CYS D 147 16.15 28.06 10.37
C CYS D 147 17.40 27.17 10.26
N THR D 148 17.62 26.56 9.07
CA THR D 148 18.76 25.70 8.73
C THR D 148 20.08 26.48 8.82
N LYS D 149 20.04 27.80 8.55
CA LYS D 149 21.21 28.67 8.63
C LYS D 149 21.73 28.78 10.07
N VAL D 150 20.85 28.51 11.06
CA VAL D 150 21.18 28.56 12.48
C VAL D 150 21.54 27.17 13.03
N TYR D 151 20.67 26.16 12.79
CA TYR D 151 20.78 24.82 13.39
C TYR D 151 21.29 23.71 12.50
N LYS D 152 21.61 24.04 11.24
CA LYS D 152 22.20 23.10 10.26
C LYS D 152 21.38 21.79 10.12
N ASP D 153 22.04 20.61 10.17
CA ASP D 153 21.41 19.30 9.96
C ASP D 153 20.60 18.76 11.17
N LEU D 154 20.61 19.48 12.31
CA LEU D 154 19.86 19.07 13.51
C LEU D 154 18.34 19.26 13.34
N LEU D 155 17.93 20.00 12.28
CA LEU D 155 16.55 20.33 11.97
C LEU D 155 15.85 19.29 11.10
N GLU D 156 14.67 18.85 11.49
CA GLU D 156 13.90 17.88 10.70
C GLU D 156 12.64 18.48 10.16
N ASN D 157 12.01 17.85 9.18
CA ASN D 157 10.80 18.41 8.63
C ASN D 157 9.54 18.37 9.50
N SER D 158 9.57 17.63 10.60
CA SER D 158 8.49 17.63 11.55
C SER D 158 8.74 18.67 12.69
N MET D 159 9.77 19.50 12.53
CA MET D 159 10.07 20.59 13.45
C MET D 159 9.70 21.91 12.79
N LEU D 160 9.21 22.84 13.60
CA LEU D 160 8.79 24.13 13.16
C LEU D 160 9.54 25.20 13.94
N CYS D 161 10.00 26.23 13.24
CA CYS D 161 10.75 27.28 13.87
C CYS D 161 9.95 28.58 14.00
N ALA D 162 10.23 29.34 15.05
CA ALA D 162 9.54 30.60 15.29
C ALA D 162 10.39 31.55 16.08
N GLY D 163 10.26 32.83 15.75
CA GLY D 163 10.93 33.93 16.43
C GLY D 163 10.59 35.26 15.78
N ILE D 164 11.30 36.31 16.19
CA ILE D 164 11.16 37.66 15.66
C ILE D 164 12.59 38.14 15.34
N PRO D 165 12.87 38.66 14.11
CA PRO D 165 14.24 39.10 13.79
C PRO D 165 14.76 40.14 14.79
N ASP D 166 16.02 39.97 15.25
CA ASP D 166 16.73 40.85 16.18
C ASP D 166 15.96 41.06 17.48
N SER D 167 15.34 39.98 17.98
CA SER D 167 14.54 40.06 19.19
C SER D 167 14.78 38.90 20.13
N LYS D 168 14.69 39.18 21.44
CA LYS D 168 14.84 38.18 22.50
C LYS D 168 13.57 37.32 22.67
N LYS D 169 12.46 37.71 22.01
CA LYS D 169 11.15 37.04 22.13
C LYS D 169 11.23 35.54 21.87
N ASN D 170 11.00 34.75 22.91
CA ASN D 170 11.15 33.30 22.82
C ASN D 170 10.60 32.56 24.03
N ALA D 171 10.58 31.21 23.92
CA ALA D 171 10.20 30.30 25.00
C ALA D 171 11.49 29.90 25.72
N CYS D 172 11.41 29.44 26.96
CA CYS D 172 12.60 29.04 27.71
C CYS D 172 12.24 27.84 28.62
N ASN D 173 13.17 27.38 29.47
CA ASN D 173 13.01 26.21 30.35
C ASN D 173 11.74 26.35 31.18
N GLY D 174 10.91 25.30 31.18
CA GLY D 174 9.63 25.31 31.88
C GLY D 174 8.47 25.51 30.93
N ASP D 175 8.72 26.12 29.74
CA ASP D 175 7.70 26.32 28.70
C ASP D 175 7.60 25.05 27.84
N SER D 176 8.59 24.14 27.91
CA SER D 176 8.65 22.90 27.12
C SER D 176 7.32 22.18 27.14
N GLY D 177 6.87 21.70 25.97
CA GLY D 177 5.62 20.96 25.85
C GLY D 177 4.40 21.84 25.73
N GLY D 178 4.58 23.16 25.93
CA GLY D 178 3.55 24.17 25.86
C GLY D 178 3.14 24.58 24.44
N PRO D 179 2.01 25.32 24.34
CA PRO D 179 1.45 25.63 23.00
C PRO D 179 1.96 26.83 22.23
N LEU D 180 2.05 26.64 20.92
CA LEU D 180 2.31 27.66 19.91
C LEU D 180 1.04 27.60 19.07
N VAL D 181 0.23 28.64 19.17
CA VAL D 181 -1.05 28.71 18.46
CA VAL D 181 -1.06 28.71 18.48
C VAL D 181 -1.00 29.77 17.36
N CYS D 182 -1.55 29.44 16.17
CA CYS D 182 -1.56 30.36 15.00
C CYS D 182 -2.94 30.31 14.40
N ARG D 183 -3.55 31.49 14.09
CA ARG D 183 -4.86 31.59 13.39
C ARG D 183 -5.93 30.62 13.95
N GLY D 184 -6.00 30.50 15.28
CA GLY D 184 -6.97 29.64 15.93
C GLY D 184 -6.62 28.16 16.11
N THR D 185 -5.43 27.69 15.67
CA THR D 185 -5.11 26.27 15.86
C THR D 185 -3.78 26.07 16.56
N LEU D 186 -3.61 24.92 17.19
CA LEU D 186 -2.36 24.55 17.79
C LEU D 186 -1.45 24.14 16.65
N GLN D 187 -0.32 24.82 16.51
CA GLN D 187 0.64 24.52 15.47
C GLN D 187 1.92 23.92 15.99
N GLY D 188 2.32 24.26 17.19
CA GLY D 188 3.51 23.72 17.76
C GLY D 188 3.51 23.44 19.25
N LEU D 189 4.47 22.66 19.68
CA LEU D 189 4.70 22.39 21.10
C LEU D 189 6.13 22.82 21.34
N VAL D 190 6.39 23.62 22.41
CA VAL D 190 7.76 24.07 22.71
C VAL D 190 8.70 22.86 22.82
N SER D 191 9.82 22.85 22.07
CA SER D 191 10.70 21.68 22.12
C SER D 191 12.13 22.01 22.55
N TRP D 192 12.85 22.82 21.76
CA TRP D 192 14.23 23.15 22.09
C TRP D 192 14.64 24.48 21.49
N GLY D 193 15.82 24.95 21.88
CA GLY D 193 16.35 26.21 21.41
C GLY D 193 17.77 26.40 21.90
N THR D 194 18.28 27.62 21.85
CA THR D 194 19.65 27.83 22.34
C THR D 194 19.63 28.11 23.83
N PHE D 195 20.75 27.88 24.49
CA PHE D 195 20.87 28.20 25.91
C PHE D 195 22.13 29.04 26.10
N PRO D 196 22.08 30.19 26.79
CA PRO D 196 20.91 30.85 27.40
C PRO D 196 19.80 31.17 26.39
N CYS D 197 18.54 31.23 26.86
CA CYS D 197 17.38 31.54 26.05
C CYS D 197 17.36 33.02 25.63
N GLY D 198 16.46 33.34 24.69
CA GLY D 198 16.23 34.69 24.21
C GLY D 198 17.40 35.33 23.49
N GLN D 199 18.18 34.53 22.76
CA GLN D 199 19.29 35.08 22.01
C GLN D 199 18.75 35.59 20.68
N PRO D 200 18.98 36.88 20.34
CA PRO D 200 18.49 37.40 19.05
C PRO D 200 18.98 36.58 17.86
N ASN D 201 18.06 36.29 16.93
CA ASN D 201 18.26 35.56 15.68
C ASN D 201 18.56 34.04 15.88
N ASP D 202 18.19 33.52 17.06
CA ASP D 202 18.24 32.09 17.38
C ASP D 202 16.79 31.66 17.52
N PRO D 203 16.18 31.02 16.51
CA PRO D 203 14.76 30.69 16.63
C PRO D 203 14.45 29.61 17.66
N GLY D 204 13.22 29.64 18.14
CA GLY D 204 12.67 28.60 18.99
C GLY D 204 12.28 27.44 18.10
N VAL D 205 12.45 26.23 18.59
CA VAL D 205 12.10 25.03 17.85
C VAL D 205 10.95 24.29 18.52
N TYR D 206 9.96 24.00 17.70
CA TYR D 206 8.75 23.38 18.11
C TYR D 206 8.41 22.06 17.38
N THR D 207 7.66 21.18 18.01
CA THR D 207 7.20 19.97 17.37
C THR D 207 6.01 20.43 16.51
N GLN D 208 6.02 20.13 15.22
CA GLN D 208 5.01 20.57 14.29
C GLN D 208 3.79 19.69 14.34
N VAL D 209 2.81 20.12 15.12
CA VAL D 209 1.60 19.37 15.41
C VAL D 209 0.79 18.86 14.24
N CYS D 210 0.77 19.58 13.14
CA CYS D 210 0.06 19.16 11.92
C CYS D 210 0.61 17.88 11.26
N LYS D 211 1.82 17.44 11.58
CA LYS D 211 2.39 16.23 11.08
C LYS D 211 2.06 14.96 11.93
N PHE D 212 1.38 15.13 13.07
CA PHE D 212 1.11 14.03 14.01
C PHE D 212 -0.35 13.77 14.40
N THR D 213 -1.30 14.34 13.69
CA THR D 213 -2.69 14.16 14.04
C THR D 213 -3.21 12.72 13.99
N LYS D 214 -2.70 11.90 13.08
CA LYS D 214 -3.11 10.48 13.03
C LYS D 214 -2.63 9.74 14.30
N TRP D 215 -1.34 9.92 14.66
CA TRP D 215 -0.77 9.29 15.84
C TRP D 215 -1.48 9.76 17.10
N ILE D 216 -1.82 11.05 17.19
CA ILE D 216 -2.52 11.58 18.37
C ILE D 216 -3.90 10.89 18.51
N ASN D 217 -4.66 10.84 17.44
CA ASN D 217 -6.00 10.20 17.46
C ASN D 217 -5.95 8.69 17.69
N ASP D 218 -4.99 7.97 17.03
CA ASP D 218 -4.88 6.51 17.16
C ASP D 218 -4.43 6.11 18.57
N THR D 219 -3.50 6.86 19.16
CA THR D 219 -2.96 6.59 20.50
C THR D 219 -4.05 6.75 21.54
N MET D 220 -4.87 7.82 21.44
CA MET D 220 -6.00 8.01 22.36
C MET D 220 -7.03 6.90 22.26
N LYS D 221 -7.39 6.51 21.03
CA LYS D 221 -8.32 5.40 20.78
C LYS D 221 -7.76 4.07 21.32
N LYS D 222 -6.46 3.78 21.08
CA LYS D 222 -5.79 2.56 21.53
C LYS D 222 -5.73 2.41 23.05
N HIS D 223 -5.52 3.53 23.77
CA HIS D 223 -5.35 3.54 25.21
C HIS D 223 -6.52 4.10 26.00
N ARG D 224 -7.71 4.20 25.38
CA ARG D 224 -8.96 4.66 26.01
C ARG D 224 -9.41 3.69 27.11
N ILE E 1 3.37 -8.54 -40.69
CA ILE E 1 4.05 -8.94 -41.94
C ILE E 1 5.43 -9.46 -41.61
N ILE E 2 5.79 -10.67 -42.09
CA ILE E 2 7.11 -11.28 -41.80
C ILE E 2 7.98 -11.16 -43.02
N ASP E 3 9.23 -10.69 -42.85
CA ASP E 3 10.26 -10.54 -43.89
C ASP E 3 9.78 -9.67 -45.07
N GLY E 4 9.04 -8.63 -44.74
CA GLY E 4 8.63 -7.63 -45.70
C GLY E 4 9.49 -6.39 -45.52
N ALA E 5 9.01 -5.26 -46.02
CA ALA E 5 9.67 -3.98 -45.89
C ALA E 5 8.60 -2.88 -45.81
N PRO E 6 8.95 -1.66 -45.35
CA PRO E 6 7.97 -0.56 -45.35
C PRO E 6 7.42 -0.27 -46.75
N CYS E 7 6.07 -0.20 -46.83
CA CYS E 7 5.38 0.14 -48.08
C CYS E 7 5.82 1.53 -48.51
N ALA E 8 5.85 1.79 -49.83
CA ALA E 8 6.16 3.12 -50.35
C ALA E 8 5.03 4.08 -49.92
N ARG E 9 5.38 5.28 -49.43
CA ARG E 9 4.43 6.31 -49.00
C ARG E 9 3.36 6.60 -50.07
N GLY E 10 2.09 6.58 -49.66
CA GLY E 10 0.97 6.81 -50.57
C GLY E 10 0.63 5.71 -51.56
N SER E 11 1.30 4.53 -51.49
CA SER E 11 1.01 3.45 -52.43
C SER E 11 -0.15 2.55 -51.95
N HIS E 12 -0.62 2.76 -50.70
CA HIS E 12 -1.71 1.98 -50.11
C HIS E 12 -2.81 2.88 -49.55
N PRO E 13 -3.41 3.75 -50.41
CA PRO E 13 -4.45 4.66 -49.90
C PRO E 13 -5.76 3.97 -49.56
N TRP E 14 -5.91 2.68 -49.94
CA TRP E 14 -7.12 1.91 -49.64
C TRP E 14 -6.96 1.08 -48.36
N GLN E 15 -5.74 1.05 -47.79
CA GLN E 15 -5.49 0.32 -46.54
C GLN E 15 -6.05 1.09 -45.37
N VAL E 16 -6.76 0.37 -44.50
CA VAL E 16 -7.24 0.95 -43.24
C VAL E 16 -6.81 0.05 -42.08
N ALA E 17 -6.95 0.54 -40.83
CA ALA E 17 -6.71 -0.27 -39.65
C ALA E 17 -7.91 -0.15 -38.77
N LEU E 18 -8.29 -1.25 -38.12
CA LEU E 18 -9.37 -1.24 -37.12
C LEU E 18 -8.65 -1.21 -35.79
N LEU E 19 -8.95 -0.20 -34.98
CA LEU E 19 -8.30 -0.02 -33.69
C LEU E 19 -9.29 -0.27 -32.55
N SER E 20 -8.76 -0.72 -31.40
CA SER E 20 -9.52 -0.93 -30.18
C SER E 20 -8.62 -0.51 -29.02
N GLY E 21 -9.04 0.51 -28.31
CA GLY E 21 -8.28 1.10 -27.21
C GLY E 21 -6.92 1.61 -27.66
N ASN E 22 -6.87 2.19 -28.89
CA ASN E 22 -5.66 2.73 -29.53
C ASN E 22 -4.62 1.65 -29.80
N GLN E 23 -5.07 0.39 -29.88
CA GLN E 23 -4.18 -0.71 -30.24
C GLN E 23 -4.73 -1.29 -31.55
N LEU E 24 -3.82 -1.82 -32.38
CA LEU E 24 -4.22 -2.45 -33.62
C LEU E 24 -5.05 -3.70 -33.32
N HIS E 25 -6.22 -3.81 -33.94
CA HIS E 25 -7.08 -4.98 -33.85
C HIS E 25 -6.99 -5.77 -35.19
N CYS E 26 -7.19 -5.11 -36.33
CA CYS E 26 -7.18 -5.79 -37.64
C CYS E 26 -6.82 -4.78 -38.72
N GLY E 27 -6.52 -5.30 -39.91
CA GLY E 27 -6.40 -4.53 -41.13
C GLY E 27 -7.78 -4.51 -41.79
N GLY E 28 -7.88 -3.79 -42.87
CA GLY E 28 -9.10 -3.66 -43.65
C GLY E 28 -8.83 -2.91 -44.93
N VAL E 29 -9.84 -2.85 -45.81
CA VAL E 29 -9.72 -2.18 -47.11
CA VAL E 29 -9.72 -2.18 -47.11
C VAL E 29 -10.88 -1.24 -47.30
N LEU E 30 -10.64 -0.06 -47.80
CA LEU E 30 -11.74 0.86 -48.04
C LEU E 30 -12.35 0.50 -49.40
N VAL E 31 -13.67 0.22 -49.42
CA VAL E 31 -14.43 -0.13 -50.65
C VAL E 31 -15.04 1.12 -51.26
N ASN E 32 -15.61 1.99 -50.44
CA ASN E 32 -16.16 3.27 -50.87
C ASN E 32 -16.16 4.19 -49.67
N GLU E 33 -16.68 5.42 -49.83
CA GLU E 33 -16.73 6.41 -48.77
C GLU E 33 -17.41 5.93 -47.48
N ARG E 34 -18.30 4.95 -47.56
CA ARG E 34 -19.09 4.50 -46.41
C ARG E 34 -18.71 3.14 -45.85
N TRP E 35 -17.91 2.36 -46.59
CA TRP E 35 -17.71 0.95 -46.26
C TRP E 35 -16.28 0.47 -46.26
N VAL E 36 -15.98 -0.31 -45.22
CA VAL E 36 -14.69 -0.99 -45.08
C VAL E 36 -14.94 -2.51 -45.22
N LEU E 37 -14.05 -3.19 -45.90
CA LEU E 37 -14.13 -4.64 -46.05
C LEU E 37 -13.00 -5.23 -45.22
N THR E 38 -13.32 -6.25 -44.43
CA THR E 38 -12.32 -6.89 -43.57
C THR E 38 -12.74 -8.36 -43.33
N ALA E 39 -12.04 -9.07 -42.40
CA ALA E 39 -12.34 -10.46 -42.09
C ALA E 39 -13.48 -10.49 -41.07
N ALA E 40 -14.38 -11.46 -41.19
CA ALA E 40 -15.46 -11.67 -40.21
C ALA E 40 -14.89 -11.96 -38.79
N HIS E 41 -13.67 -12.53 -38.74
N HIS E 41 -13.68 -12.52 -38.74
CA HIS E 41 -12.95 -12.79 -37.48
CA HIS E 41 -12.94 -12.78 -37.50
C HIS E 41 -12.65 -11.49 -36.69
C HIS E 41 -12.75 -11.47 -36.68
N CYS E 42 -12.71 -10.32 -37.37
CA CYS E 42 -12.46 -8.99 -36.78
C CYS E 42 -13.72 -8.31 -36.18
N LYS E 43 -14.85 -9.01 -36.14
CA LYS E 43 -16.12 -8.55 -35.56
C LYS E 43 -15.95 -7.91 -34.17
N MET E 44 -16.49 -6.70 -34.00
CA MET E 44 -16.56 -5.94 -32.75
C MET E 44 -17.91 -5.19 -32.74
N ASN E 45 -18.35 -4.71 -31.56
CA ASN E 45 -19.59 -3.93 -31.47
C ASN E 45 -19.37 -2.53 -32.00
N GLU E 46 -18.14 -2.00 -31.80
CA GLU E 46 -17.76 -0.64 -32.23
C GLU E 46 -16.36 -0.72 -32.77
N TYR E 47 -16.08 0.08 -33.79
CA TYR E 47 -14.75 0.15 -34.38
C TYR E 47 -14.27 1.56 -34.38
N THR E 48 -12.96 1.74 -34.34
CA THR E 48 -12.30 2.99 -34.59
C THR E 48 -11.47 2.69 -35.85
N VAL E 49 -11.79 3.36 -36.95
CA VAL E 49 -11.09 3.10 -38.22
C VAL E 49 -10.02 4.18 -38.46
N HIS E 50 -8.80 3.75 -38.75
CA HIS E 50 -7.68 4.61 -39.12
C HIS E 50 -7.57 4.61 -40.63
N LEU E 51 -7.50 5.80 -41.28
CA LEU E 51 -7.38 5.89 -42.75
C LEU E 51 -6.42 7.03 -43.08
N GLY E 52 -5.78 6.98 -44.26
CA GLY E 52 -4.98 8.10 -44.75
C GLY E 52 -3.57 8.28 -44.24
N SER E 53 -2.95 7.22 -43.69
CA SER E 53 -1.56 7.28 -43.27
C SER E 53 -0.94 5.91 -43.16
N ASP E 54 0.28 5.81 -43.69
CA ASP E 54 1.08 4.60 -43.57
C ASP E 54 1.64 4.46 -42.15
N THR E 55 1.53 5.51 -41.30
CA THR E 55 2.00 5.43 -39.92
C THR E 55 0.81 5.30 -38.98
N LEU E 56 0.71 4.19 -38.24
CA LEU E 56 -0.35 4.03 -37.23
C LEU E 56 -0.08 5.08 -36.17
N GLY E 57 -1.12 5.79 -35.75
CA GLY E 57 -0.98 6.88 -34.78
C GLY E 57 -0.42 8.18 -35.34
N ASP E 58 -0.63 8.42 -36.64
CA ASP E 58 -0.19 9.66 -37.26
C ASP E 58 -1.35 10.62 -36.98
N ARG E 59 -1.03 11.85 -36.55
CA ARG E 59 -2.02 12.91 -36.31
C ARG E 59 -2.74 13.25 -37.64
N ARG E 60 -2.04 13.02 -38.77
CA ARG E 60 -2.52 13.32 -40.11
C ARG E 60 -3.59 12.35 -40.63
N ALA E 61 -3.74 11.18 -39.95
CA ALA E 61 -4.73 10.18 -40.38
C ALA E 61 -6.14 10.55 -39.93
N GLN E 62 -7.13 10.09 -40.68
CA GLN E 62 -8.52 10.23 -40.32
C GLN E 62 -8.85 9.11 -39.33
N ARG E 63 -9.79 9.40 -38.44
CA ARG E 63 -10.21 8.49 -37.39
C ARG E 63 -11.71 8.54 -37.40
N ILE E 64 -12.33 7.46 -37.92
CA ILE E 64 -13.78 7.43 -38.07
C ILE E 64 -14.34 6.27 -37.28
N LYS E 65 -15.38 6.52 -36.51
CA LYS E 65 -16.07 5.48 -35.75
C LYS E 65 -17.01 4.71 -36.68
N ALA E 66 -17.29 3.45 -36.31
CA ALA E 66 -18.21 2.57 -37.03
C ALA E 66 -18.98 1.79 -36.00
N SER E 67 -20.32 1.86 -36.03
CA SER E 67 -21.19 1.19 -35.07
C SER E 67 -21.97 0.01 -35.65
N LYS E 68 -21.84 -0.24 -36.96
CA LYS E 68 -22.58 -1.28 -37.68
C LYS E 68 -21.63 -2.09 -38.55
N SER E 69 -21.87 -3.41 -38.56
CA SER E 69 -21.06 -4.35 -39.33
C SER E 69 -21.87 -5.60 -39.62
N PHE E 70 -21.60 -6.21 -40.77
CA PHE E 70 -22.34 -7.35 -41.31
C PHE E 70 -21.39 -8.43 -41.79
N ARG E 71 -21.37 -9.54 -41.05
CA ARG E 71 -20.54 -10.68 -41.40
C ARG E 71 -21.24 -11.48 -42.50
N HIS E 72 -20.48 -12.13 -43.36
CA HIS E 72 -21.09 -13.01 -44.36
C HIS E 72 -21.89 -14.08 -43.57
N PRO E 73 -23.18 -14.31 -43.88
CA PRO E 73 -23.94 -15.34 -43.11
C PRO E 73 -23.39 -16.76 -43.13
N GLY E 74 -22.56 -17.09 -44.10
CA GLY E 74 -21.93 -18.39 -44.20
C GLY E 74 -20.67 -18.50 -43.36
N TYR E 75 -20.30 -17.44 -42.68
CA TYR E 75 -19.10 -17.45 -41.85
C TYR E 75 -19.17 -18.45 -40.72
N SER E 76 -18.08 -19.19 -40.57
CA SER E 76 -17.92 -20.11 -39.49
C SER E 76 -16.64 -19.89 -38.72
N THR E 77 -16.78 -19.76 -37.43
CA THR E 77 -15.64 -19.68 -36.55
C THR E 77 -14.90 -21.04 -36.41
N GLN E 78 -15.54 -22.15 -36.72
CA GLN E 78 -14.93 -23.44 -36.63
C GLN E 78 -13.99 -23.76 -37.75
N THR E 79 -14.34 -23.34 -38.95
CA THR E 79 -13.57 -23.66 -40.13
C THR E 79 -12.95 -22.50 -40.86
N HIS E 80 -13.31 -21.27 -40.49
CA HIS E 80 -12.89 -20.02 -41.11
C HIS E 80 -13.42 -19.79 -42.53
N VAL E 81 -14.41 -20.54 -42.95
CA VAL E 81 -14.97 -20.37 -44.26
C VAL E 81 -15.78 -19.07 -44.31
N ASN E 82 -15.84 -18.44 -45.48
CA ASN E 82 -16.58 -17.18 -45.68
C ASN E 82 -16.14 -16.10 -44.66
N ASP E 83 -14.81 -15.92 -44.55
CA ASP E 83 -14.23 -15.00 -43.58
C ASP E 83 -14.18 -13.56 -44.12
N LEU E 84 -15.33 -12.91 -44.13
CA LEU E 84 -15.41 -11.54 -44.61
C LEU E 84 -16.57 -10.83 -43.97
N MET E 85 -16.43 -9.53 -43.86
CA MET E 85 -17.39 -8.66 -43.18
C MET E 85 -17.28 -7.26 -43.71
N LEU E 86 -18.43 -6.57 -43.80
CA LEU E 86 -18.55 -5.18 -44.21
C LEU E 86 -18.82 -4.30 -42.99
N VAL E 87 -17.98 -3.29 -42.81
CA VAL E 87 -18.06 -2.34 -41.67
C VAL E 87 -18.55 -1.02 -42.20
N LYS E 88 -19.69 -0.54 -41.66
CA LYS E 88 -20.31 0.70 -42.13
C LYS E 88 -19.79 1.88 -41.31
N LEU E 89 -19.04 2.78 -41.96
CA LEU E 89 -18.49 3.96 -41.29
C LEU E 89 -19.64 4.88 -40.81
N ASN E 90 -19.51 5.53 -39.63
CA ASN E 90 -20.56 6.43 -39.12
C ASN E 90 -20.62 7.74 -39.94
N SER E 91 -19.49 8.10 -40.53
CA SER E 91 -19.40 9.26 -41.40
C SER E 91 -18.56 8.87 -42.61
N GLN E 92 -18.71 9.61 -43.71
CA GLN E 92 -17.99 9.29 -44.92
C GLN E 92 -16.50 9.56 -44.83
N ALA E 93 -15.71 8.61 -45.36
CA ALA E 93 -14.28 8.75 -45.48
C ALA E 93 -14.05 9.96 -46.42
N ARG E 94 -13.16 10.88 -46.04
CA ARG E 94 -12.90 12.06 -46.86
C ARG E 94 -11.78 11.67 -47.83
N LEU E 95 -12.13 11.44 -49.11
CA LEU E 95 -11.17 10.96 -50.12
C LEU E 95 -10.14 12.03 -50.54
N SER E 96 -8.95 11.56 -50.90
CA SER E 96 -7.81 12.38 -51.30
C SER E 96 -6.80 11.43 -51.91
N SER E 97 -5.57 11.92 -52.16
CA SER E 97 -4.45 11.13 -52.68
C SER E 97 -4.06 10.04 -51.65
N MET E 98 -4.36 10.28 -50.35
CA MET E 98 -4.02 9.34 -49.27
C MET E 98 -5.18 8.40 -48.86
N VAL E 99 -6.42 8.67 -49.33
CA VAL E 99 -7.63 7.90 -49.00
C VAL E 99 -8.41 7.60 -50.29
N LYS E 100 -8.29 6.38 -50.81
CA LYS E 100 -8.95 6.02 -52.09
C LYS E 100 -9.63 4.67 -51.96
N LYS E 101 -10.68 4.41 -52.73
CA LYS E 101 -11.37 3.10 -52.75
C LYS E 101 -10.42 2.07 -53.43
N VAL E 102 -10.47 0.82 -52.99
CA VAL E 102 -9.68 -0.24 -53.62
C VAL E 102 -10.43 -0.63 -54.92
N ARG E 103 -9.74 -1.27 -55.88
CA ARG E 103 -10.41 -1.77 -57.07
C ARG E 103 -10.85 -3.22 -56.74
N LEU E 104 -12.16 -3.47 -56.75
CA LEU E 104 -12.70 -4.81 -56.52
C LEU E 104 -12.45 -5.68 -57.76
N PRO E 105 -12.25 -7.01 -57.62
CA PRO E 105 -11.89 -7.79 -58.80
C PRO E 105 -13.08 -8.23 -59.64
N SER E 106 -12.90 -8.40 -60.94
CA SER E 106 -13.94 -8.96 -61.79
C SER E 106 -13.62 -10.44 -62.08
N ARG E 107 -12.33 -10.79 -62.08
CA ARG E 107 -11.79 -12.12 -62.31
C ARG E 107 -10.90 -12.60 -61.15
N CYS E 108 -10.75 -13.91 -61.03
CA CYS E 108 -9.87 -14.52 -60.07
C CYS E 108 -8.50 -14.70 -60.66
N GLU E 109 -7.45 -14.21 -60.04
CA GLU E 109 -6.13 -14.39 -60.58
C GLU E 109 -5.63 -15.82 -60.35
N PRO E 110 -4.87 -16.36 -61.29
CA PRO E 110 -4.50 -17.77 -61.19
C PRO E 110 -3.25 -18.06 -60.36
N PRO E 111 -3.00 -19.34 -60.01
CA PRO E 111 -1.76 -19.68 -59.27
C PRO E 111 -0.51 -19.20 -60.02
N GLY E 112 0.50 -18.77 -59.27
CA GLY E 112 1.74 -18.26 -59.82
C GLY E 112 1.81 -16.75 -59.94
N THR E 113 0.66 -16.05 -59.87
CA THR E 113 0.57 -14.58 -59.92
C THR E 113 1.27 -13.95 -58.71
N THR E 114 2.13 -12.94 -58.96
CA THR E 114 2.81 -12.19 -57.90
C THR E 114 1.82 -11.15 -57.36
N CYS E 115 1.69 -11.11 -56.04
CA CYS E 115 0.76 -10.25 -55.30
C CYS E 115 1.49 -9.54 -54.18
N THR E 116 0.83 -8.52 -53.56
CA THR E 116 1.37 -7.81 -52.39
C THR E 116 0.36 -7.80 -51.26
N VAL E 117 0.78 -8.21 -50.08
CA VAL E 117 -0.02 -8.16 -48.85
C VAL E 117 0.58 -7.09 -47.94
N SER E 118 -0.28 -6.30 -47.30
CA SER E 118 0.17 -5.22 -46.43
C SER E 118 -0.50 -5.22 -45.09
N GLY E 119 0.18 -4.67 -44.08
CA GLY E 119 -0.40 -4.63 -42.75
C GLY E 119 0.49 -4.08 -41.66
N TRP E 120 -0.10 -3.83 -40.50
CA TRP E 120 0.64 -3.36 -39.33
C TRP E 120 0.81 -4.50 -38.31
N GLY E 121 0.61 -5.73 -38.76
CA GLY E 121 0.76 -6.89 -37.89
C GLY E 121 2.18 -7.12 -37.43
N THR E 122 2.36 -8.05 -36.50
CA THR E 122 3.70 -8.36 -35.99
C THR E 122 4.68 -8.74 -37.12
N THR E 123 5.93 -8.30 -36.99
CA THR E 123 6.99 -8.62 -37.94
C THR E 123 7.83 -9.79 -37.43
N THR E 124 7.49 -10.29 -36.22
CA THR E 124 8.16 -11.45 -35.64
C THR E 124 7.12 -12.43 -35.10
N SER E 125 7.50 -13.69 -34.90
CA SER E 125 6.58 -14.68 -34.32
C SER E 125 7.44 -15.82 -33.74
N PRO E 126 7.10 -16.39 -32.54
CA PRO E 126 5.95 -16.09 -31.65
C PRO E 126 6.06 -14.75 -30.90
N ASP E 127 7.27 -14.29 -30.62
CA ASP E 127 7.54 -13.02 -29.94
C ASP E 127 6.94 -11.90 -30.81
N VAL E 128 6.18 -10.96 -30.23
CA VAL E 128 5.51 -9.91 -31.03
C VAL E 128 6.34 -8.62 -31.13
N THR E 129 6.34 -7.98 -32.31
CA THR E 129 7.01 -6.70 -32.61
C THR E 129 6.03 -5.97 -33.53
N PHE E 130 5.25 -5.00 -33.01
CA PHE E 130 4.27 -4.31 -33.83
C PHE E 130 4.85 -3.04 -34.44
N PRO E 131 4.87 -2.88 -35.80
CA PRO E 131 5.49 -1.67 -36.36
C PRO E 131 4.57 -0.47 -36.41
N SER E 132 5.15 0.72 -36.43
CA SER E 132 4.33 1.91 -36.58
C SER E 132 4.07 2.15 -38.09
N ASP E 133 5.04 1.78 -38.97
CA ASP E 133 4.94 1.94 -40.41
C ASP E 133 4.32 0.73 -41.11
N LEU E 134 3.48 0.98 -42.10
CA LEU E 134 2.80 -0.06 -42.86
C LEU E 134 3.85 -0.90 -43.63
N MET E 135 3.76 -2.21 -43.50
CA MET E 135 4.72 -3.15 -44.09
C MET E 135 4.07 -3.87 -45.26
N CYS E 136 4.88 -4.23 -46.27
CA CYS E 136 4.47 -4.84 -47.56
C CYS E 136 5.33 -6.06 -47.78
N VAL E 137 4.76 -7.11 -48.40
CA VAL E 137 5.54 -8.27 -48.80
C VAL E 137 4.94 -8.84 -50.07
N ASP E 138 5.82 -9.24 -50.99
CA ASP E 138 5.40 -9.85 -52.25
C ASP E 138 5.39 -11.35 -52.10
N VAL E 139 4.23 -11.93 -52.43
CA VAL E 139 3.99 -13.37 -52.37
C VAL E 139 3.40 -13.83 -53.69
N LYS E 140 3.35 -15.13 -53.92
CA LYS E 140 2.76 -15.68 -55.15
C LYS E 140 1.58 -16.55 -54.79
N LEU E 141 0.52 -16.53 -55.61
CA LEU E 141 -0.65 -17.36 -55.40
C LEU E 141 -0.29 -18.81 -55.57
N ILE E 142 -0.72 -19.64 -54.64
CA ILE E 142 -0.38 -21.06 -54.62
C ILE E 142 -1.61 -21.86 -55.01
N SER E 143 -1.45 -22.85 -55.88
CA SER E 143 -2.59 -23.65 -56.35
C SER E 143 -3.32 -24.37 -55.20
N PRO E 144 -4.66 -24.53 -55.30
CA PRO E 144 -5.37 -25.34 -54.28
C PRO E 144 -4.75 -26.74 -54.13
N GLN E 145 -4.25 -27.39 -55.22
CA GLN E 145 -3.61 -28.72 -55.14
C GLN E 145 -2.37 -28.68 -54.23
N ASP E 146 -1.51 -27.67 -54.40
CA ASP E 146 -0.33 -27.50 -53.58
C ASP E 146 -0.69 -27.11 -52.16
N CYS E 147 -1.70 -26.25 -52.01
CA CYS E 147 -2.07 -25.79 -50.67
C CYS E 147 -2.74 -26.88 -49.85
N THR E 148 -3.51 -27.76 -50.50
CA THR E 148 -4.17 -28.92 -49.87
C THR E 148 -3.12 -29.89 -49.28
N LYS E 149 -1.91 -29.96 -49.84
CA LYS E 149 -0.84 -30.81 -49.29
C LYS E 149 -0.50 -30.38 -47.84
N VAL E 150 -0.72 -29.10 -47.51
CA VAL E 150 -0.41 -28.58 -46.16
C VAL E 150 -1.66 -28.61 -45.23
N TYR E 151 -2.78 -28.03 -45.69
CA TYR E 151 -3.98 -27.85 -44.86
C TYR E 151 -5.08 -28.89 -45.04
N LYS E 152 -4.93 -29.79 -46.01
CA LYS E 152 -5.88 -30.89 -46.28
C LYS E 152 -7.36 -30.39 -46.37
N ASP E 153 -8.32 -31.10 -45.75
CA ASP E 153 -9.75 -30.77 -45.84
C ASP E 153 -10.17 -29.47 -45.21
N LEU E 154 -9.30 -28.78 -44.45
CA LEU E 154 -9.61 -27.47 -43.89
C LEU E 154 -9.76 -26.41 -45.01
N LEU E 155 -9.02 -26.55 -46.10
CA LEU E 155 -9.07 -25.59 -47.21
C LEU E 155 -10.35 -25.75 -48.05
N GLU E 156 -11.01 -24.63 -48.31
CA GLU E 156 -12.24 -24.56 -49.09
C GLU E 156 -12.03 -23.82 -50.40
N ASN E 157 -12.96 -23.96 -51.32
CA ASN E 157 -12.92 -23.34 -52.64
C ASN E 157 -12.82 -21.80 -52.69
N SER E 158 -13.34 -21.13 -51.67
CA SER E 158 -13.35 -19.70 -51.61
C SER E 158 -12.20 -19.12 -50.78
N MET E 159 -11.20 -19.95 -50.49
CA MET E 159 -9.99 -19.58 -49.80
C MET E 159 -8.89 -19.63 -50.84
N LEU E 160 -7.95 -18.73 -50.71
CA LEU E 160 -6.85 -18.59 -51.58
C LEU E 160 -5.56 -18.61 -50.79
N CYS E 161 -4.57 -19.34 -51.26
CA CYS E 161 -3.28 -19.47 -50.61
C CYS E 161 -2.17 -18.69 -51.32
N ALA E 162 -1.21 -18.21 -50.56
CA ALA E 162 -0.11 -17.42 -51.10
C ALA E 162 1.12 -17.53 -50.22
N GLY E 163 2.28 -17.46 -50.84
CA GLY E 163 3.54 -17.53 -50.12
C GLY E 163 4.67 -17.61 -51.12
N ILE E 164 5.88 -17.85 -50.63
CA ILE E 164 7.07 -17.98 -51.48
C ILE E 164 7.75 -19.26 -51.00
N PRO E 165 8.16 -20.18 -51.93
CA PRO E 165 8.84 -21.41 -51.49
C PRO E 165 10.08 -21.12 -50.66
N ASP E 166 10.28 -21.89 -49.56
CA ASP E 166 11.46 -21.80 -48.66
C ASP E 166 11.74 -20.38 -48.18
N SER E 167 10.68 -19.63 -47.91
CA SER E 167 10.76 -18.26 -47.48
C SER E 167 9.78 -18.01 -46.33
N LYS E 168 10.20 -17.17 -45.37
CA LYS E 168 9.40 -16.77 -44.22
C LYS E 168 8.31 -15.74 -44.58
N LYS E 169 8.39 -15.11 -45.79
CA LYS E 169 7.46 -14.07 -46.27
C LYS E 169 6.01 -14.44 -46.09
N ASN E 170 5.30 -13.66 -45.28
CA ASN E 170 3.90 -13.99 -44.94
C ASN E 170 3.23 -12.91 -44.14
N ALA E 171 1.93 -13.12 -43.86
CA ALA E 171 1.12 -12.24 -43.03
C ALA E 171 1.07 -12.87 -41.64
N CYS E 172 0.75 -12.12 -40.59
CA CYS E 172 0.75 -12.64 -39.20
C CYS E 172 -0.33 -11.93 -38.40
N ASN E 173 -0.40 -12.19 -37.10
CA ASN E 173 -1.36 -11.59 -36.17
C ASN E 173 -1.37 -10.05 -36.32
N GLY E 174 -2.55 -9.46 -36.52
CA GLY E 174 -2.70 -8.02 -36.71
C GLY E 174 -2.87 -7.62 -38.17
N ASP E 175 -2.40 -8.49 -39.10
CA ASP E 175 -2.58 -8.28 -40.54
C ASP E 175 -3.97 -8.72 -40.97
N SER E 176 -4.65 -9.56 -40.14
CA SER E 176 -6.01 -10.13 -40.38
C SER E 176 -6.96 -9.10 -40.92
N GLY E 177 -7.63 -9.46 -42.01
CA GLY E 177 -8.59 -8.57 -42.66
C GLY E 177 -8.02 -7.64 -43.68
N GLY E 178 -6.68 -7.56 -43.74
CA GLY E 178 -5.94 -6.72 -44.66
C GLY E 178 -5.86 -7.19 -46.10
N PRO E 179 -5.41 -6.29 -47.01
CA PRO E 179 -5.46 -6.60 -48.44
C PRO E 179 -4.30 -7.37 -49.04
N LEU E 180 -4.65 -8.29 -49.91
CA LEU E 180 -3.77 -9.02 -50.81
C LEU E 180 -4.19 -8.51 -52.17
N VAL E 181 -3.30 -7.76 -52.84
N VAL E 181 -3.30 -7.77 -52.85
CA VAL E 181 -3.59 -7.16 -54.16
CA VAL E 181 -3.56 -7.12 -54.15
C VAL E 181 -2.70 -7.76 -55.23
C VAL E 181 -2.68 -7.72 -55.24
N CYS E 182 -3.30 -8.11 -56.39
CA CYS E 182 -2.62 -8.72 -57.55
C CYS E 182 -3.04 -7.96 -58.79
N ARG E 183 -2.06 -7.48 -59.56
CA ARG E 183 -2.28 -6.81 -60.85
C ARG E 183 -3.39 -5.73 -60.79
N GLY E 184 -3.32 -4.90 -59.76
CA GLY E 184 -4.26 -3.81 -59.56
C GLY E 184 -5.61 -4.12 -58.97
N THR E 185 -5.90 -5.38 -58.59
CA THR E 185 -7.19 -5.67 -57.93
C THR E 185 -7.01 -6.36 -56.60
N LEU E 186 -8.01 -6.22 -55.76
CA LEU E 186 -8.06 -6.85 -54.49
C LEU E 186 -8.43 -8.31 -54.71
N GLN E 187 -7.54 -9.21 -54.35
CA GLN E 187 -7.77 -10.63 -54.54
C GLN E 187 -8.01 -11.40 -53.24
N GLY E 188 -7.41 -10.92 -52.18
CA GLY E 188 -7.57 -11.55 -50.91
C GLY E 188 -7.65 -10.70 -49.66
N LEU E 189 -8.25 -11.27 -48.63
CA LEU E 189 -8.27 -10.65 -47.30
C LEU E 189 -7.54 -11.61 -46.39
N VAL E 190 -6.50 -11.13 -45.64
CA VAL E 190 -5.77 -12.01 -44.69
C VAL E 190 -6.75 -12.73 -43.76
N SER E 191 -6.65 -14.06 -43.69
CA SER E 191 -7.59 -14.83 -42.89
C SER E 191 -6.92 -15.70 -41.83
N TRP E 192 -6.09 -16.68 -42.23
CA TRP E 192 -5.45 -17.57 -41.25
C TRP E 192 -4.18 -18.19 -41.83
N GLY E 193 -3.42 -18.86 -40.98
CA GLY E 193 -2.17 -19.52 -41.37
C GLY E 193 -1.70 -20.36 -40.19
N THR E 194 -0.47 -20.85 -40.26
CA THR E 194 0.08 -21.62 -39.16
C THR E 194 0.61 -20.66 -38.08
N PHE E 195 0.73 -21.16 -36.84
CA PHE E 195 1.24 -20.33 -35.76
C PHE E 195 2.29 -21.16 -35.03
N PRO E 196 3.55 -20.70 -34.82
CA PRO E 196 4.09 -19.37 -35.15
C PRO E 196 4.06 -19.00 -36.64
N CYS E 197 4.03 -17.69 -36.95
CA CYS E 197 4.01 -17.18 -38.34
C CYS E 197 5.36 -17.33 -38.98
N GLY E 198 5.40 -17.16 -40.30
CA GLY E 198 6.65 -17.13 -41.05
C GLY E 198 7.36 -18.46 -41.14
N GLN E 199 6.61 -19.56 -41.10
CA GLN E 199 7.23 -20.87 -41.25
C GLN E 199 7.36 -21.13 -42.74
N PRO E 200 8.57 -21.41 -43.23
CA PRO E 200 8.73 -21.65 -44.68
C PRO E 200 7.89 -22.83 -45.15
N ASN E 201 7.25 -22.64 -46.30
CA ASN E 201 6.41 -23.63 -47.00
C ASN E 201 5.04 -23.85 -46.34
N ASP E 202 4.65 -22.95 -45.40
CA ASP E 202 3.33 -22.95 -44.79
C ASP E 202 2.64 -21.75 -45.40
N PRO E 203 1.77 -21.94 -46.40
CA PRO E 203 1.13 -20.78 -47.04
C PRO E 203 0.21 -19.97 -46.13
N GLY E 204 0.04 -18.70 -46.46
CA GLY E 204 -0.93 -17.84 -45.80
C GLY E 204 -2.24 -18.12 -46.49
N VAL E 205 -3.32 -18.14 -45.74
CA VAL E 205 -4.64 -18.36 -46.29
C VAL E 205 -5.48 -17.08 -46.20
N TYR E 206 -6.12 -16.79 -47.32
CA TYR E 206 -6.90 -15.61 -47.57
C TYR E 206 -8.32 -15.87 -48.06
N THR E 207 -9.21 -14.96 -47.77
CA THR E 207 -10.55 -15.00 -48.28
C THR E 207 -10.44 -14.55 -49.76
N GLN E 208 -10.89 -15.36 -50.70
CA GLN E 208 -10.79 -15.10 -52.12
C GLN E 208 -11.92 -14.18 -52.56
N VAL E 209 -11.62 -12.89 -52.56
CA VAL E 209 -12.57 -11.82 -52.82
C VAL E 209 -13.38 -11.92 -54.12
N CYS E 210 -12.80 -12.49 -55.18
CA CYS E 210 -13.52 -12.70 -56.45
C CYS E 210 -14.76 -13.60 -56.35
N LYS E 211 -14.85 -14.46 -55.34
CA LYS E 211 -15.96 -15.30 -55.09
C LYS E 211 -17.12 -14.63 -54.33
N PHE E 212 -16.95 -13.40 -53.87
CA PHE E 212 -17.95 -12.74 -53.04
C PHE E 212 -18.46 -11.38 -53.53
N THR E 213 -18.14 -10.99 -54.73
CA THR E 213 -18.56 -9.69 -55.22
C THR E 213 -20.06 -9.44 -55.22
N LYS E 214 -20.87 -10.44 -55.49
CA LYS E 214 -22.33 -10.29 -55.44
C LYS E 214 -22.79 -9.96 -53.99
N TRP E 215 -22.33 -10.73 -52.98
CA TRP E 215 -22.69 -10.46 -51.59
C TRP E 215 -22.17 -9.08 -51.14
N ILE E 216 -20.93 -8.70 -51.54
CA ILE E 216 -20.33 -7.41 -51.18
C ILE E 216 -21.21 -6.28 -51.70
N ASN E 217 -21.54 -6.33 -53.00
CA ASN E 217 -22.37 -5.30 -53.61
C ASN E 217 -23.80 -5.30 -53.07
N ASP E 218 -24.44 -6.47 -52.94
CA ASP E 218 -25.81 -6.59 -52.41
C ASP E 218 -25.92 -6.04 -50.96
N THR E 219 -24.97 -6.40 -50.07
CA THR E 219 -24.96 -5.98 -48.64
C THR E 219 -24.84 -4.46 -48.51
N MET E 220 -23.95 -3.84 -49.30
CA MET E 220 -23.77 -2.38 -49.30
C MET E 220 -25.04 -1.66 -49.72
N LYS E 221 -25.75 -2.18 -50.75
CA LYS E 221 -27.01 -1.62 -51.26
C LYS E 221 -28.15 -1.82 -50.24
N LYS E 222 -28.23 -3.01 -49.61
CA LYS E 222 -29.27 -3.31 -48.60
C LYS E 222 -29.14 -2.51 -47.30
N HIS E 223 -27.91 -2.22 -46.84
CA HIS E 223 -27.70 -1.53 -45.57
C HIS E 223 -27.19 -0.11 -45.72
N ARG E 224 -27.32 0.50 -46.91
CA ARG E 224 -26.91 1.87 -47.20
C ARG E 224 -27.67 2.92 -46.38
N ILE F 1 6.87 31.15 70.59
CA ILE F 1 5.89 31.94 69.80
C ILE F 1 5.80 33.38 70.35
N ILE F 2 5.99 34.39 69.50
CA ILE F 2 5.93 35.80 69.89
C ILE F 2 4.55 36.36 69.58
N ASP F 3 3.93 37.03 70.56
CA ASP F 3 2.69 37.80 70.45
C ASP F 3 1.45 36.97 70.08
N GLY F 4 1.42 35.71 70.52
CA GLY F 4 0.27 34.85 70.31
C GLY F 4 -0.58 34.69 71.55
N ALA F 5 -1.17 33.49 71.72
CA ALA F 5 -1.99 33.16 72.88
C ALA F 5 -1.96 31.65 73.09
N PRO F 6 -2.36 31.12 74.27
CA PRO F 6 -2.35 29.65 74.43
C PRO F 6 -3.28 28.97 73.42
N CYS F 7 -2.83 27.86 72.82
CA CYS F 7 -3.69 27.11 71.89
C CYS F 7 -4.89 26.56 72.63
N ALA F 8 -6.02 26.45 71.94
CA ALA F 8 -7.23 25.84 72.54
C ALA F 8 -6.88 24.40 72.93
N ARG F 9 -7.25 23.98 74.14
CA ARG F 9 -6.91 22.64 74.64
C ARG F 9 -7.40 21.52 73.68
N GLY F 10 -6.51 20.58 73.35
CA GLY F 10 -6.82 19.45 72.47
C GLY F 10 -6.92 19.75 70.99
N SER F 11 -6.59 20.99 70.56
CA SER F 11 -6.69 21.31 69.14
C SER F 11 -5.39 21.02 68.34
N HIS F 12 -4.29 20.61 69.01
CA HIS F 12 -3.02 20.30 68.31
C HIS F 12 -2.52 18.89 68.66
N PRO F 13 -3.34 17.84 68.40
CA PRO F 13 -2.93 16.46 68.76
C PRO F 13 -1.78 15.87 67.95
N TRP F 14 -1.41 16.51 66.82
CA TRP F 14 -0.28 16.10 65.97
C TRP F 14 1.01 16.85 66.33
N GLN F 15 0.94 17.81 67.26
CA GLN F 15 2.12 18.56 67.72
C GLN F 15 2.91 17.69 68.73
N VAL F 16 4.22 17.64 68.55
CA VAL F 16 5.10 16.93 69.51
C VAL F 16 6.21 17.91 69.93
N ALA F 17 6.98 17.56 70.99
CA ALA F 17 8.15 18.32 71.38
C ALA F 17 9.32 17.34 71.41
N LEU F 18 10.48 17.79 70.92
CA LEU F 18 11.71 17.02 70.98
C LEU F 18 12.45 17.60 72.16
N LEU F 19 12.74 16.76 73.16
CA LEU F 19 13.45 17.18 74.36
C LEU F 19 14.84 16.58 74.41
N SER F 20 15.76 17.27 75.09
CA SER F 20 17.13 16.81 75.31
C SER F 20 17.42 17.13 76.78
N GLY F 21 17.64 16.11 77.60
CA GLY F 21 17.87 16.33 79.03
C GLY F 21 16.69 17.01 79.70
N ASN F 22 15.47 16.65 79.25
CA ASN F 22 14.22 17.18 79.77
C ASN F 22 14.03 18.70 79.50
N GLN F 23 14.82 19.27 78.59
CA GLN F 23 14.65 20.63 78.14
C GLN F 23 14.14 20.66 76.70
N LEU F 24 13.30 21.64 76.39
CA LEU F 24 12.77 21.79 75.04
C LEU F 24 13.90 22.06 74.06
N HIS F 25 13.98 21.22 73.04
CA HIS F 25 14.97 21.40 71.98
C HIS F 25 14.30 21.94 70.69
N CYS F 26 13.21 21.32 70.27
CA CYS F 26 12.52 21.71 69.02
C CYS F 26 11.05 21.28 69.11
N GLY F 27 10.26 21.79 68.18
CA GLY F 27 8.93 21.32 67.85
C GLY F 27 9.02 20.22 66.79
N GLY F 28 7.90 19.61 66.51
CA GLY F 28 7.76 18.55 65.51
C GLY F 28 6.31 18.23 65.29
N VAL F 29 6.03 17.31 64.35
CA VAL F 29 4.69 16.84 64.02
C VAL F 29 4.70 15.36 63.91
N LEU F 30 3.65 14.71 64.40
CA LEU F 30 3.49 13.28 64.24
C LEU F 30 2.95 13.01 62.83
N VAL F 31 3.70 12.26 62.01
CA VAL F 31 3.28 11.89 60.63
C VAL F 31 2.48 10.59 60.72
N ASN F 32 2.99 9.63 61.43
CA ASN F 32 2.27 8.40 61.68
C ASN F 32 2.77 7.81 63.00
N GLU F 33 2.32 6.63 63.36
CA GLU F 33 2.74 6.00 64.61
C GLU F 33 4.24 5.81 64.87
N ARG F 34 5.05 5.73 63.84
CA ARG F 34 6.42 5.50 63.96
C ARG F 34 7.33 6.70 63.64
N TRP F 35 6.76 7.73 63.07
CA TRP F 35 7.52 8.84 62.57
C TRP F 35 7.12 10.26 62.96
N VAL F 36 8.13 11.06 63.23
CA VAL F 36 7.96 12.49 63.56
C VAL F 36 8.70 13.31 62.48
N LEU F 37 8.09 14.41 62.03
CA LEU F 37 8.70 15.31 61.06
C LEU F 37 9.07 16.59 61.79
N THR F 38 10.27 17.09 61.51
CA THR F 38 10.82 18.28 62.16
C THR F 38 11.88 18.88 61.24
N ALA F 39 12.58 19.93 61.72
CA ALA F 39 13.64 20.57 60.94
C ALA F 39 14.93 19.77 61.05
N ALA F 40 15.75 19.78 59.98
CA ALA F 40 17.10 19.16 59.99
C ALA F 40 18.00 19.86 61.03
N HIS F 41 17.76 21.16 61.30
N HIS F 41 17.76 21.16 61.29
CA HIS F 41 18.51 21.95 62.30
CA HIS F 41 18.45 21.96 62.29
C HIS F 41 18.39 21.32 63.71
C HIS F 41 18.42 21.27 63.66
N CYS F 42 17.34 20.51 63.93
CA CYS F 42 17.08 19.84 65.20
C CYS F 42 17.80 18.50 65.40
N LYS F 43 18.71 18.12 64.49
CA LYS F 43 19.44 16.87 64.57
C LYS F 43 20.13 16.62 65.92
N MET F 44 19.93 15.41 66.46
CA MET F 44 20.55 14.90 67.70
C MET F 44 20.75 13.40 67.54
N ASN F 45 21.63 12.80 68.36
CA ASN F 45 21.86 11.35 68.36
C ASN F 45 20.69 10.61 69.00
N GLU F 46 20.04 11.24 69.97
CA GLU F 46 18.91 10.67 70.71
C GLU F 46 17.90 11.80 70.97
N TYR F 47 16.61 11.46 71.00
CA TYR F 47 15.55 12.43 71.28
C TYR F 47 14.61 11.81 72.28
N THR F 48 14.00 12.66 73.10
CA THR F 48 12.88 12.22 73.94
C THR F 48 11.72 12.96 73.31
N VAL F 49 10.71 12.23 72.85
CA VAL F 49 9.57 12.85 72.18
C VAL F 49 8.39 12.95 73.15
N HIS F 50 7.85 14.17 73.31
CA HIS F 50 6.67 14.44 74.14
C HIS F 50 5.48 14.46 73.20
N LEU F 51 4.41 13.71 73.50
CA LEU F 51 3.19 13.71 72.67
C LEU F 51 1.94 13.71 73.59
N GLY F 52 0.83 14.22 73.08
CA GLY F 52 -0.45 14.11 73.74
C GLY F 52 -0.79 15.00 74.88
N SER F 53 -0.20 16.20 74.91
CA SER F 53 -0.55 17.19 75.90
C SER F 53 -0.09 18.55 75.46
N ASP F 54 -0.91 19.56 75.78
CA ASP F 54 -0.58 20.96 75.52
C ASP F 54 0.39 21.50 76.55
N THR F 55 0.62 20.73 77.64
CA THR F 55 1.50 21.10 78.76
C THR F 55 2.66 20.13 78.84
N LEU F 56 3.89 20.65 78.72
CA LEU F 56 5.12 19.84 78.88
C LEU F 56 5.19 19.42 80.34
N GLY F 57 5.49 18.14 80.59
CA GLY F 57 5.55 17.62 81.95
C GLY F 57 4.27 16.97 82.45
N ASP F 58 3.13 17.16 81.71
CA ASP F 58 1.82 16.58 82.06
C ASP F 58 1.98 15.07 82.18
N ARG F 59 1.59 14.46 83.33
CA ARG F 59 1.65 12.99 83.56
C ARG F 59 0.95 12.20 82.44
N ARG F 60 -0.13 12.77 81.87
CA ARG F 60 -0.96 12.13 80.82
C ARG F 60 -0.30 12.09 79.45
N ALA F 61 0.78 12.87 79.25
CA ALA F 61 1.49 12.87 77.96
C ALA F 61 2.23 11.55 77.77
N GLN F 62 2.46 11.16 76.52
CA GLN F 62 3.27 9.99 76.20
C GLN F 62 4.70 10.51 76.04
N ARG F 63 5.66 9.70 76.37
CA ARG F 63 7.03 10.08 76.26
C ARG F 63 7.69 8.91 75.57
N ILE F 64 8.27 9.13 74.40
CA ILE F 64 8.88 8.08 73.60
C ILE F 64 10.29 8.41 73.17
N LYS F 65 11.21 7.47 73.31
CA LYS F 65 12.56 7.73 72.91
C LYS F 65 12.72 7.46 71.42
N ALA F 66 13.65 8.15 70.78
CA ALA F 66 13.93 7.98 69.37
C ALA F 66 15.44 8.04 69.20
N SER F 67 16.01 6.96 68.64
CA SER F 67 17.45 6.78 68.45
C SER F 67 17.89 6.84 66.99
N LYS F 68 16.93 7.01 66.05
CA LYS F 68 17.21 7.09 64.61
C LYS F 68 16.53 8.32 64.01
N SER F 69 17.26 9.02 63.12
CA SER F 69 16.75 10.21 62.42
C SER F 69 17.47 10.40 61.11
N PHE F 70 16.77 10.97 60.13
CA PHE F 70 17.25 11.09 58.76
C PHE F 70 16.99 12.48 58.23
N ARG F 71 18.08 13.26 58.03
CA ARG F 71 17.99 14.60 57.47
C ARG F 71 17.84 14.51 55.97
N HIS F 72 17.14 15.47 55.37
CA HIS F 72 17.08 15.56 53.92
C HIS F 72 18.56 15.71 53.42
N PRO F 73 19.05 14.84 52.49
CA PRO F 73 20.45 14.95 52.03
C PRO F 73 20.82 16.31 51.44
N GLY F 74 19.83 17.08 51.00
CA GLY F 74 20.06 18.41 50.45
C GLY F 74 20.21 19.49 51.51
N TYR F 75 20.10 19.14 52.82
CA TYR F 75 20.19 20.13 53.88
C TYR F 75 21.50 20.86 53.93
N SER F 76 21.44 22.20 54.06
CA SER F 76 22.63 23.02 54.21
C SER F 76 22.58 23.84 55.49
N THR F 77 23.59 23.71 56.31
CA THR F 77 23.73 24.51 57.52
C THR F 77 24.09 25.97 57.17
N GLN F 78 24.55 26.22 55.93
CA GLN F 78 24.93 27.57 55.51
C GLN F 78 23.74 28.44 55.11
N THR F 79 22.84 27.90 54.25
CA THR F 79 21.68 28.62 53.73
C THR F 79 20.34 28.19 54.32
N HIS F 80 20.33 27.05 55.07
CA HIS F 80 19.13 26.43 55.68
C HIS F 80 18.20 25.82 54.64
N VAL F 81 18.69 25.64 53.40
CA VAL F 81 17.88 25.01 52.34
C VAL F 81 17.58 23.54 52.74
N ASN F 82 16.38 23.01 52.40
CA ASN F 82 15.99 21.61 52.67
C ASN F 82 16.05 21.26 54.15
N ASP F 83 15.58 22.20 54.98
CA ASP F 83 15.56 22.07 56.43
C ASP F 83 14.42 21.14 56.92
N LEU F 84 14.61 19.84 56.77
CA LEU F 84 13.62 18.86 57.23
C LEU F 84 14.28 17.55 57.52
N MET F 85 13.69 16.83 58.48
CA MET F 85 14.25 15.59 58.98
C MET F 85 13.12 14.72 59.49
N LEU F 86 13.28 13.40 59.33
CA LEU F 86 12.36 12.42 59.88
C LEU F 86 13.00 11.76 61.07
N VAL F 87 12.25 11.65 62.16
CA VAL F 87 12.70 11.07 63.42
C VAL F 87 11.90 9.80 63.63
N LYS F 88 12.62 8.67 63.74
CA LYS F 88 12.01 7.36 63.92
C LYS F 88 11.86 7.02 65.39
N LEU F 89 10.61 6.86 65.83
CA LEU F 89 10.28 6.50 67.22
C LEU F 89 10.69 5.07 67.51
N ASN F 90 11.24 4.84 68.69
CA ASN F 90 11.70 3.53 69.07
C ASN F 90 10.54 2.57 69.25
N SER F 91 9.41 3.11 69.61
CA SER F 91 8.20 2.35 69.77
C SER F 91 7.03 3.19 69.24
N GLN F 92 5.94 2.56 68.87
CA GLN F 92 4.85 3.28 68.27
C GLN F 92 4.12 4.23 69.19
N ALA F 93 3.72 5.37 68.67
CA ALA F 93 2.90 6.26 69.41
C ALA F 93 1.52 5.63 69.48
N ARG F 94 0.85 5.80 70.59
CA ARG F 94 -0.47 5.27 70.77
C ARG F 94 -1.46 6.35 70.42
N LEU F 95 -2.15 6.18 69.31
CA LEU F 95 -3.13 7.14 68.89
C LEU F 95 -4.27 7.22 69.91
N SER F 96 -4.75 8.42 70.17
CA SER F 96 -5.75 8.68 71.21
C SER F 96 -6.50 9.95 70.89
N SER F 97 -7.37 10.42 71.82
CA SER F 97 -8.04 11.71 71.66
C SER F 97 -7.03 12.87 71.63
N MET F 98 -5.83 12.68 72.20
CA MET F 98 -4.80 13.73 72.26
C MET F 98 -3.58 13.51 71.35
N VAL F 99 -3.52 12.37 70.64
CA VAL F 99 -2.41 12.00 69.75
C VAL F 99 -3.03 11.57 68.41
N LYS F 100 -2.79 12.38 67.36
CA LYS F 100 -3.31 12.12 66.01
C LYS F 100 -2.24 12.40 64.99
N LYS F 101 -2.35 11.77 63.82
CA LYS F 101 -1.46 11.98 62.69
C LYS F 101 -1.78 13.36 62.05
N VAL F 102 -0.75 14.09 61.62
CA VAL F 102 -0.91 15.38 60.93
C VAL F 102 -1.48 15.12 59.50
N ARG F 103 -2.16 16.11 58.94
CA ARG F 103 -2.65 15.96 57.57
C ARG F 103 -1.58 16.57 56.67
N LEU F 104 -0.87 15.72 55.92
CA LEU F 104 0.16 16.20 55.01
C LEU F 104 -0.49 16.91 53.81
N PRO F 105 0.17 17.91 53.21
CA PRO F 105 -0.49 18.67 52.13
C PRO F 105 -0.48 17.94 50.79
N SER F 106 -1.46 18.24 49.94
CA SER F 106 -1.48 17.71 48.57
C SER F 106 -1.00 18.83 47.66
N ARG F 107 -1.37 20.06 47.99
CA ARG F 107 -1.00 21.27 47.27
C ARG F 107 -0.41 22.32 48.19
N CYS F 108 0.19 23.34 47.59
CA CYS F 108 0.75 24.45 48.29
C CYS F 108 -0.27 25.57 48.42
N GLU F 109 -0.43 26.13 49.59
CA GLU F 109 -1.37 27.23 49.82
C GLU F 109 -0.78 28.51 49.31
N PRO F 110 -1.59 29.36 48.69
CA PRO F 110 -1.03 30.57 48.09
C PRO F 110 -0.77 31.73 49.07
N PRO F 111 0.01 32.77 48.66
CA PRO F 111 0.16 33.97 49.51
C PRO F 111 -1.19 34.55 49.92
N GLY F 112 -1.25 35.12 51.12
CA GLY F 112 -2.49 35.70 51.65
C GLY F 112 -3.28 34.76 52.55
N THR F 113 -3.07 33.42 52.44
CA THR F 113 -3.77 32.41 53.27
C THR F 113 -3.45 32.62 54.77
N THR F 114 -4.46 32.60 55.66
CA THR F 114 -4.27 32.68 57.13
C THR F 114 -3.90 31.28 57.62
N CYS F 115 -2.87 31.22 58.47
CA CYS F 115 -2.28 29.99 59.01
C CYS F 115 -2.07 30.13 60.50
N THR F 116 -1.80 29.03 61.18
CA THR F 116 -1.49 29.09 62.61
C THR F 116 -0.19 28.33 62.81
N VAL F 117 0.76 28.96 63.50
CA VAL F 117 2.03 28.34 63.92
C VAL F 117 1.93 28.15 65.44
N SER F 118 2.40 27.00 65.91
CA SER F 118 2.36 26.67 67.34
C SER F 118 3.69 26.16 67.86
N GLY F 119 3.92 26.32 69.16
CA GLY F 119 5.13 25.80 69.77
C GLY F 119 5.31 26.21 71.21
N TRP F 120 6.33 25.60 71.86
CA TRP F 120 6.65 25.89 73.25
C TRP F 120 7.91 26.76 73.35
N GLY F 121 8.31 27.38 72.23
CA GLY F 121 9.49 28.23 72.21
C GLY F 121 9.31 29.52 72.99
N THR F 122 10.38 30.32 73.10
CA THR F 122 10.33 31.58 73.85
C THR F 122 9.22 32.50 73.32
N THR F 123 8.54 33.18 74.25
CA THR F 123 7.48 34.14 73.93
C THR F 123 8.05 35.57 73.90
N THR F 124 9.34 35.72 74.22
CA THR F 124 10.01 37.01 74.24
C THR F 124 11.34 36.87 73.53
N SER F 125 11.97 38.00 73.12
CA SER F 125 13.28 37.98 72.47
C SER F 125 13.87 39.40 72.61
N PRO F 126 15.19 39.61 72.91
CA PRO F 126 16.27 38.61 73.08
C PRO F 126 16.18 37.79 74.37
N ASP F 127 15.66 38.36 75.43
CA ASP F 127 15.47 37.69 76.72
C ASP F 127 14.53 36.52 76.51
N VAL F 128 14.83 35.34 77.10
CA VAL F 128 14.01 34.16 76.86
C VAL F 128 12.97 33.93 77.98
N THR F 129 11.75 33.52 77.59
CA THR F 129 10.63 33.24 78.48
C THR F 129 9.94 32.02 77.91
N PHE F 130 10.14 30.84 78.52
CA PHE F 130 9.52 29.63 78.01
C PHE F 130 8.15 29.35 78.66
N PRO F 131 7.06 29.14 77.87
CA PRO F 131 5.76 28.82 78.49
C PRO F 131 5.65 27.30 78.76
N SER F 132 4.78 26.94 79.69
CA SER F 132 4.44 25.53 80.00
C SER F 132 3.46 25.05 78.94
N ASP F 133 2.48 25.96 78.61
CA ASP F 133 1.41 25.63 77.68
C ASP F 133 1.75 25.99 76.27
N LEU F 134 1.30 25.15 75.33
CA LEU F 134 1.51 25.33 73.92
C LEU F 134 0.88 26.66 73.47
N MET F 135 1.66 27.46 72.76
CA MET F 135 1.24 28.78 72.27
C MET F 135 0.94 28.74 70.78
N CYS F 136 0.01 29.58 70.32
CA CYS F 136 -0.47 29.66 68.93
C CYS F 136 -0.42 31.09 68.46
N VAL F 137 -0.15 31.32 67.18
CA VAL F 137 -0.26 32.67 66.62
C VAL F 137 -0.73 32.55 65.16
N ASP F 138 -1.70 33.38 64.76
CA ASP F 138 -2.16 33.37 63.37
C ASP F 138 -1.32 34.30 62.53
N VAL F 139 -0.79 33.78 61.41
CA VAL F 139 0.04 34.57 60.50
C VAL F 139 -0.48 34.37 59.08
N LYS F 140 -0.07 35.20 58.13
CA LYS F 140 -0.50 35.04 56.75
C LYS F 140 0.71 34.71 55.88
N LEU F 141 0.50 33.87 54.85
CA LEU F 141 1.58 33.53 53.89
C LEU F 141 1.93 34.77 53.07
N ILE F 142 3.24 35.02 52.95
CA ILE F 142 3.82 36.14 52.24
C ILE F 142 4.45 35.62 50.96
N SER F 143 4.18 36.30 49.84
CA SER F 143 4.73 35.90 48.55
C SER F 143 6.27 35.91 48.54
N PRO F 144 6.92 35.02 47.74
CA PRO F 144 8.40 35.07 47.63
C PRO F 144 8.91 36.46 47.21
N GLN F 145 8.20 37.16 46.31
CA GLN F 145 8.57 38.51 45.85
C GLN F 145 8.63 39.50 47.03
N ASP F 146 7.62 39.49 47.92
CA ASP F 146 7.62 40.35 49.11
C ASP F 146 8.70 39.95 50.10
N CYS F 147 8.88 38.64 50.32
CA CYS F 147 9.86 38.12 51.27
C CYS F 147 11.31 38.38 50.83
N THR F 148 11.55 38.42 49.49
CA THR F 148 12.86 38.69 48.88
C THR F 148 13.34 40.11 49.17
N LYS F 149 12.39 41.06 49.32
CA LYS F 149 12.69 42.44 49.68
C LYS F 149 13.37 42.50 51.07
N VAL F 150 13.15 41.47 51.92
CA VAL F 150 13.75 41.37 53.26
C VAL F 150 15.02 40.50 53.24
N TYR F 151 14.94 39.29 52.69
CA TYR F 151 16.00 38.29 52.78
C TYR F 151 16.89 38.07 51.53
N LYS F 152 16.57 38.75 50.42
CA LYS F 152 17.32 38.70 49.16
C LYS F 152 17.53 37.26 48.66
N ASP F 153 18.76 36.91 48.25
CA ASP F 153 19.14 35.62 47.66
C ASP F 153 19.21 34.47 48.64
N LEU F 154 19.04 34.72 49.95
CA LEU F 154 19.07 33.64 50.93
C LEU F 154 17.80 32.76 50.78
N LEU F 155 16.72 33.34 50.24
CA LEU F 155 15.44 32.67 50.05
C LEU F 155 15.44 31.68 48.89
N GLU F 156 14.99 30.47 49.12
CA GLU F 156 14.88 29.49 48.07
C GLU F 156 13.43 29.16 47.82
N ASN F 157 13.10 28.57 46.70
CA ASN F 157 11.69 28.27 46.41
C ASN F 157 10.98 27.19 47.22
N SER F 158 11.70 26.44 48.03
CA SER F 158 11.15 25.44 48.89
C SER F 158 11.00 25.99 50.34
N MET F 159 11.19 27.28 50.46
CA MET F 159 10.99 28.02 51.67
C MET F 159 9.70 28.85 51.54
N LEU F 160 8.94 28.94 52.61
CA LEU F 160 7.68 29.65 52.69
C LEU F 160 7.78 30.73 53.78
N CYS F 161 7.38 31.95 53.48
CA CYS F 161 7.42 33.05 54.42
C CYS F 161 6.04 33.39 54.97
N ALA F 162 6.00 33.79 56.22
CA ALA F 162 4.73 34.12 56.89
C ALA F 162 4.94 35.21 57.96
N GLY F 163 3.91 36.02 58.14
CA GLY F 163 3.89 37.09 59.13
C GLY F 163 2.64 37.93 59.02
N ILE F 164 2.59 38.99 59.84
CA ILE F 164 1.47 39.94 59.81
C ILE F 164 2.09 41.33 59.61
N PRO F 165 1.65 42.13 58.62
CA PRO F 165 2.24 43.49 58.48
C PRO F 165 2.16 44.31 59.77
N ASP F 166 3.25 45.01 60.09
CA ASP F 166 3.35 45.92 61.26
C ASP F 166 3.01 45.24 62.57
N SER F 167 3.32 43.95 62.68
CA SER F 167 3.03 43.15 63.88
C SER F 167 4.22 42.30 64.26
N LYS F 168 4.37 42.04 65.57
CA LYS F 168 5.44 41.19 66.09
C LYS F 168 5.16 39.69 65.91
N LYS F 169 3.93 39.32 65.53
CA LYS F 169 3.47 37.93 65.45
C LYS F 169 4.43 37.05 64.68
N ASN F 170 4.99 36.02 65.35
CA ASN F 170 6.01 35.17 64.70
C ASN F 170 6.40 33.99 65.58
N ALA F 171 7.27 33.14 65.04
CA ALA F 171 7.82 31.99 65.75
C ALA F 171 9.22 32.40 66.25
N CYS F 172 9.79 31.67 67.23
CA CYS F 172 11.11 32.03 67.75
C CYS F 172 11.87 30.74 68.17
N ASN F 173 13.07 30.87 68.78
CA ASN F 173 13.88 29.71 69.21
C ASN F 173 13.05 28.78 70.10
N GLY F 174 13.12 27.48 69.82
CA GLY F 174 12.36 26.48 70.58
C GLY F 174 11.15 26.00 69.80
N ASP F 175 10.64 26.86 68.88
CA ASP F 175 9.53 26.52 67.98
C ASP F 175 10.05 25.78 66.73
N SER F 176 11.34 25.90 66.43
CA SER F 176 12.01 25.28 65.26
C SER F 176 11.53 23.85 65.03
N GLY F 177 11.16 23.56 63.79
CA GLY F 177 10.69 22.23 63.41
C GLY F 177 9.21 22.01 63.67
N GLY F 178 8.57 22.97 64.31
CA GLY F 178 7.15 22.92 64.63
C GLY F 178 6.22 23.29 63.49
N PRO F 179 4.91 23.04 63.65
CA PRO F 179 4.00 23.19 62.50
C PRO F 179 3.42 24.56 62.21
N LEU F 180 3.30 24.84 60.91
CA LEU F 180 2.58 25.95 60.34
C LEU F 180 1.46 25.26 59.57
N VAL F 181 0.20 25.41 60.05
CA VAL F 181 -0.93 24.74 59.39
CA VAL F 181 -0.97 24.74 59.46
C VAL F 181 -1.91 25.77 58.80
N CYS F 182 -2.36 25.50 57.57
CA CYS F 182 -3.28 26.37 56.84
C CYS F 182 -4.38 25.50 56.30
N ARG F 183 -5.63 25.96 56.43
CA ARG F 183 -6.80 25.29 55.88
C ARG F 183 -6.79 23.74 56.09
N GLY F 184 -6.49 23.34 57.33
CA GLY F 184 -6.44 21.95 57.77
C GLY F 184 -5.27 21.07 57.36
N THR F 185 -4.22 21.64 56.69
CA THR F 185 -3.05 20.83 56.29
C THR F 185 -1.76 21.46 56.74
N LEU F 186 -0.75 20.61 56.90
CA LEU F 186 0.57 21.05 57.27
C LEU F 186 1.23 21.73 56.09
N GLN F 187 1.52 23.00 56.20
CA GLN F 187 2.17 23.71 55.11
C GLN F 187 3.63 24.08 55.34
N GLY F 188 4.00 24.27 56.59
CA GLY F 188 5.36 24.60 56.89
C GLY F 188 5.95 24.07 58.18
N LEU F 189 7.27 24.09 58.26
CA LEU F 189 7.99 23.74 59.49
C LEU F 189 8.81 24.96 59.83
N VAL F 190 8.75 25.42 61.09
CA VAL F 190 9.52 26.61 61.53
C VAL F 190 10.99 26.40 61.20
N SER F 191 11.62 27.33 60.49
CA SER F 191 13.01 27.14 60.10
C SER F 191 13.95 28.23 60.58
N TRP F 192 13.73 29.49 60.15
CA TRP F 192 14.62 30.61 60.56
C TRP F 192 13.90 31.93 60.40
N GLY F 193 14.53 32.99 60.87
CA GLY F 193 14.02 34.34 60.81
C GLY F 193 15.06 35.29 61.33
N THR F 194 14.66 36.52 61.63
CA THR F 194 15.61 37.48 62.15
C THR F 194 15.83 37.26 63.67
N PHE F 195 16.95 37.75 64.19
CA PHE F 195 17.22 37.68 65.62
C PHE F 195 17.65 39.07 66.08
N PRO F 196 17.00 39.67 67.10
CA PRO F 196 15.89 39.13 67.92
C PRO F 196 14.62 38.84 67.13
N CYS F 197 13.84 37.87 67.62
CA CYS F 197 12.56 37.46 67.05
C CYS F 197 11.52 38.54 67.20
N GLY F 198 10.41 38.39 66.49
CA GLY F 198 9.27 39.28 66.63
C GLY F 198 9.49 40.70 66.17
N GLN F 199 10.34 40.91 65.15
CA GLN F 199 10.54 42.25 64.62
C GLN F 199 9.45 42.48 63.57
N PRO F 200 8.67 43.58 63.69
CA PRO F 200 7.61 43.83 62.68
C PRO F 200 8.19 43.96 61.26
N ASN F 201 7.48 43.36 60.29
CA ASN F 201 7.77 43.35 58.84
C ASN F 201 8.99 42.48 58.47
N ASP F 202 9.45 41.62 59.42
CA ASP F 202 10.48 40.60 59.22
C ASP F 202 9.77 39.25 59.22
N PRO F 203 9.48 38.67 58.04
CA PRO F 203 8.75 37.40 58.04
C PRO F 203 9.50 36.25 58.69
N GLY F 204 8.75 35.28 59.18
CA GLY F 204 9.29 34.00 59.64
C GLY F 204 9.46 33.14 58.40
N VAL F 205 10.50 32.35 58.35
CA VAL F 205 10.74 31.48 57.22
C VAL F 205 10.60 30.02 57.59
N TYR F 206 9.84 29.33 56.77
CA TYR F 206 9.47 27.96 56.95
C TYR F 206 9.86 27.00 55.82
N THR F 207 10.07 25.74 56.15
CA THR F 207 10.32 24.72 55.12
C THR F 207 8.95 24.45 54.52
N GLN F 208 8.83 24.58 53.22
CA GLN F 208 7.56 24.38 52.52
C GLN F 208 7.30 22.91 52.26
N VAL F 209 6.57 22.32 53.18
CA VAL F 209 6.25 20.92 53.19
C VAL F 209 5.64 20.31 51.91
N CYS F 210 4.89 21.09 51.13
CA CYS F 210 4.28 20.64 49.86
C CYS F 210 5.28 20.30 48.75
N LYS F 211 6.52 20.75 48.88
CA LYS F 211 7.62 20.53 47.99
C LYS F 211 8.43 19.25 48.33
N PHE F 212 8.09 18.57 49.42
CA PHE F 212 8.85 17.44 49.92
C PHE F 212 8.08 16.16 50.20
N THR F 213 6.87 16.07 49.73
CA THR F 213 6.08 14.91 50.03
C THR F 213 6.58 13.57 49.48
N LYS F 214 7.25 13.59 48.35
CA LYS F 214 7.85 12.37 47.80
C LYS F 214 8.99 11.86 48.72
N TRP F 215 9.91 12.74 49.14
CA TRP F 215 11.02 12.35 50.02
C TRP F 215 10.49 11.85 51.36
N ILE F 216 9.45 12.51 51.91
CA ILE F 216 8.88 12.12 53.21
C ILE F 216 8.35 10.69 53.13
N ASN F 217 7.49 10.42 52.14
CA ASN F 217 6.90 9.12 51.93
C ASN F 217 7.93 8.02 51.63
N ASP F 218 8.90 8.29 50.73
CA ASP F 218 9.93 7.31 50.38
C ASP F 218 10.83 6.94 51.56
N THR F 219 11.27 7.96 52.35
CA THR F 219 12.14 7.78 53.51
C THR F 219 11.48 6.89 54.56
N MET F 220 10.19 7.14 54.89
CA MET F 220 9.49 6.29 55.87
C MET F 220 9.36 4.85 55.39
N LYS F 221 9.08 4.67 54.09
CA LYS F 221 8.96 3.35 53.47
C LYS F 221 10.32 2.61 53.48
N LYS F 222 11.41 3.30 53.08
CA LYS F 222 12.77 2.75 53.04
C LYS F 222 13.30 2.37 54.44
N HIS F 223 13.06 3.23 55.45
CA HIS F 223 13.61 2.99 56.79
C HIS F 223 12.63 2.38 57.81
N ARG F 224 11.51 1.79 57.32
CA ARG F 224 10.52 1.11 58.15
C ARG F 224 10.99 -0.33 58.40
N ILE G 1 -40.52 -40.22 -52.48
CA ILE G 1 -40.35 -41.02 -51.24
C ILE G 1 -40.27 -42.50 -51.63
N ILE G 2 -39.18 -43.19 -51.23
CA ILE G 2 -38.93 -44.60 -51.53
C ILE G 2 -39.32 -45.45 -50.35
N ASP G 3 -40.10 -46.54 -50.59
CA ASP G 3 -40.55 -47.54 -49.60
C ASP G 3 -41.39 -46.94 -48.45
N GLY G 4 -42.22 -45.97 -48.79
CA GLY G 4 -43.10 -45.33 -47.82
C GLY G 4 -44.54 -45.74 -48.00
N ALA G 5 -45.44 -44.87 -47.55
CA ALA G 5 -46.88 -45.11 -47.63
C ALA G 5 -47.59 -43.76 -47.69
N PRO G 6 -48.83 -43.65 -48.22
CA PRO G 6 -49.51 -42.35 -48.22
C PRO G 6 -49.61 -41.76 -46.81
N CYS G 7 -49.46 -40.43 -46.67
CA CYS G 7 -49.55 -39.76 -45.37
C CYS G 7 -51.01 -39.81 -44.89
N ALA G 8 -51.23 -39.75 -43.56
CA ALA G 8 -52.59 -39.72 -43.00
C ALA G 8 -53.15 -38.36 -43.42
N ARG G 9 -54.38 -38.37 -43.98
CA ARG G 9 -55.04 -37.16 -44.49
C ARG G 9 -55.13 -36.07 -43.45
N GLY G 10 -54.65 -34.88 -43.80
CA GLY G 10 -54.64 -33.72 -42.94
C GLY G 10 -53.51 -33.63 -41.93
N SER G 11 -52.59 -34.62 -41.93
CA SER G 11 -51.46 -34.62 -40.97
C SER G 11 -50.25 -33.78 -41.41
N HIS G 12 -50.24 -33.27 -42.65
CA HIS G 12 -49.12 -32.43 -43.12
C HIS G 12 -49.62 -31.07 -43.64
N PRO G 13 -50.31 -30.25 -42.79
CA PRO G 13 -50.85 -28.98 -43.28
C PRO G 13 -49.80 -27.91 -43.58
N TRP G 14 -48.54 -28.13 -43.16
CA TRP G 14 -47.42 -27.22 -43.37
C TRP G 14 -46.62 -27.60 -44.62
N GLN G 15 -46.94 -28.76 -45.23
CA GLN G 15 -46.29 -29.23 -46.46
C GLN G 15 -46.86 -28.45 -47.67
N VAL G 16 -45.96 -27.93 -48.53
CA VAL G 16 -46.37 -27.24 -49.75
C VAL G 16 -45.64 -27.90 -50.93
N ALA G 17 -46.12 -27.69 -52.15
CA ALA G 17 -45.39 -28.15 -53.32
C ALA G 17 -45.13 -26.94 -54.20
N LEU G 18 -43.93 -26.88 -54.80
CA LEU G 18 -43.56 -25.85 -55.76
C LEU G 18 -43.76 -26.47 -57.13
N LEU G 19 -44.64 -25.88 -57.93
CA LEU G 19 -44.94 -26.40 -59.27
C LEU G 19 -44.37 -25.50 -60.37
N SER G 20 -44.10 -26.10 -61.52
CA SER G 20 -43.63 -25.42 -62.73
C SER G 20 -44.39 -26.07 -63.87
N GLY G 21 -45.19 -25.28 -64.56
CA GLY G 21 -46.01 -25.76 -65.67
C GLY G 21 -46.93 -26.88 -65.23
N ASN G 22 -47.58 -26.73 -64.05
CA ASN G 22 -48.50 -27.73 -63.46
C ASN G 22 -47.83 -29.10 -63.21
N GLN G 23 -46.50 -29.12 -63.07
CA GLN G 23 -45.74 -30.34 -62.75
C GLN G 23 -44.96 -30.09 -61.47
N LEU G 24 -44.74 -31.14 -60.69
CA LEU G 24 -43.97 -31.06 -59.44
C LEU G 24 -42.51 -30.70 -59.68
N HIS G 25 -42.06 -29.62 -59.04
CA HIS G 25 -40.67 -29.19 -59.12
C HIS G 25 -39.94 -29.53 -57.80
N CYS G 26 -40.54 -29.20 -56.66
CA CYS G 26 -39.90 -29.41 -55.35
C CYS G 26 -40.96 -29.44 -54.26
N GLY G 27 -40.55 -29.89 -53.08
CA GLY G 27 -41.32 -29.82 -51.85
C GLY G 27 -40.93 -28.54 -51.13
N GLY G 28 -41.59 -28.27 -50.02
CA GLY G 28 -41.32 -27.09 -49.21
C GLY G 28 -42.20 -27.06 -47.99
N VAL G 29 -41.99 -26.06 -47.10
CA VAL G 29 -42.74 -25.89 -45.86
C VAL G 29 -43.23 -24.49 -45.72
N LEU G 30 -44.44 -24.36 -45.20
CA LEU G 30 -44.99 -23.06 -44.90
C LEU G 30 -44.40 -22.57 -43.54
N VAL G 31 -43.68 -21.43 -43.54
CA VAL G 31 -43.11 -20.86 -42.31
C VAL G 31 -44.15 -19.96 -41.64
N ASN G 32 -44.78 -19.08 -42.45
CA ASN G 32 -45.85 -18.18 -42.04
C ASN G 32 -46.70 -17.86 -43.28
N GLU G 33 -47.73 -17.03 -43.13
CA GLU G 33 -48.66 -16.65 -44.20
C GLU G 33 -48.00 -16.05 -45.44
N ARG G 34 -46.78 -15.52 -45.30
CA ARG G 34 -46.03 -14.85 -46.37
C ARG G 34 -44.85 -15.65 -46.92
N TRP G 35 -44.30 -16.62 -46.17
CA TRP G 35 -43.07 -17.32 -46.56
C TRP G 35 -43.12 -18.82 -46.57
N VAL G 36 -42.43 -19.39 -47.56
CA VAL G 36 -42.21 -20.80 -47.79
C VAL G 36 -40.69 -21.03 -47.68
N LEU G 37 -40.29 -22.13 -47.02
CA LEU G 37 -38.90 -22.52 -46.86
C LEU G 37 -38.71 -23.79 -47.70
N THR G 38 -37.60 -23.86 -48.46
CA THR G 38 -37.31 -24.99 -49.35
C THR G 38 -35.79 -25.05 -49.57
N ALA G 39 -35.35 -25.88 -50.49
CA ALA G 39 -33.95 -25.99 -50.81
C ALA G 39 -33.57 -24.90 -51.79
N ALA G 40 -32.32 -24.47 -51.74
CA ALA G 40 -31.77 -23.49 -52.68
C ALA G 40 -31.77 -24.05 -54.12
N HIS G 41 -31.50 -25.34 -54.21
N HIS G 41 -31.50 -25.34 -54.21
CA HIS G 41 -31.48 -26.05 -55.47
CA HIS G 41 -31.48 -26.06 -55.48
C HIS G 41 -32.80 -25.90 -56.25
C HIS G 41 -32.80 -25.92 -56.25
N CYS G 42 -33.88 -25.59 -55.53
CA CYS G 42 -35.21 -25.42 -56.13
C CYS G 42 -35.47 -24.03 -56.74
N LYS G 43 -34.45 -23.14 -56.76
CA LYS G 43 -34.55 -21.76 -57.29
C LYS G 43 -35.19 -21.69 -58.68
N MET G 44 -36.17 -20.79 -58.81
CA MET G 44 -36.85 -20.47 -60.06
C MET G 44 -37.14 -18.97 -60.02
N ASN G 45 -37.46 -18.37 -61.18
CA ASN G 45 -37.78 -16.93 -61.24
C ASN G 45 -39.19 -16.69 -60.72
N GLU G 46 -40.08 -17.67 -60.99
CA GLU G 46 -41.50 -17.66 -60.60
C GLU G 46 -41.84 -19.05 -60.08
N TYR G 47 -42.80 -19.12 -59.14
CA TYR G 47 -43.25 -20.38 -58.56
C TYR G 47 -44.74 -20.38 -58.53
N THR G 48 -45.33 -21.57 -58.54
CA THR G 48 -46.74 -21.75 -58.27
C THR G 48 -46.72 -22.63 -57.03
N VAL G 49 -47.21 -22.11 -55.93
CA VAL G 49 -47.19 -22.86 -54.69
C VAL G 49 -48.55 -23.53 -54.47
N HIS G 50 -48.54 -24.87 -54.28
CA HIS G 50 -49.72 -25.68 -53.96
C HIS G 50 -49.74 -25.78 -52.44
N LEU G 51 -50.87 -25.47 -51.79
CA LEU G 51 -51.02 -25.58 -50.33
C LEU G 51 -52.38 -26.16 -50.02
N GLY G 52 -52.53 -26.78 -48.86
CA GLY G 52 -53.82 -27.25 -48.35
C GLY G 52 -54.50 -28.46 -48.92
N SER G 53 -53.73 -29.45 -49.39
CA SER G 53 -54.26 -30.72 -49.89
C SER G 53 -53.16 -31.74 -50.00
N ASP G 54 -53.48 -33.02 -49.65
CA ASP G 54 -52.51 -34.12 -49.74
C ASP G 54 -52.42 -34.62 -51.17
N THR G 55 -53.34 -34.17 -52.02
CA THR G 55 -53.41 -34.57 -53.43
C THR G 55 -53.09 -33.41 -54.34
N LEU G 56 -52.04 -33.57 -55.16
CA LEU G 56 -51.68 -32.57 -56.16
C LEU G 56 -52.78 -32.59 -57.22
N GLY G 57 -53.35 -31.42 -57.52
CA GLY G 57 -54.42 -31.29 -58.51
C GLY G 57 -55.83 -31.22 -57.93
N ASP G 58 -55.92 -31.21 -56.59
CA ASP G 58 -57.18 -31.10 -55.86
C ASP G 58 -57.69 -29.66 -56.02
N ARG G 59 -58.97 -29.51 -56.41
CA ARG G 59 -59.62 -28.20 -56.58
C ARG G 59 -59.64 -27.40 -55.27
N ARG G 60 -59.80 -28.11 -54.12
CA ARG G 60 -59.82 -27.55 -52.76
C ARG G 60 -58.49 -26.98 -52.31
N ALA G 61 -57.37 -27.34 -53.00
CA ALA G 61 -56.05 -26.81 -52.67
C ALA G 61 -55.95 -25.33 -53.04
N GLN G 62 -55.18 -24.57 -52.26
CA GLN G 62 -54.87 -23.17 -52.55
C GLN G 62 -53.68 -23.15 -53.52
N ARG G 63 -53.68 -22.19 -54.44
CA ARG G 63 -52.60 -21.98 -55.40
C ARG G 63 -52.19 -20.52 -55.33
N ILE G 64 -50.94 -20.27 -54.96
CA ILE G 64 -50.41 -18.92 -54.78
C ILE G 64 -49.16 -18.76 -55.60
N LYS G 65 -49.08 -17.66 -56.35
CA LYS G 65 -47.88 -17.37 -57.16
C LYS G 65 -46.82 -16.74 -56.25
N ALA G 66 -45.54 -17.00 -56.54
CA ALA G 66 -44.44 -16.39 -55.82
C ALA G 66 -43.44 -15.85 -56.82
N SER G 67 -43.14 -14.57 -56.74
CA SER G 67 -42.23 -13.96 -57.73
C SER G 67 -40.88 -13.56 -57.15
N LYS G 68 -40.71 -13.72 -55.83
CA LYS G 68 -39.48 -13.37 -55.12
C LYS G 68 -38.96 -14.55 -54.30
N SER G 69 -37.63 -14.74 -54.30
CA SER G 69 -37.00 -15.83 -53.55
C SER G 69 -35.54 -15.50 -53.24
N PHE G 70 -35.08 -15.95 -52.08
CA PHE G 70 -33.77 -15.63 -51.52
C PHE G 70 -33.04 -16.84 -51.06
N ARG G 71 -31.99 -17.18 -51.76
CA ARG G 71 -31.15 -18.29 -51.40
C ARG G 71 -30.14 -17.87 -50.36
N HIS G 72 -29.76 -18.78 -49.50
CA HIS G 72 -28.74 -18.49 -48.52
C HIS G 72 -27.49 -18.12 -49.30
N PRO G 73 -26.82 -17.02 -48.94
CA PRO G 73 -25.61 -16.57 -49.63
C PRO G 73 -24.43 -17.54 -49.70
N GLY G 74 -24.33 -18.44 -48.75
CA GLY G 74 -23.32 -19.46 -48.69
C GLY G 74 -23.65 -20.71 -49.50
N TYR G 75 -24.76 -20.73 -50.20
CA TYR G 75 -25.12 -21.88 -50.99
C TYR G 75 -24.14 -22.15 -52.11
N SER G 76 -23.73 -23.39 -52.25
CA SER G 76 -22.86 -23.83 -53.30
C SER G 76 -23.50 -24.97 -54.11
N THR G 77 -23.66 -24.81 -55.41
CA THR G 77 -24.21 -25.87 -56.25
C THR G 77 -23.14 -27.01 -56.41
N GLN G 78 -21.86 -26.72 -56.09
CA GLN G 78 -20.73 -27.66 -56.21
C GLN G 78 -20.71 -28.71 -55.09
N THR G 79 -21.01 -28.26 -53.87
CA THR G 79 -20.95 -29.08 -52.69
C THR G 79 -22.26 -29.25 -51.95
N HIS G 80 -23.26 -28.47 -52.32
CA HIS G 80 -24.60 -28.46 -51.71
C HIS G 80 -24.69 -27.92 -50.28
N VAL G 81 -23.65 -27.23 -49.84
CA VAL G 81 -23.65 -26.64 -48.54
C VAL G 81 -24.65 -25.45 -48.54
N ASN G 82 -25.26 -25.20 -47.39
CA ASN G 82 -26.22 -24.12 -47.19
C ASN G 82 -27.36 -24.18 -48.20
N ASP G 83 -27.95 -25.36 -48.32
CA ASP G 83 -29.01 -25.61 -49.28
C ASP G 83 -30.38 -25.21 -48.79
N LEU G 84 -30.62 -23.91 -48.74
CA LEU G 84 -31.89 -23.40 -48.30
C LEU G 84 -32.27 -22.05 -48.89
N MET G 85 -33.56 -21.82 -48.97
CA MET G 85 -34.05 -20.63 -49.61
C MET G 85 -35.43 -20.27 -49.12
N LEU G 86 -35.72 -18.99 -49.12
CA LEU G 86 -37.01 -18.47 -48.68
C LEU G 86 -37.74 -17.97 -49.90
N VAL G 87 -38.99 -18.42 -50.08
CA VAL G 87 -39.86 -18.08 -51.20
C VAL G 87 -40.95 -17.18 -50.63
N LYS G 88 -41.02 -15.95 -51.17
CA LYS G 88 -41.98 -14.93 -50.77
C LYS G 88 -43.26 -15.03 -51.58
N LEU G 89 -44.37 -15.39 -50.90
CA LEU G 89 -45.69 -15.52 -51.53
C LEU G 89 -46.23 -14.12 -51.93
N ASN G 90 -46.72 -13.98 -53.18
CA ASN G 90 -47.26 -12.70 -53.71
C ASN G 90 -48.49 -12.22 -52.95
N SER G 91 -49.25 -13.18 -52.38
CA SER G 91 -50.43 -12.92 -51.54
C SER G 91 -50.39 -13.91 -50.38
N GLN G 92 -50.92 -13.50 -49.20
CA GLN G 92 -50.91 -14.33 -48.01
C GLN G 92 -51.68 -15.63 -48.15
N ALA G 93 -51.13 -16.72 -47.59
CA ALA G 93 -51.80 -18.02 -47.55
C ALA G 93 -52.91 -17.92 -46.52
N ARG G 94 -54.08 -18.52 -46.81
CA ARG G 94 -55.20 -18.51 -45.89
C ARG G 94 -55.04 -19.72 -45.01
N LEU G 95 -54.89 -19.50 -43.70
CA LEU G 95 -54.73 -20.60 -42.75
C LEU G 95 -56.08 -21.29 -42.53
N SER G 96 -56.05 -22.63 -42.48
CA SER G 96 -57.23 -23.46 -42.32
C SER G 96 -56.85 -24.75 -41.59
N SER G 97 -57.75 -25.76 -41.57
CA SER G 97 -57.48 -27.08 -40.99
C SER G 97 -56.41 -27.81 -41.84
N MET G 98 -56.27 -27.39 -43.12
CA MET G 98 -55.32 -27.96 -44.10
C MET G 98 -54.08 -27.07 -44.40
N VAL G 99 -54.04 -25.82 -43.90
CA VAL G 99 -52.91 -24.91 -44.13
C VAL G 99 -52.50 -24.35 -42.77
N LYS G 100 -51.34 -24.79 -42.26
CA LYS G 100 -50.83 -24.38 -40.94
C LYS G 100 -49.33 -24.11 -41.01
N LYS G 101 -48.80 -23.32 -40.05
CA LYS G 101 -47.38 -23.00 -40.01
C LYS G 101 -46.59 -24.17 -39.44
N VAL G 102 -45.39 -24.41 -39.98
CA VAL G 102 -44.53 -25.44 -39.43
C VAL G 102 -43.97 -24.93 -38.10
N ARG G 103 -43.51 -25.84 -37.25
CA ARG G 103 -42.85 -25.46 -36.01
C ARG G 103 -41.33 -25.50 -36.30
N LEU G 104 -40.70 -24.32 -36.28
CA LEU G 104 -39.25 -24.25 -36.45
C LEU G 104 -38.55 -24.73 -35.15
N PRO G 105 -37.36 -25.28 -35.25
CA PRO G 105 -36.76 -25.84 -34.07
C PRO G 105 -35.95 -24.86 -33.26
N SER G 106 -35.75 -25.19 -32.00
CA SER G 106 -34.89 -24.38 -31.16
C SER G 106 -33.59 -25.14 -30.88
N ARG G 107 -33.68 -26.45 -30.86
CA ARG G 107 -32.56 -27.33 -30.61
C ARG G 107 -32.43 -28.35 -31.72
N CYS G 108 -31.30 -29.01 -31.81
CA CYS G 108 -31.07 -30.03 -32.82
C CYS G 108 -31.33 -31.43 -32.27
N GLU G 109 -32.21 -32.22 -32.90
CA GLU G 109 -32.49 -33.54 -32.40
C GLU G 109 -31.27 -34.40 -32.61
N PRO G 110 -30.99 -35.27 -31.66
CA PRO G 110 -29.74 -36.04 -31.77
C PRO G 110 -29.83 -37.27 -32.66
N PRO G 111 -28.69 -37.93 -33.00
CA PRO G 111 -28.74 -39.22 -33.72
C PRO G 111 -29.61 -40.28 -33.00
N GLY G 112 -30.33 -41.07 -33.77
CA GLY G 112 -31.22 -42.10 -33.22
C GLY G 112 -32.68 -41.69 -33.16
N THR G 113 -32.98 -40.38 -33.27
CA THR G 113 -34.34 -39.85 -33.24
C THR G 113 -35.12 -40.30 -34.48
N THR G 114 -36.32 -40.84 -34.29
CA THR G 114 -37.19 -41.24 -35.39
C THR G 114 -37.87 -39.99 -35.92
N CYS G 115 -37.86 -39.84 -37.25
CA CYS G 115 -38.40 -38.70 -37.98
C CYS G 115 -39.25 -39.21 -39.14
N THR G 116 -40.01 -38.29 -39.75
CA THR G 116 -40.80 -38.57 -40.92
C THR G 116 -40.41 -37.57 -42.00
N VAL G 117 -40.14 -38.08 -43.20
CA VAL G 117 -39.90 -37.24 -44.34
C VAL G 117 -41.11 -37.45 -45.26
N SER G 118 -41.58 -36.38 -45.88
CA SER G 118 -42.75 -36.47 -46.76
C SER G 118 -42.52 -35.74 -48.09
N GLY G 119 -43.27 -36.15 -49.12
CA GLY G 119 -43.18 -35.58 -50.45
C GLY G 119 -43.97 -36.29 -51.52
N TRP G 120 -44.02 -35.65 -52.70
CA TRP G 120 -44.69 -36.14 -53.90
C TRP G 120 -43.64 -36.61 -54.93
N GLY G 121 -42.39 -36.74 -54.48
CA GLY G 121 -41.30 -37.19 -55.33
C GLY G 121 -41.49 -38.62 -55.80
N THR G 122 -40.63 -39.06 -56.71
CA THR G 122 -40.73 -40.41 -57.26
C THR G 122 -40.66 -41.49 -56.15
N THR G 123 -41.46 -42.55 -56.30
CA THR G 123 -41.54 -43.67 -55.38
C THR G 123 -40.65 -44.81 -55.87
N THR G 124 -40.00 -44.63 -57.03
CA THR G 124 -39.10 -45.61 -57.64
C THR G 124 -37.86 -44.91 -58.18
N SER G 125 -36.77 -45.66 -58.35
CA SER G 125 -35.52 -45.12 -58.89
C SER G 125 -34.72 -46.29 -59.45
N PRO G 126 -34.02 -46.14 -60.60
CA PRO G 126 -33.90 -44.94 -61.48
C PRO G 126 -35.20 -44.61 -62.27
N ASP G 127 -36.03 -45.61 -62.57
CA ASP G 127 -37.33 -45.47 -63.25
C ASP G 127 -38.24 -44.57 -62.40
N VAL G 128 -38.98 -43.60 -62.99
CA VAL G 128 -39.78 -42.68 -62.18
C VAL G 128 -41.26 -43.07 -62.11
N THR G 129 -41.86 -42.84 -60.93
CA THR G 129 -43.28 -43.08 -60.62
C THR G 129 -43.68 -41.91 -59.69
N PHE G 130 -44.37 -40.89 -60.24
CA PHE G 130 -44.77 -39.73 -59.44
C PHE G 130 -46.18 -39.88 -58.87
N PRO G 131 -46.33 -39.92 -57.53
CA PRO G 131 -47.68 -40.08 -56.96
C PRO G 131 -48.49 -38.79 -56.92
N SER G 132 -49.82 -38.94 -56.91
CA SER G 132 -50.72 -37.78 -56.76
C SER G 132 -50.89 -37.48 -55.29
N ASP G 133 -50.87 -38.54 -54.43
CA ASP G 133 -51.02 -38.44 -52.97
C ASP G 133 -49.70 -38.28 -52.28
N LEU G 134 -49.67 -37.44 -51.22
CA LEU G 134 -48.49 -37.16 -50.42
C LEU G 134 -47.99 -38.43 -49.73
N MET G 135 -46.69 -38.75 -49.92
CA MET G 135 -46.09 -39.95 -49.34
C MET G 135 -45.26 -39.62 -48.12
N CYS G 136 -45.22 -40.55 -47.16
CA CYS G 136 -44.52 -40.44 -45.88
C CYS G 136 -43.61 -41.65 -45.71
N VAL G 137 -42.48 -41.48 -45.01
CA VAL G 137 -41.61 -42.60 -44.61
C VAL G 137 -40.86 -42.25 -43.29
N ASP G 138 -40.77 -43.21 -42.37
CA ASP G 138 -40.08 -42.96 -41.11
C ASP G 138 -38.62 -43.36 -41.25
N VAL G 139 -37.73 -42.46 -40.86
CA VAL G 139 -36.28 -42.68 -40.90
C VAL G 139 -35.69 -42.20 -39.58
N LYS G 140 -34.51 -42.70 -39.19
CA LYS G 140 -33.87 -42.25 -37.96
C LYS G 140 -32.68 -41.35 -38.29
N LEU G 141 -32.38 -40.38 -37.42
CA LEU G 141 -31.22 -39.49 -37.62
C LEU G 141 -29.93 -40.29 -37.43
N ILE G 142 -29.00 -40.16 -38.39
CA ILE G 142 -27.72 -40.90 -38.41
C ILE G 142 -26.59 -39.96 -37.96
N SER G 143 -25.68 -40.45 -37.12
CA SER G 143 -24.60 -39.63 -36.59
C SER G 143 -23.67 -39.09 -37.71
N PRO G 144 -23.06 -37.89 -37.52
CA PRO G 144 -22.10 -37.39 -38.49
C PRO G 144 -20.93 -38.37 -38.68
N GLN G 145 -20.49 -39.06 -37.61
CA GLN G 145 -19.42 -40.07 -37.70
C GLN G 145 -19.87 -41.22 -38.64
N ASP G 146 -21.12 -41.71 -38.50
CA ASP G 146 -21.62 -42.80 -39.36
C ASP G 146 -21.82 -42.37 -40.81
N CYS G 147 -22.37 -41.17 -41.00
CA CYS G 147 -22.61 -40.63 -42.33
C CYS G 147 -21.29 -40.23 -43.06
N THR G 148 -20.26 -39.82 -42.32
CA THR G 148 -18.95 -39.47 -42.91
C THR G 148 -18.29 -40.75 -43.51
N LYS G 149 -18.59 -41.92 -42.98
CA LYS G 149 -18.06 -43.19 -43.55
C LYS G 149 -18.55 -43.33 -45.02
N VAL G 150 -19.75 -42.81 -45.33
CA VAL G 150 -20.33 -42.91 -46.67
C VAL G 150 -19.90 -41.78 -47.61
N TYR G 151 -20.11 -40.52 -47.21
CA TYR G 151 -19.86 -39.34 -48.05
C TYR G 151 -18.55 -38.60 -47.83
N LYS G 152 -17.77 -39.02 -46.82
CA LYS G 152 -16.46 -38.45 -46.52
C LYS G 152 -16.50 -36.94 -46.38
N ASP G 153 -15.55 -36.22 -47.01
CA ASP G 153 -15.41 -34.76 -46.93
C ASP G 153 -16.55 -33.94 -47.53
N LEU G 154 -17.46 -34.56 -48.32
CA LEU G 154 -18.59 -33.82 -48.91
C LEU G 154 -19.58 -33.36 -47.81
N LEU G 155 -19.62 -34.12 -46.70
CA LEU G 155 -20.49 -33.82 -45.58
C LEU G 155 -20.00 -32.65 -44.74
N GLU G 156 -20.89 -31.71 -44.47
CA GLU G 156 -20.62 -30.57 -43.64
C GLU G 156 -21.45 -30.63 -42.40
N ASN G 157 -21.06 -29.89 -41.37
CA ASN G 157 -21.83 -29.94 -40.12
C ASN G 157 -23.19 -29.25 -40.03
N SER G 158 -23.59 -28.59 -41.10
CA SER G 158 -24.89 -27.99 -41.23
C SER G 158 -25.78 -28.95 -42.07
N MET G 159 -25.27 -30.14 -42.34
CA MET G 159 -26.00 -31.17 -43.05
C MET G 159 -26.38 -32.28 -42.07
N LEU G 160 -27.60 -32.75 -42.16
CA LEU G 160 -28.11 -33.78 -41.32
C LEU G 160 -28.39 -35.05 -42.13
N CYS G 161 -28.03 -36.22 -41.62
CA CYS G 161 -28.28 -37.49 -42.30
C CYS G 161 -29.38 -38.31 -41.63
N ALA G 162 -30.14 -39.01 -42.44
CA ALA G 162 -31.25 -39.84 -41.95
C ALA G 162 -31.50 -41.03 -42.88
N GLY G 163 -31.90 -42.13 -42.28
CA GLY G 163 -32.17 -43.39 -42.98
C GLY G 163 -32.47 -44.49 -41.99
N ILE G 164 -32.62 -45.71 -42.50
CA ILE G 164 -32.86 -46.92 -41.71
C ILE G 164 -31.76 -47.91 -42.15
N PRO G 165 -31.03 -48.60 -41.23
CA PRO G 165 -30.01 -49.57 -41.67
C PRO G 165 -30.61 -50.65 -42.58
N ASP G 166 -29.89 -51.01 -43.65
CA ASP G 166 -30.24 -52.05 -44.64
C ASP G 166 -31.63 -51.87 -45.26
N SER G 167 -32.09 -50.60 -45.35
CA SER G 167 -33.40 -50.25 -45.86
C SER G 167 -33.34 -49.26 -47.02
N LYS G 168 -34.32 -49.37 -47.92
CA LYS G 168 -34.48 -48.50 -49.09
C LYS G 168 -35.21 -47.19 -48.72
N LYS G 169 -35.86 -47.16 -47.54
CA LYS G 169 -36.61 -46.02 -47.00
C LYS G 169 -35.82 -44.73 -47.13
N ASN G 170 -36.27 -43.85 -48.02
CA ASN G 170 -35.52 -42.62 -48.28
C ASN G 170 -36.33 -41.60 -49.06
N ALA G 171 -35.75 -40.39 -49.29
CA ALA G 171 -36.34 -39.37 -50.14
C ALA G 171 -35.72 -39.53 -51.53
N CYS G 172 -36.34 -38.96 -52.57
CA CYS G 172 -35.81 -39.05 -53.93
C CYS G 172 -36.12 -37.76 -54.70
N ASN G 173 -35.89 -37.76 -56.02
CA ASN G 173 -36.15 -36.63 -56.91
C ASN G 173 -37.61 -36.19 -56.80
N GLY G 174 -37.82 -34.89 -56.57
CA GLY G 174 -39.15 -34.29 -56.41
C GLY G 174 -39.46 -34.03 -54.95
N ASP G 175 -38.75 -34.71 -54.03
CA ASP G 175 -38.93 -34.49 -52.59
C ASP G 175 -38.11 -33.34 -52.10
N SER G 176 -37.11 -32.92 -52.90
CA SER G 176 -36.19 -31.82 -52.58
C SER G 176 -36.87 -30.60 -51.98
N GLY G 177 -36.31 -30.11 -50.89
CA GLY G 177 -36.83 -28.93 -50.22
C GLY G 177 -37.94 -29.23 -49.23
N GLY G 178 -38.46 -30.45 -49.27
CA GLY G 178 -39.52 -30.92 -48.40
C GLY G 178 -39.09 -31.18 -46.96
N PRO G 179 -40.09 -31.34 -46.06
CA PRO G 179 -39.77 -31.45 -44.63
C PRO G 179 -39.41 -32.83 -44.06
N LEU G 180 -38.43 -32.83 -43.15
CA LEU G 180 -38.01 -33.93 -42.29
C LEU G 180 -38.35 -33.41 -40.88
N VAL G 181 -39.41 -33.96 -40.28
CA VAL G 181 -39.90 -33.54 -38.97
C VAL G 181 -39.62 -34.58 -37.88
N CYS G 182 -39.12 -34.13 -36.70
CA CYS G 182 -38.77 -34.98 -35.56
C CYS G 182 -39.35 -34.39 -34.32
N ARG G 183 -40.15 -35.18 -33.59
CA ARG G 183 -40.70 -34.79 -32.29
C ARG G 183 -41.35 -33.40 -32.28
N GLY G 184 -42.22 -33.18 -33.27
CA GLY G 184 -42.97 -31.94 -33.41
C GLY G 184 -42.30 -30.75 -34.08
N THR G 185 -41.00 -30.86 -34.47
CA THR G 185 -40.31 -29.73 -35.13
C THR G 185 -39.68 -30.10 -36.46
N LEU G 186 -39.44 -29.09 -37.28
CA LEU G 186 -38.76 -29.25 -38.56
C LEU G 186 -37.28 -29.35 -38.32
N GLN G 187 -36.69 -30.48 -38.57
CA GLN G 187 -35.26 -30.64 -38.40
C GLN G 187 -34.44 -30.62 -39.69
N GLY G 188 -35.07 -30.96 -40.80
CA GLY G 188 -34.38 -30.95 -42.06
C GLY G 188 -35.17 -30.65 -43.30
N LEU G 189 -34.45 -30.30 -44.35
CA LEU G 189 -35.02 -30.06 -45.70
C LEU G 189 -34.32 -31.05 -46.61
N VAL G 190 -35.08 -31.83 -47.40
CA VAL G 190 -34.49 -32.80 -48.32
C VAL G 190 -33.49 -32.06 -49.21
N SER G 191 -32.26 -32.56 -49.30
CA SER G 191 -31.22 -31.86 -50.07
C SER G 191 -30.55 -32.74 -51.13
N TRP G 192 -29.91 -33.85 -50.73
CA TRP G 192 -29.24 -34.71 -51.72
C TRP G 192 -29.04 -36.11 -51.18
N GLY G 193 -28.61 -37.01 -52.04
CA GLY G 193 -28.35 -38.40 -51.66
C GLY G 193 -27.71 -39.10 -52.83
N THR G 194 -27.66 -40.42 -52.79
CA THR G 194 -27.07 -41.17 -53.89
C THR G 194 -28.09 -41.32 -55.00
N PHE G 195 -27.61 -41.65 -56.19
CA PHE G 195 -28.44 -41.90 -57.34
C PHE G 195 -27.93 -43.18 -57.98
N PRO G 196 -28.82 -44.19 -58.19
CA PRO G 196 -30.27 -44.19 -57.92
C PRO G 196 -30.64 -44.07 -56.43
N CYS G 197 -31.84 -43.56 -56.14
CA CYS G 197 -32.35 -43.38 -54.78
C CYS G 197 -32.61 -44.68 -54.06
N GLY G 198 -32.71 -44.57 -52.74
CA GLY G 198 -33.08 -45.69 -51.89
C GLY G 198 -32.13 -46.86 -51.92
N GLN G 199 -30.82 -46.59 -51.93
CA GLN G 199 -29.83 -47.66 -51.86
C GLN G 199 -29.64 -47.95 -50.39
N PRO G 200 -29.77 -49.23 -49.94
CA PRO G 200 -29.60 -49.51 -48.50
C PRO G 200 -28.23 -49.07 -48.01
N ASN G 201 -28.19 -48.47 -46.83
CA ASN G 201 -26.96 -47.98 -46.15
C ASN G 201 -26.37 -46.72 -46.77
N ASP G 202 -27.13 -46.04 -47.67
CA ASP G 202 -26.71 -44.73 -48.19
C ASP G 202 -27.70 -43.73 -47.62
N PRO G 203 -27.32 -42.98 -46.54
CA PRO G 203 -28.30 -42.06 -45.94
C PRO G 203 -28.74 -40.93 -46.87
N GLY G 204 -29.93 -40.43 -46.62
CA GLY G 204 -30.41 -39.22 -47.25
C GLY G 204 -29.75 -38.07 -46.51
N VAL G 205 -29.41 -37.00 -47.22
CA VAL G 205 -28.79 -35.83 -46.64
C VAL G 205 -29.72 -34.64 -46.72
N TYR G 206 -29.83 -33.96 -45.59
CA TYR G 206 -30.73 -32.86 -45.41
C TYR G 206 -30.08 -31.60 -44.87
N THR G 207 -30.69 -30.46 -45.13
CA THR G 207 -30.23 -29.21 -44.60
C THR G 207 -30.66 -29.16 -43.13
N GLN G 208 -29.73 -29.03 -42.22
CA GLN G 208 -30.05 -29.01 -40.80
C GLN G 208 -30.62 -27.68 -40.37
N VAL G 209 -31.93 -27.61 -40.37
CA VAL G 209 -32.69 -26.43 -40.08
C VAL G 209 -32.32 -25.69 -38.80
N CYS G 210 -32.00 -26.41 -37.73
CA CYS G 210 -31.58 -25.79 -36.47
C CYS G 210 -30.32 -24.91 -36.49
N LYS G 211 -29.56 -25.01 -37.56
CA LYS G 211 -28.36 -24.24 -37.73
C LYS G 211 -28.59 -22.96 -38.53
N PHE G 212 -29.83 -22.69 -38.94
CA PHE G 212 -30.11 -21.53 -39.77
C PHE G 212 -31.22 -20.58 -39.30
N THR G 213 -31.69 -20.73 -38.08
CA THR G 213 -32.78 -19.90 -37.58
C THR G 213 -32.53 -18.39 -37.58
N LYS G 214 -31.31 -17.96 -37.33
CA LYS G 214 -30.98 -16.54 -37.36
C LYS G 214 -31.19 -16.03 -38.79
N TRP G 215 -30.61 -16.73 -39.78
CA TRP G 215 -30.75 -16.35 -41.19
C TRP G 215 -32.20 -16.39 -41.62
N ILE G 216 -32.96 -17.45 -41.23
CA ILE G 216 -34.37 -17.55 -41.61
C ILE G 216 -35.17 -16.34 -41.09
N ASN G 217 -35.03 -16.03 -39.80
CA ASN G 217 -35.74 -14.92 -39.17
C ASN G 217 -35.28 -13.56 -39.68
N ASP G 218 -33.95 -13.37 -39.86
CA ASP G 218 -33.39 -12.10 -40.37
C ASP G 218 -33.86 -11.78 -41.79
N THR G 219 -33.82 -12.80 -42.70
CA THR G 219 -34.21 -12.66 -44.10
C THR G 219 -35.69 -12.31 -44.25
N MET G 220 -36.59 -12.95 -43.48
CA MET G 220 -38.02 -12.65 -43.53
C MET G 220 -38.30 -11.21 -43.09
N LYS G 221 -37.61 -10.74 -42.04
CA LYS G 221 -37.69 -9.38 -41.52
C LYS G 221 -37.14 -8.37 -42.54
N LYS G 222 -35.99 -8.71 -43.20
CA LYS G 222 -35.36 -7.86 -44.22
C LYS G 222 -36.22 -7.64 -45.46
N HIS G 223 -36.98 -8.66 -45.88
CA HIS G 223 -37.81 -8.61 -47.08
C HIS G 223 -39.33 -8.72 -46.80
N ARG G 224 -39.79 -8.17 -45.66
CA ARG G 224 -41.21 -8.19 -45.27
C ARG G 224 -42.01 -7.09 -45.96
N ILE H 1 32.09 15.34 23.07
CA ILE H 1 33.33 16.08 23.39
C ILE H 1 33.70 16.97 22.20
N ILE H 2 33.82 18.28 22.44
CA ILE H 2 34.17 19.28 21.43
C ILE H 2 35.66 19.59 21.49
N ASP H 3 36.33 19.56 20.30
CA ASP H 3 37.74 19.89 20.08
C ASP H 3 38.73 19.03 20.91
N GLY H 4 38.42 17.75 21.02
CA GLY H 4 39.25 16.78 21.70
C GLY H 4 39.85 15.76 20.73
N ALA H 5 40.27 14.61 21.25
CA ALA H 5 40.89 13.54 20.48
C ALA H 5 40.53 12.17 21.09
N PRO H 6 40.67 11.03 20.38
CA PRO H 6 40.36 9.74 21.03
C PRO H 6 41.24 9.47 22.24
N CYS H 7 40.65 8.94 23.33
CA CYS H 7 41.40 8.60 24.54
C CYS H 7 42.37 7.48 24.22
N ALA H 8 43.49 7.40 24.97
CA ALA H 8 44.46 6.30 24.82
C ALA H 8 43.71 5.02 25.21
N ARG H 9 43.90 3.96 24.43
CA ARG H 9 43.23 2.68 24.66
C ARG H 9 43.52 2.16 26.07
N GLY H 10 42.47 1.73 26.77
CA GLY H 10 42.57 1.15 28.11
C GLY H 10 42.85 2.10 29.25
N SER H 11 42.88 3.42 28.97
CA SER H 11 43.16 4.44 29.99
C SER H 11 41.90 4.91 30.75
N HIS H 12 40.70 4.50 30.30
CA HIS H 12 39.43 4.86 30.97
C HIS H 12 38.62 3.59 31.34
N PRO H 13 39.17 2.64 32.14
CA PRO H 13 38.42 1.42 32.47
C PRO H 13 37.23 1.62 33.42
N TRP H 14 37.09 2.83 34.01
CA TRP H 14 35.97 3.18 34.88
C TRP H 14 34.85 3.90 34.14
N GLN H 15 35.12 4.32 32.88
CA GLN H 15 34.12 4.98 32.04
C GLN H 15 33.09 3.96 31.56
N VAL H 16 31.81 4.28 31.69
CA VAL H 16 30.73 3.44 31.17
C VAL H 16 29.85 4.28 30.27
N ALA H 17 29.01 3.63 29.45
CA ALA H 17 28.00 4.31 28.66
C ALA H 17 26.63 3.78 29.05
N LEU H 18 25.65 4.67 29.14
CA LEU H 18 24.27 4.28 29.40
C LEU H 18 23.58 4.32 28.04
N LEU H 19 22.98 3.20 27.63
CA LEU H 19 22.34 3.10 26.33
C LEU H 19 20.84 2.90 26.48
N SER H 20 20.10 3.45 25.51
CA SER H 20 18.65 3.32 25.39
C SER H 20 18.40 2.95 23.94
N GLY H 21 17.79 1.80 23.71
CA GLY H 21 17.52 1.29 22.36
C GLY H 21 18.80 1.19 21.55
N ASN H 22 19.91 0.80 22.19
CA ASN H 22 21.23 0.64 21.56
C ASN H 22 21.82 1.93 20.99
N GLN H 23 21.31 3.07 21.49
CA GLN H 23 21.77 4.42 21.19
C GLN H 23 22.36 4.98 22.46
N LEU H 24 23.39 5.81 22.32
CA LEU H 24 24.00 6.46 23.46
C LEU H 24 22.98 7.38 24.14
N HIS H 25 22.82 7.25 25.48
CA HIS H 25 21.93 8.11 26.26
C HIS H 25 22.77 9.06 27.14
N CYS H 26 23.74 8.50 27.90
CA CYS H 26 24.59 9.27 28.81
C CYS H 26 25.91 8.56 29.05
N GLY H 27 26.86 9.27 29.63
CA GLY H 27 28.08 8.72 30.17
C GLY H 27 27.84 8.37 31.63
N GLY H 28 28.85 7.79 32.25
CA GLY H 28 28.79 7.40 33.65
C GLY H 28 30.11 6.81 34.08
N VAL H 29 30.23 6.50 35.38
CA VAL H 29 31.44 5.92 35.99
C VAL H 29 31.12 4.72 36.86
N LEU H 30 31.97 3.68 36.79
CA LEU H 30 31.84 2.51 37.65
C LEU H 30 32.41 2.87 39.02
N VAL H 31 31.56 2.89 40.06
CA VAL H 31 31.98 3.18 41.45
C VAL H 31 32.50 1.86 42.03
N ASN H 32 31.75 0.77 41.85
CA ASN H 32 32.11 -0.60 42.25
C ASN H 32 31.39 -1.62 41.38
N GLU H 33 31.60 -2.92 41.64
CA GLU H 33 31.00 -4.01 40.84
C GLU H 33 29.47 -3.90 40.69
N ARG H 34 28.81 -3.21 41.63
CA ARG H 34 27.35 -3.10 41.62
C ARG H 34 26.78 -1.74 41.24
N TRP H 35 27.61 -0.68 41.25
CA TRP H 35 27.11 0.68 41.08
C TRP H 35 27.82 1.53 40.08
N VAL H 36 27.00 2.29 39.32
CA VAL H 36 27.42 3.28 38.37
C VAL H 36 26.92 4.63 38.88
N LEU H 37 27.77 5.66 38.81
CA LEU H 37 27.41 7.03 39.16
C LEU H 37 27.27 7.82 37.86
N THR H 38 26.23 8.64 37.80
CA THR H 38 25.94 9.44 36.61
C THR H 38 25.15 10.64 37.03
N ALA H 39 24.63 11.40 36.07
CA ALA H 39 23.84 12.59 36.37
C ALA H 39 22.39 12.19 36.60
N ALA H 40 21.68 12.93 37.49
CA ALA H 40 20.24 12.68 37.69
C ALA H 40 19.43 12.97 36.40
N HIS H 41 19.96 13.83 35.51
N HIS H 41 19.96 13.83 35.51
CA HIS H 41 19.33 14.17 34.23
CA HIS H 41 19.33 14.15 34.21
C HIS H 41 19.19 12.95 33.30
C HIS H 41 19.10 12.89 33.38
N CYS H 42 19.99 11.89 33.55
CA CYS H 42 20.02 10.63 32.80
C CYS H 42 19.02 9.56 33.27
N LYS H 43 18.15 9.91 34.22
CA LYS H 43 17.14 9.02 34.78
C LYS H 43 16.32 8.34 33.66
N MET H 44 16.17 7.00 33.78
CA MET H 44 15.34 6.12 32.92
C MET H 44 14.83 4.98 33.83
N ASN H 45 13.74 4.30 33.41
CA ASN H 45 13.21 3.16 34.14
C ASN H 45 14.13 1.96 33.97
N GLU H 46 14.79 1.88 32.78
CA GLU H 46 15.69 0.77 32.41
C GLU H 46 16.91 1.32 31.73
N TYR H 47 18.06 0.70 32.00
CA TYR H 47 19.33 1.08 31.39
C TYR H 47 20.01 -0.14 30.81
N THR H 48 20.81 0.07 29.76
CA THR H 48 21.73 -0.91 29.21
C THR H 48 23.09 -0.27 29.43
N VAL H 49 23.95 -0.92 30.20
CA VAL H 49 25.25 -0.35 30.55
C VAL H 49 26.36 -1.01 29.75
N HIS H 50 27.13 -0.20 29.02
CA HIS H 50 28.28 -0.62 28.26
C HIS H 50 29.52 -0.40 29.15
N LEU H 51 30.36 -1.43 29.30
CA LEU H 51 31.60 -1.34 30.08
C LEU H 51 32.68 -2.07 29.32
N GLY H 52 33.92 -1.79 29.67
CA GLY H 52 35.08 -2.53 29.16
C GLY H 52 35.49 -2.34 27.73
N SER H 53 35.20 -1.19 27.13
CA SER H 53 35.67 -0.90 25.79
C SER H 53 35.59 0.58 25.52
N ASP H 54 36.61 1.08 24.81
CA ASP H 54 36.67 2.46 24.37
C ASP H 54 35.82 2.63 23.12
N THR H 55 35.41 1.53 22.49
CA THR H 55 34.58 1.56 21.28
C THR H 55 33.14 1.08 21.54
N LEU H 56 32.15 1.96 21.30
CA LEU H 56 30.74 1.56 21.39
C LEU H 56 30.47 0.60 20.22
N GLY H 57 29.83 -0.53 20.51
CA GLY H 57 29.58 -1.54 19.49
C GLY H 57 30.71 -2.55 19.34
N ASP H 58 31.66 -2.55 20.29
CA ASP H 58 32.75 -3.51 20.30
C ASP H 58 32.18 -4.78 20.91
N ARG H 59 32.38 -5.94 20.25
CA ARG H 59 31.87 -7.23 20.75
C ARG H 59 32.41 -7.61 22.12
N ARG H 60 33.68 -7.27 22.42
CA ARG H 60 34.36 -7.59 23.68
C ARG H 60 33.81 -6.86 24.91
N ALA H 61 33.05 -5.76 24.69
CA ALA H 61 32.46 -4.98 25.77
C ALA H 61 31.45 -5.78 26.58
N GLN H 62 31.38 -5.49 27.88
CA GLN H 62 30.40 -6.09 28.76
C GLN H 62 29.12 -5.27 28.61
N ARG H 63 27.98 -5.93 28.69
CA ARG H 63 26.67 -5.29 28.52
C ARG H 63 25.80 -5.77 29.67
N ILE H 64 25.46 -4.87 30.58
CA ILE H 64 24.69 -5.23 31.77
C ILE H 64 23.44 -4.37 31.89
N LYS H 65 22.30 -5.02 32.16
CA LYS H 65 21.06 -4.30 32.39
C LYS H 65 21.00 -3.76 33.84
N ALA H 66 20.33 -2.63 34.05
CA ALA H 66 20.10 -2.01 35.36
C ALA H 66 18.64 -1.54 35.41
N SER H 67 17.86 -2.06 36.37
CA SER H 67 16.43 -1.75 36.49
C SER H 67 16.10 -0.83 37.68
N LYS H 68 17.10 -0.48 38.47
CA LYS H 68 16.94 0.39 39.64
C LYS H 68 17.94 1.54 39.62
N SER H 69 17.46 2.73 39.98
CA SER H 69 18.30 3.93 40.07
C SER H 69 17.75 4.90 41.09
N PHE H 70 18.65 5.70 41.68
CA PHE H 70 18.28 6.60 42.78
C PHE H 70 18.91 7.97 42.54
N ARG H 71 18.05 8.96 42.29
CA ARG H 71 18.53 10.32 42.08
C ARG H 71 18.75 10.94 43.42
N HIS H 72 19.64 11.92 43.49
CA HIS H 72 19.83 12.65 44.71
C HIS H 72 18.49 13.37 44.98
N PRO H 73 17.89 13.23 46.19
CA PRO H 73 16.57 13.86 46.45
C PRO H 73 16.54 15.39 46.32
N GLY H 74 17.70 16.04 46.35
CA GLY H 74 17.79 17.50 46.19
C GLY H 74 17.87 17.94 44.73
N TYR H 75 17.79 16.99 43.81
CA TYR H 75 17.86 17.28 42.39
C TYR H 75 16.72 18.10 41.87
N SER H 76 17.03 19.15 41.16
CA SER H 76 16.02 19.99 40.56
C SER H 76 16.24 20.08 39.10
N THR H 77 15.18 19.81 38.37
CA THR H 77 15.16 19.87 36.94
C THR H 77 15.17 21.29 36.40
N GLN H 78 14.76 22.24 37.23
CA GLN H 78 14.74 23.61 36.92
C GLN H 78 16.12 24.25 36.90
N THR H 79 16.99 23.88 37.82
CA THR H 79 18.28 24.51 37.92
C THR H 79 19.48 23.61 37.83
N HIS H 80 19.22 22.31 37.78
CA HIS H 80 20.22 21.24 37.73
C HIS H 80 21.10 21.12 38.94
N VAL H 81 20.63 21.59 40.08
CA VAL H 81 21.37 21.47 41.31
C VAL H 81 21.28 19.99 41.73
N ASN H 82 22.31 19.52 42.40
CA ASN H 82 22.38 18.12 42.87
C ASN H 82 22.12 17.12 41.73
N ASP H 83 22.78 17.36 40.59
CA ASP H 83 22.63 16.55 39.38
C ASP H 83 23.50 15.27 39.46
N LEU H 84 23.05 14.30 40.29
CA LEU H 84 23.73 13.02 40.44
C LEU H 84 22.77 11.93 40.78
N MET H 85 23.09 10.71 40.32
CA MET H 85 22.25 9.52 40.45
C MET H 85 23.12 8.28 40.53
N LEU H 86 22.67 7.30 41.32
CA LEU H 86 23.32 6.01 41.41
C LEU H 86 22.46 4.97 40.70
N VAL H 87 23.07 4.22 39.78
CA VAL H 87 22.43 3.20 38.94
C VAL H 87 22.87 1.82 39.44
N LYS H 88 21.91 0.99 39.85
CA LYS H 88 22.24 -0.32 40.40
C LYS H 88 22.23 -1.41 39.32
N LEU H 89 23.41 -2.00 39.04
CA LEU H 89 23.58 -3.07 38.05
C LEU H 89 22.82 -4.34 38.48
N ASN H 90 22.06 -4.97 37.55
CA ASN H 90 21.27 -6.17 37.89
C ASN H 90 22.16 -7.37 38.24
N SER H 91 23.32 -7.43 37.60
CA SER H 91 24.36 -8.41 37.86
C SER H 91 25.66 -7.63 38.03
N GLN H 92 26.60 -8.17 38.80
CA GLN H 92 27.89 -7.54 39.07
C GLN H 92 28.72 -7.39 37.82
N ALA H 93 29.48 -6.30 37.73
CA ALA H 93 30.42 -6.06 36.63
C ALA H 93 31.61 -6.96 36.88
N ARG H 94 32.20 -7.49 35.82
CA ARG H 94 33.38 -8.35 35.93
C ARG H 94 34.60 -7.42 35.80
N LEU H 95 35.35 -7.27 36.90
CA LEU H 95 36.57 -6.44 36.91
C LEU H 95 37.61 -7.09 36.03
N SER H 96 38.34 -6.28 35.26
CA SER H 96 39.38 -6.77 34.32
C SER H 96 40.35 -5.65 34.00
N SER H 97 41.19 -5.83 32.96
CA SER H 97 42.14 -4.80 32.52
C SER H 97 41.40 -3.59 31.93
N MET H 98 40.15 -3.81 31.43
CA MET H 98 39.28 -2.83 30.80
C MET H 98 38.10 -2.37 31.68
N VAL H 99 37.89 -3.01 32.84
CA VAL H 99 36.80 -2.70 33.77
C VAL H 99 37.41 -2.51 35.19
N LYS H 100 37.47 -1.25 35.69
CA LYS H 100 38.00 -0.92 37.00
C LYS H 100 37.16 0.14 37.71
N LYS H 101 37.16 0.12 39.04
CA LYS H 101 36.43 1.11 39.86
C LYS H 101 37.12 2.48 39.74
N VAL H 102 36.34 3.56 39.69
CA VAL H 102 36.85 4.95 39.66
C VAL H 102 37.40 5.30 41.05
N ARG H 103 38.38 6.21 41.15
CA ARG H 103 38.84 6.65 42.46
C ARG H 103 37.99 7.87 42.88
N LEU H 104 37.16 7.70 43.92
CA LEU H 104 36.32 8.78 44.47
C LEU H 104 37.17 9.81 45.22
N PRO H 105 36.82 11.12 45.22
CA PRO H 105 37.69 12.11 45.88
C PRO H 105 37.49 12.24 47.38
N SER H 106 38.52 12.71 48.06
CA SER H 106 38.46 12.97 49.49
C SER H 106 38.38 14.48 49.71
N ARG H 107 39.13 15.22 48.90
CA ARG H 107 39.23 16.65 48.91
C ARG H 107 38.81 17.28 47.58
N CYS H 108 38.61 18.57 47.55
CA CYS H 108 38.23 19.25 46.36
C CYS H 108 39.42 19.87 45.66
N GLU H 109 39.58 19.65 44.37
CA GLU H 109 40.69 20.25 43.67
C GLU H 109 40.45 21.74 43.45
N PRO H 110 41.49 22.58 43.59
CA PRO H 110 41.30 24.03 43.48
C PRO H 110 41.18 24.55 42.03
N PRO H 111 40.78 25.83 41.80
CA PRO H 111 40.70 26.34 40.43
C PRO H 111 42.10 26.42 39.81
N GLY H 112 42.18 26.10 38.52
CA GLY H 112 43.43 26.08 37.78
C GLY H 112 43.98 24.68 37.62
N THR H 113 43.39 23.68 38.33
CA THR H 113 43.84 22.29 38.22
C THR H 113 43.49 21.77 36.82
N THR H 114 44.42 21.05 36.18
CA THR H 114 44.23 20.45 34.86
C THR H 114 43.45 19.14 35.04
N CYS H 115 42.40 18.94 34.26
CA CYS H 115 41.54 17.76 34.34
C CYS H 115 41.29 17.20 32.97
N THR H 116 40.73 15.98 32.91
CA THR H 116 40.34 15.32 31.66
C THR H 116 38.87 14.94 31.75
N VAL H 117 38.06 15.39 30.76
CA VAL H 117 36.66 15.03 30.57
C VAL H 117 36.62 14.06 29.38
N SER H 118 35.83 12.98 29.49
CA SER H 118 35.71 11.97 28.43
C SER H 118 34.26 11.60 28.15
N GLY H 119 34.00 11.15 26.93
CA GLY H 119 32.67 10.70 26.54
C GLY H 119 32.51 10.33 25.09
N TRP H 120 31.34 9.80 24.76
CA TRP H 120 30.96 9.41 23.39
C TRP H 120 29.95 10.41 22.83
N GLY H 121 29.84 11.56 23.49
CA GLY H 121 28.92 12.61 23.07
C GLY H 121 29.30 13.23 21.74
N THR H 122 28.43 14.05 21.18
CA THR H 122 28.69 14.70 19.89
C THR H 122 30.01 15.52 19.90
N THR H 123 30.76 15.39 18.80
CA THR H 123 32.02 16.09 18.58
C THR H 123 31.78 17.41 17.84
N THR H 124 30.53 17.69 17.45
CA THR H 124 30.16 18.93 16.76
C THR H 124 28.86 19.44 17.37
N SER H 125 28.54 20.73 17.16
CA SER H 125 27.31 21.35 17.69
C SER H 125 27.00 22.61 16.86
N PRO H 126 25.74 22.89 16.46
CA PRO H 126 24.47 22.17 16.79
C PRO H 126 24.25 20.87 16.02
N ASP H 127 24.82 20.75 14.83
CA ASP H 127 24.78 19.53 14.00
C ASP H 127 25.47 18.42 14.79
N VAL H 128 24.90 17.20 14.80
CA VAL H 128 25.43 16.10 15.62
C VAL H 128 26.39 15.16 14.85
N THR H 129 27.46 14.72 15.52
CA THR H 129 28.51 13.81 15.01
C THR H 129 28.88 12.93 16.21
N PHE H 130 28.25 11.75 16.30
CA PHE H 130 28.47 10.83 17.40
C PHE H 130 29.59 9.84 17.08
N PRO H 131 30.70 9.91 17.84
CA PRO H 131 31.84 9.00 17.56
C PRO H 131 31.65 7.59 18.13
N SER H 132 32.34 6.61 17.53
CA SER H 132 32.29 5.23 18.03
C SER H 132 33.34 5.08 19.13
N ASP H 133 34.45 5.83 19.02
CA ASP H 133 35.55 5.80 19.97
C ASP H 133 35.41 6.84 21.05
N LEU H 134 35.81 6.47 22.28
CA LEU H 134 35.77 7.34 23.44
C LEU H 134 36.75 8.51 23.24
N MET H 135 36.22 9.74 23.33
CA MET H 135 36.96 10.99 23.15
C MET H 135 37.34 11.60 24.51
N CYS H 136 38.49 12.31 24.55
CA CYS H 136 39.12 12.98 25.71
C CYS H 136 39.39 14.44 25.38
N VAL H 137 39.33 15.32 26.39
CA VAL H 137 39.75 16.71 26.25
C VAL H 137 40.24 17.23 27.61
N ASP H 138 41.37 17.95 27.62
CA ASP H 138 41.91 18.54 28.84
C ASP H 138 41.33 19.92 29.00
N VAL H 139 40.82 20.18 30.20
CA VAL H 139 40.21 21.44 30.60
C VAL H 139 40.79 21.82 31.97
N LYS H 140 40.64 23.09 32.38
CA LYS H 140 41.12 23.52 33.68
C LYS H 140 39.95 23.93 34.55
N LEU H 141 40.06 23.71 35.88
CA LEU H 141 39.00 24.11 36.80
C LEU H 141 38.94 25.62 36.87
N ILE H 142 37.73 26.19 36.73
CA ILE H 142 37.50 27.64 36.75
C ILE H 142 36.88 27.99 38.11
N SER H 143 37.31 29.10 38.73
CA SER H 143 36.78 29.54 40.02
C SER H 143 35.29 29.87 39.94
N PRO H 144 34.50 29.65 41.02
CA PRO H 144 33.07 30.05 40.98
C PRO H 144 32.88 31.53 40.61
N GLN H 145 33.79 32.41 41.10
CA GLN H 145 33.84 33.85 40.87
C GLN H 145 33.91 34.19 39.36
N ASP H 146 34.80 33.51 38.61
CA ASP H 146 34.94 33.69 37.16
C ASP H 146 33.73 33.12 36.42
N CYS H 147 33.26 31.94 36.86
CA CYS H 147 32.12 31.24 36.24
C CYS H 147 30.79 32.00 36.43
N THR H 148 30.64 32.77 37.53
CA THR H 148 29.45 33.60 37.82
C THR H 148 29.32 34.75 36.79
N LYS H 149 30.46 35.24 36.26
CA LYS H 149 30.49 36.31 35.26
C LYS H 149 29.73 35.89 33.98
N VAL H 150 29.54 34.58 33.82
CA VAL H 150 28.85 34.00 32.67
C VAL H 150 27.43 33.55 33.03
N TYR H 151 27.29 32.71 34.08
CA TYR H 151 26.05 32.04 34.42
C TYR H 151 25.23 32.67 35.56
N LYS H 152 25.76 33.73 36.20
CA LYS H 152 25.06 34.49 37.25
C LYS H 152 24.64 33.59 38.45
N ASP H 153 23.44 33.82 39.02
CA ASP H 153 22.91 33.11 40.20
C ASP H 153 22.39 31.69 39.91
N LEU H 154 22.54 31.25 38.68
CA LEU H 154 22.17 29.92 38.28
C LEU H 154 23.15 28.93 38.92
N LEU H 155 24.34 29.41 39.23
CA LEU H 155 25.41 28.65 39.84
C LEU H 155 25.35 28.36 41.34
N GLU H 156 25.53 27.11 41.71
CA GLU H 156 25.53 26.70 43.08
C GLU H 156 26.88 26.26 43.55
N ASN H 157 27.07 26.16 44.86
CA ASN H 157 28.34 25.77 45.46
C ASN H 157 28.76 24.33 45.23
N SER H 158 27.82 23.47 44.90
CA SER H 158 28.08 22.08 44.65
C SER H 158 28.28 21.83 43.13
N MET H 159 28.34 22.89 42.34
CA MET H 159 28.60 22.85 40.92
C MET H 159 30.07 23.27 40.69
N LEU H 160 30.73 22.63 39.74
CA LEU H 160 32.13 22.87 39.39
C LEU H 160 32.25 23.28 37.93
N CYS H 161 32.95 24.36 37.64
CA CYS H 161 33.10 24.80 36.25
C CYS H 161 34.50 24.45 35.71
N ALA H 162 34.61 24.22 34.41
CA ALA H 162 35.89 23.89 33.79
C ALA H 162 35.87 24.24 32.32
N GLY H 163 37.01 24.65 31.81
CA GLY H 163 37.20 25.02 30.42
C GLY H 163 38.59 25.56 30.14
N ILE H 164 38.81 26.04 28.92
CA ILE H 164 40.07 26.65 28.49
C ILE H 164 39.73 28.04 27.95
N PRO H 165 40.40 29.13 28.39
CA PRO H 165 40.06 30.47 27.84
C PRO H 165 40.10 30.52 26.31
N ASP H 166 39.08 31.17 25.68
CA ASP H 166 38.95 31.33 24.22
C ASP H 166 39.14 30.00 23.47
N SER H 167 38.50 28.93 23.97
CA SER H 167 38.61 27.61 23.38
C SER H 167 37.29 26.87 23.41
N LYS H 168 37.02 26.15 22.32
CA LYS H 168 35.84 25.31 22.10
C LYS H 168 35.90 24.03 22.94
N LYS H 169 37.06 23.71 23.54
CA LYS H 169 37.28 22.52 24.36
C LYS H 169 36.23 22.36 25.44
N ASN H 170 35.36 21.34 25.29
CA ASN H 170 34.25 21.17 26.23
C ASN H 170 33.54 19.85 26.04
N ALA H 171 32.59 19.58 26.97
CA ALA H 171 31.69 18.43 26.90
C ALA H 171 30.45 18.87 26.11
N CYS H 172 29.65 17.92 25.61
CA CYS H 172 28.44 18.22 24.83
C CYS H 172 27.41 17.10 25.03
N ASN H 173 26.25 17.21 24.37
CA ASN H 173 25.13 16.26 24.36
C ASN H 173 25.65 14.81 24.19
N GLY H 174 25.33 13.94 25.14
CA GLY H 174 25.73 12.53 25.15
C GLY H 174 26.86 12.28 26.12
N ASP H 175 27.58 13.34 26.50
CA ASP H 175 28.66 13.24 27.49
C ASP H 175 28.12 13.32 28.90
N SER H 176 26.86 13.80 29.03
CA SER H 176 26.15 14.02 30.31
C SER H 176 26.32 12.82 31.26
N GLY H 177 26.69 13.11 32.51
CA GLY H 177 26.91 12.08 33.52
C GLY H 177 28.29 11.44 33.49
N GLY H 178 29.08 11.80 32.49
CA GLY H 178 30.45 11.28 32.31
C GLY H 178 31.47 11.89 33.24
N PRO H 179 32.69 11.29 33.31
CA PRO H 179 33.68 11.76 34.29
C PRO H 179 34.57 12.95 33.93
N LEU H 180 34.82 13.81 34.93
CA LEU H 180 35.79 14.91 34.89
C LEU H 180 36.78 14.49 35.98
N VAL H 181 38.00 14.09 35.56
CA VAL H 181 39.00 13.56 36.48
C VAL H 181 40.21 14.49 36.60
N CYS H 182 40.62 14.81 37.85
CA CYS H 182 41.77 15.67 38.13
C CYS H 182 42.67 14.97 39.12
N ARG H 183 43.98 14.89 38.79
CA ARG H 183 45.03 14.36 39.67
C ARG H 183 44.67 13.02 40.35
N GLY H 184 44.13 12.10 39.56
CA GLY H 184 43.79 10.75 40.01
C GLY H 184 42.42 10.53 40.61
N THR H 185 41.64 11.60 40.81
CA THR H 185 40.30 11.39 41.39
C THR H 185 39.20 11.99 40.54
N LEU H 186 38.00 11.46 40.71
CA LEU H 186 36.83 11.97 40.03
C LEU H 186 36.45 13.26 40.70
N GLN H 187 36.40 14.34 40.01
CA GLN H 187 36.03 15.60 40.60
C GLN H 187 34.69 16.13 40.09
N GLY H 188 34.27 15.68 38.90
CA GLY H 188 33.02 16.12 38.34
C GLY H 188 32.28 15.15 37.45
N LEU H 189 30.97 15.35 37.37
CA LEU H 189 30.12 14.57 36.46
C LEU H 189 29.54 15.61 35.51
N VAL H 190 29.67 15.39 34.19
CA VAL H 190 29.15 16.32 33.16
C VAL H 190 27.68 16.61 33.46
N SER H 191 27.33 17.91 33.55
CA SER H 191 25.97 18.30 33.90
C SER H 191 25.30 19.20 32.85
N TRP H 192 25.79 20.43 32.67
CA TRP H 192 25.17 21.32 31.68
C TRP H 192 26.17 22.33 31.19
N GLY H 193 25.80 23.04 30.14
CA GLY H 193 26.59 24.11 29.56
C GLY H 193 25.73 24.90 28.61
N THR H 194 26.34 25.67 27.74
CA THR H 194 25.59 26.43 26.74
C THR H 194 25.25 25.54 25.55
N PHE H 195 24.25 25.96 24.78
CA PHE H 195 23.85 25.28 23.57
C PHE H 195 23.71 26.34 22.48
N PRO H 196 24.40 26.22 21.32
CA PRO H 196 25.34 25.15 20.92
C PRO H 196 26.57 25.01 21.83
N CYS H 197 27.09 23.78 21.96
CA CYS H 197 28.26 23.45 22.79
C CYS H 197 29.53 24.10 22.23
N GLY H 198 30.58 24.08 23.07
CA GLY H 198 31.91 24.55 22.74
C GLY H 198 32.00 25.99 22.33
N GLN H 199 31.28 26.88 23.03
CA GLN H 199 31.37 28.30 22.74
C GLN H 199 32.52 28.85 23.57
N PRO H 200 33.48 29.57 22.95
CA PRO H 200 34.63 30.08 23.73
C PRO H 200 34.19 30.96 24.90
N ASN H 201 34.84 30.74 26.07
CA ASN H 201 34.63 31.46 27.33
C ASN H 201 33.29 31.14 28.00
N ASP H 202 32.60 30.08 27.54
CA ASP H 202 31.37 29.56 28.16
C ASP H 202 31.78 28.25 28.82
N PRO H 203 32.05 28.25 30.15
CA PRO H 203 32.50 27.00 30.81
C PRO H 203 31.50 25.86 30.79
N GLY H 204 32.01 24.63 30.89
CA GLY H 204 31.20 23.43 31.09
C GLY H 204 30.93 23.38 32.58
N VAL H 205 29.72 22.99 32.96
CA VAL H 205 29.36 22.89 34.37
C VAL H 205 29.16 21.45 34.77
N TYR H 206 29.80 21.06 35.85
CA TYR H 206 29.81 19.73 36.39
C TYR H 206 29.29 19.61 37.83
N THR H 207 28.83 18.44 38.22
CA THR H 207 28.45 18.20 39.58
C THR H 207 29.74 17.96 40.34
N GLN H 208 30.00 18.77 41.37
CA GLN H 208 31.20 18.64 42.18
C GLN H 208 31.09 17.45 43.11
N VAL H 209 31.67 16.34 42.69
CA VAL H 209 31.62 15.08 43.39
C VAL H 209 32.11 15.06 44.82
N CYS H 210 33.07 15.94 45.15
CA CYS H 210 33.61 16.07 46.52
C CYS H 210 32.60 16.59 47.57
N LYS H 211 31.49 17.15 47.15
CA LYS H 211 30.43 17.62 48.01
C LYS H 211 29.38 16.54 48.30
N PHE H 212 29.50 15.36 47.69
CA PHE H 212 28.51 14.29 47.79
C PHE H 212 28.94 12.88 48.27
N THR H 213 30.12 12.77 48.83
CA THR H 213 30.66 11.51 49.34
C THR H 213 29.75 10.76 50.30
N LYS H 214 29.25 11.45 51.30
CA LYS H 214 28.35 10.85 52.31
C LYS H 214 27.11 10.25 51.61
N TRP H 215 26.44 11.03 50.75
CA TRP H 215 25.24 10.54 50.05
C TRP H 215 25.56 9.35 49.15
N ILE H 216 26.70 9.39 48.44
CA ILE H 216 27.11 8.30 47.53
C ILE H 216 27.28 6.98 48.31
N ASN H 217 28.10 7.02 49.38
CA ASN H 217 28.35 5.86 50.25
C ASN H 217 27.11 5.37 50.99
N ASP H 218 26.28 6.29 51.56
CA ASP H 218 25.06 5.88 52.28
C ASP H 218 24.02 5.22 51.38
N THR H 219 23.82 5.75 50.15
CA THR H 219 22.85 5.23 49.18
C THR H 219 23.25 3.82 48.75
N MET H 220 24.56 3.58 48.50
CA MET H 220 25.04 2.26 48.12
C MET H 220 24.84 1.24 49.23
N LYS H 221 25.12 1.63 50.50
CA LYS H 221 24.95 0.73 51.63
C LYS H 221 23.49 0.44 51.92
N LYS H 222 22.60 1.44 51.74
CA LYS H 222 21.16 1.31 51.99
C LYS H 222 20.48 0.37 51.00
N HIS H 223 20.90 0.44 49.73
CA HIS H 223 20.32 -0.34 48.66
C HIS H 223 21.21 -1.50 48.22
N ARG H 224 22.10 -1.96 49.12
CA ARG H 224 23.02 -3.08 48.85
C ARG H 224 22.27 -4.40 48.85
#